data_2MTD
#
_entry.id   2MTD
#
_entity_poly.entity_id   1
_entity_poly.type   'polypeptide(L)'
_entity_poly.pdbx_seq_one_letter_code
;GLTGETKIRLESSAQEIKDEINKIKANAKKEGVKFEAFTNTQTGSKISEKPEFILKAKIKAIQVAERFVKAIKEEAEKLK
KSGSSGAFSAMYDLMIDVSKPLEEIGIQKMTGTVKEAAQKTPATTADGIIAIAQAMEDKLNNVNKKQHDALKNLKEKAKT
ATTT
;
_entity_poly.pdbx_strand_id   A
#
# COMPACT_ATOMS: atom_id res chain seq x y z
N GLY A 1 25.54 -12.23 12.65
CA GLY A 1 24.87 -11.21 13.50
C GLY A 1 23.43 -11.05 13.07
N LEU A 2 22.59 -10.56 13.99
CA LEU A 2 21.18 -10.37 13.69
C LEU A 2 20.99 -9.25 12.68
N THR A 3 20.11 -9.48 11.70
CA THR A 3 19.83 -8.49 10.68
C THR A 3 19.09 -7.29 11.27
N GLY A 4 19.39 -6.11 10.76
CA GLY A 4 18.75 -4.90 11.25
C GLY A 4 19.26 -3.67 10.50
N GLU A 5 18.67 -3.41 9.33
CA GLU A 5 19.08 -2.27 8.53
C GLU A 5 18.68 -0.98 9.21
N THR A 6 17.42 -0.90 9.63
CA THR A 6 16.89 0.30 10.28
C THR A 6 17.93 0.90 11.22
N LYS A 7 18.72 0.02 11.83
CA LYS A 7 19.77 0.46 12.74
C LYS A 7 20.75 1.37 12.01
N ILE A 8 21.17 0.95 10.82
CA ILE A 8 22.11 1.74 10.03
C ILE A 8 21.39 2.90 9.38
N ARG A 9 20.36 2.59 8.61
CA ARG A 9 19.59 3.61 7.92
C ARG A 9 20.51 4.60 7.20
N LEU A 10 21.40 4.09 6.38
CA LEU A 10 22.33 4.94 5.66
C LEU A 10 21.68 5.45 4.37
N GLU A 11 21.16 4.52 3.57
CA GLU A 11 20.52 4.87 2.31
C GLU A 11 19.16 5.50 2.56
N SER A 12 18.46 5.01 3.57
CA SER A 12 17.14 5.53 3.91
C SER A 12 16.20 5.40 2.70
N SER A 13 16.44 4.38 1.88
CA SER A 13 15.61 4.17 0.69
C SER A 13 14.29 3.52 1.09
N ALA A 14 13.41 3.37 0.10
CA ALA A 14 12.10 2.76 0.34
C ALA A 14 12.23 1.25 0.49
N GLN A 15 13.40 0.79 0.92
CA GLN A 15 13.64 -0.63 1.10
C GLN A 15 13.05 -1.13 2.42
N GLU A 16 12.81 -0.19 3.34
CA GLU A 16 12.28 -0.56 4.65
C GLU A 16 10.92 -1.25 4.56
N ILE A 17 9.99 -0.55 4.00
CA ILE A 17 8.61 -1.07 3.85
C ILE A 17 8.56 -2.21 2.85
N LYS A 18 9.56 -2.26 1.99
CA LYS A 18 9.60 -3.32 0.97
C LYS A 18 9.69 -4.69 1.61
N ASP A 19 10.47 -4.79 2.67
CA ASP A 19 10.64 -6.07 3.35
C ASP A 19 9.40 -6.38 4.19
N GLU A 20 8.78 -5.34 4.73
CA GLU A 20 7.61 -5.51 5.57
C GLU A 20 6.47 -6.15 4.78
N ILE A 21 6.17 -5.59 3.61
CA ILE A 21 5.11 -6.12 2.78
C ILE A 21 5.47 -7.48 2.24
N ASN A 22 6.71 -7.60 1.76
CA ASN A 22 7.18 -8.87 1.21
C ASN A 22 6.87 -10.02 2.16
N LYS A 23 6.56 -9.68 3.40
CA LYS A 23 6.25 -10.68 4.40
C LYS A 23 4.98 -11.45 4.04
N ILE A 24 4.03 -10.76 3.43
CA ILE A 24 2.78 -11.38 3.04
C ILE A 24 3.01 -12.44 1.96
N LYS A 25 4.08 -12.28 1.18
CA LYS A 25 4.40 -13.22 0.12
C LYS A 25 4.96 -14.52 0.72
N ALA A 26 5.89 -14.37 1.65
CA ALA A 26 6.50 -15.53 2.31
C ALA A 26 5.50 -16.20 3.23
N ASN A 27 4.66 -15.40 3.89
CA ASN A 27 3.68 -15.93 4.81
C ASN A 27 2.70 -16.83 4.06
N ALA A 28 2.50 -16.53 2.78
CA ALA A 28 1.60 -17.31 1.96
C ALA A 28 2.13 -18.73 1.77
N LYS A 29 3.43 -18.86 1.70
CA LYS A 29 4.03 -20.17 1.52
C LYS A 29 3.61 -21.12 2.61
N LYS A 30 3.37 -20.57 3.80
CA LYS A 30 2.96 -21.40 4.94
C LYS A 30 1.44 -21.55 4.98
N GLU A 31 0.74 -20.68 4.27
CA GLU A 31 -0.71 -20.73 4.23
C GLU A 31 -1.19 -22.02 3.59
N GLY A 32 -0.32 -22.65 2.81
CA GLY A 32 -0.68 -23.89 2.14
C GLY A 32 -1.67 -23.63 1.03
N VAL A 33 -2.56 -22.65 1.23
CA VAL A 33 -3.57 -22.32 0.22
C VAL A 33 -2.95 -22.23 -1.17
N LYS A 34 -3.74 -22.51 -2.19
CA LYS A 34 -3.25 -22.45 -3.56
C LYS A 34 -3.06 -20.99 -3.97
N PHE A 35 -1.83 -20.53 -3.94
CA PHE A 35 -1.51 -19.16 -4.30
C PHE A 35 -1.91 -18.87 -5.74
N GLU A 36 -1.56 -19.79 -6.64
CA GLU A 36 -1.88 -19.61 -8.05
C GLU A 36 -3.37 -19.28 -8.22
N ALA A 37 -4.17 -19.73 -7.27
CA ALA A 37 -5.61 -19.49 -7.30
C ALA A 37 -5.92 -18.11 -6.76
N PHE A 38 -4.94 -17.47 -6.15
CA PHE A 38 -5.14 -16.12 -5.58
C PHE A 38 -6.04 -15.28 -6.46
N THR A 39 -6.04 -15.58 -7.75
CA THR A 39 -6.89 -14.86 -8.71
C THR A 39 -8.18 -15.60 -8.97
N ASN A 40 -8.08 -16.88 -9.34
CA ASN A 40 -9.26 -17.68 -9.64
C ASN A 40 -9.97 -18.12 -8.37
N THR A 41 -9.34 -17.87 -7.23
CA THR A 41 -9.91 -18.25 -5.96
C THR A 41 -11.23 -17.53 -5.72
N GLN A 42 -11.37 -16.37 -6.34
CA GLN A 42 -12.59 -15.58 -6.16
C GLN A 42 -13.81 -16.41 -6.52
N THR A 43 -13.76 -17.07 -7.65
CA THR A 43 -14.86 -17.92 -8.09
C THR A 43 -14.92 -19.20 -7.28
N GLY A 44 -13.75 -19.81 -7.06
CA GLY A 44 -13.67 -21.05 -6.30
C GLY A 44 -14.09 -20.83 -4.86
N SER A 45 -14.04 -19.57 -4.41
CA SER A 45 -14.43 -19.24 -3.05
C SER A 45 -15.83 -19.77 -2.74
N LYS A 46 -16.51 -20.25 -3.76
CA LYS A 46 -17.84 -20.77 -3.58
C LYS A 46 -17.86 -21.88 -2.54
N ILE A 47 -16.94 -22.81 -2.68
CA ILE A 47 -16.86 -23.94 -1.75
C ILE A 47 -16.07 -23.58 -0.52
N SER A 48 -14.89 -23.04 -0.76
CA SER A 48 -14.00 -22.65 0.35
C SER A 48 -14.64 -21.57 1.18
N GLU A 49 -15.30 -20.60 0.51
CA GLU A 49 -15.97 -19.49 1.19
C GLU A 49 -15.17 -19.04 2.41
N LYS A 50 -13.85 -19.20 2.34
CA LYS A 50 -12.95 -18.81 3.43
C LYS A 50 -11.77 -18.02 2.89
N PRO A 51 -12.02 -17.06 2.05
CA PRO A 51 -10.94 -16.20 1.47
C PRO A 51 -10.35 -15.26 2.53
N GLU A 52 -10.15 -15.78 3.74
CA GLU A 52 -9.59 -14.96 4.80
C GLU A 52 -8.12 -14.68 4.55
N PHE A 53 -7.45 -15.60 3.87
CA PHE A 53 -6.03 -15.44 3.57
C PHE A 53 -5.83 -14.27 2.57
N ILE A 54 -6.62 -14.28 1.52
CA ILE A 54 -6.51 -13.24 0.51
C ILE A 54 -6.89 -11.89 1.10
N LEU A 55 -7.95 -11.90 1.91
CA LEU A 55 -8.43 -10.68 2.53
C LEU A 55 -7.54 -10.26 3.66
N LYS A 56 -6.55 -11.09 3.97
CA LYS A 56 -5.61 -10.76 5.06
C LYS A 56 -4.54 -9.78 4.58
N ALA A 57 -3.98 -10.03 3.41
CA ALA A 57 -2.95 -9.16 2.86
C ALA A 57 -3.54 -7.87 2.31
N LYS A 58 -4.65 -8.00 1.60
CA LYS A 58 -5.30 -6.82 1.02
C LYS A 58 -5.54 -5.75 2.07
N ILE A 59 -5.99 -6.16 3.24
CA ILE A 59 -6.23 -5.21 4.33
C ILE A 59 -4.93 -4.75 4.96
N LYS A 60 -4.03 -5.70 5.21
CA LYS A 60 -2.75 -5.38 5.83
C LYS A 60 -1.87 -4.63 4.84
N ALA A 61 -2.24 -4.70 3.56
CA ALA A 61 -1.47 -4.03 2.52
C ALA A 61 -1.83 -2.55 2.44
N ILE A 62 -3.11 -2.26 2.51
CA ILE A 62 -3.58 -0.89 2.45
C ILE A 62 -3.24 -0.16 3.75
N GLN A 63 -3.34 -0.87 4.86
CA GLN A 63 -3.05 -0.27 6.16
C GLN A 63 -1.63 0.28 6.19
N VAL A 64 -0.67 -0.55 5.84
CA VAL A 64 0.72 -0.12 5.81
C VAL A 64 0.94 0.92 4.74
N ALA A 65 0.20 0.82 3.65
CA ALA A 65 0.34 1.77 2.54
C ALA A 65 0.32 3.21 3.04
N GLU A 66 -0.60 3.47 3.96
CA GLU A 66 -0.73 4.80 4.55
C GLU A 66 0.65 5.31 4.99
N ARG A 67 1.61 4.40 5.10
CA ARG A 67 2.93 4.78 5.54
C ARG A 67 3.63 5.62 4.48
N PHE A 68 3.33 5.35 3.22
CA PHE A 68 3.99 6.08 2.14
C PHE A 68 3.52 7.51 2.08
N VAL A 69 2.24 7.70 1.77
CA VAL A 69 1.68 9.06 1.66
C VAL A 69 2.16 9.93 2.81
N LYS A 70 2.47 9.29 3.95
CA LYS A 70 2.98 9.99 5.11
C LYS A 70 4.40 10.45 4.90
N ALA A 71 5.20 9.62 4.24
CA ALA A 71 6.60 9.97 3.96
C ALA A 71 6.67 11.01 2.84
N ILE A 72 5.71 10.96 1.95
CA ILE A 72 5.70 11.89 0.81
C ILE A 72 5.55 13.32 1.27
N LYS A 73 4.65 13.54 2.22
CA LYS A 73 4.42 14.87 2.74
C LYS A 73 5.62 15.35 3.55
N GLU A 74 6.39 14.41 4.08
CA GLU A 74 7.57 14.75 4.87
C GLU A 74 8.68 15.24 3.96
N GLU A 75 9.06 14.41 2.99
CA GLU A 75 10.13 14.79 2.05
C GLU A 75 9.82 16.12 1.41
N ALA A 76 8.55 16.49 1.37
CA ALA A 76 8.15 17.76 0.79
C ALA A 76 8.64 18.92 1.65
N GLU A 77 8.47 18.78 2.96
CA GLU A 77 8.90 19.84 3.89
C GLU A 77 10.35 20.21 3.65
N LYS A 78 11.09 19.30 3.02
CA LYS A 78 12.51 19.55 2.74
C LYS A 78 12.65 20.37 1.48
N LEU A 79 11.58 20.41 0.70
CA LEU A 79 11.61 21.16 -0.55
C LEU A 79 11.28 22.63 -0.29
N LYS A 80 10.81 22.92 0.89
CA LYS A 80 10.47 24.29 1.22
C LYS A 80 11.72 25.13 1.46
N LYS A 81 12.56 24.67 2.38
CA LYS A 81 13.79 25.38 2.70
C LYS A 81 14.83 25.21 1.61
N SER A 82 14.47 24.44 0.58
CA SER A 82 15.37 24.19 -0.55
C SER A 82 15.02 25.07 -1.74
N GLY A 83 13.74 25.10 -2.09
CA GLY A 83 13.27 25.92 -3.20
C GLY A 83 13.86 25.42 -4.51
N SER A 84 14.50 24.25 -4.47
CA SER A 84 15.11 23.66 -5.66
C SER A 84 14.24 22.55 -6.23
N SER A 85 13.44 22.89 -7.22
CA SER A 85 12.55 21.93 -7.86
C SER A 85 13.37 20.76 -8.43
N GLY A 86 14.69 20.93 -8.45
CA GLY A 86 15.57 19.87 -8.96
C GLY A 86 15.51 18.63 -8.08
N ALA A 87 15.57 18.83 -6.77
CA ALA A 87 15.54 17.71 -5.84
C ALA A 87 14.21 16.96 -5.96
N PHE A 88 13.14 17.71 -6.18
CA PHE A 88 11.83 17.10 -6.33
C PHE A 88 11.81 16.12 -7.50
N SER A 89 12.54 16.44 -8.56
CA SER A 89 12.59 15.59 -9.73
C SER A 89 13.13 14.21 -9.38
N ALA A 90 14.23 14.20 -8.63
CA ALA A 90 14.84 12.93 -8.23
C ALA A 90 13.90 12.11 -7.34
N MET A 91 13.35 12.77 -6.33
CA MET A 91 12.44 12.10 -5.41
C MET A 91 11.14 11.72 -6.10
N TYR A 92 10.61 12.65 -6.88
CA TYR A 92 9.35 12.41 -7.58
C TYR A 92 9.50 11.31 -8.62
N ASP A 93 10.52 11.44 -9.46
CA ASP A 93 10.75 10.46 -10.52
C ASP A 93 10.91 9.07 -9.93
N LEU A 94 11.25 9.02 -8.66
CA LEU A 94 11.43 7.74 -8.00
C LEU A 94 10.11 7.01 -7.83
N MET A 95 9.03 7.77 -7.86
CA MET A 95 7.70 7.17 -7.68
C MET A 95 7.57 5.94 -8.57
N ILE A 96 7.54 6.13 -9.86
CA ILE A 96 7.40 5.01 -10.78
C ILE A 96 8.44 3.94 -10.48
N ASP A 97 9.63 4.37 -10.11
CA ASP A 97 10.72 3.45 -9.84
C ASP A 97 10.40 2.54 -8.67
N VAL A 98 9.91 3.11 -7.58
CA VAL A 98 9.57 2.33 -6.40
C VAL A 98 8.16 1.74 -6.50
N SER A 99 7.31 2.42 -7.26
CA SER A 99 5.92 1.97 -7.44
C SER A 99 5.85 0.85 -8.44
N LYS A 100 6.85 0.75 -9.30
CA LYS A 100 6.88 -0.30 -10.31
C LYS A 100 6.88 -1.67 -9.65
N PRO A 101 7.87 -1.97 -8.84
CA PRO A 101 7.95 -3.28 -8.13
C PRO A 101 6.83 -3.42 -7.11
N LEU A 102 6.51 -2.32 -6.44
CA LEU A 102 5.49 -2.35 -5.42
C LEU A 102 4.26 -3.09 -5.90
N GLU A 103 3.99 -3.01 -7.20
CA GLU A 103 2.84 -3.69 -7.79
C GLU A 103 2.68 -5.11 -7.22
N GLU A 104 3.77 -5.63 -6.67
CA GLU A 104 3.78 -6.96 -6.09
C GLU A 104 2.74 -7.06 -4.98
N ILE A 105 2.25 -5.91 -4.52
CA ILE A 105 1.25 -5.87 -3.45
C ILE A 105 -0.08 -5.31 -3.96
N GLY A 106 -0.08 -4.85 -5.19
CA GLY A 106 -1.30 -4.31 -5.76
C GLY A 106 -1.71 -2.99 -5.13
N ILE A 107 -0.79 -2.01 -5.10
CA ILE A 107 -1.06 -0.68 -4.56
C ILE A 107 -0.72 0.37 -5.63
N GLN A 108 -0.17 -0.06 -6.72
CA GLN A 108 0.17 0.89 -7.77
C GLN A 108 -1.06 1.62 -8.31
N LYS A 109 -2.17 1.54 -7.56
CA LYS A 109 -3.41 2.20 -7.96
C LYS A 109 -3.49 3.60 -7.36
N MET A 110 -3.61 3.65 -6.04
CA MET A 110 -3.69 4.94 -5.33
C MET A 110 -2.53 5.84 -5.74
N THR A 111 -1.37 5.23 -5.95
CA THR A 111 -0.19 6.00 -6.36
C THR A 111 -0.41 6.61 -7.74
N GLY A 112 -0.80 5.77 -8.70
CA GLY A 112 -1.02 6.24 -10.07
C GLY A 112 -1.82 7.54 -10.08
N THR A 113 -2.65 7.72 -9.05
CA THR A 113 -3.47 8.93 -8.93
C THR A 113 -2.59 10.16 -8.73
N VAL A 114 -1.43 9.96 -8.13
CA VAL A 114 -0.50 11.07 -7.86
C VAL A 114 -0.31 11.91 -9.12
N LYS A 115 -0.27 11.25 -10.27
CA LYS A 115 -0.06 11.95 -11.52
C LYS A 115 -1.18 12.95 -11.75
N GLU A 116 -2.43 12.49 -11.57
CA GLU A 116 -3.58 13.35 -11.77
C GLU A 116 -3.53 14.53 -10.81
N ALA A 117 -2.99 14.30 -9.62
CA ALA A 117 -2.89 15.35 -8.62
C ALA A 117 -1.94 16.45 -9.08
N ALA A 118 -1.08 16.12 -10.05
CA ALA A 118 -0.11 17.07 -10.57
C ALA A 118 -0.78 18.11 -11.45
N GLN A 119 -2.09 17.96 -11.63
CA GLN A 119 -2.87 18.89 -12.46
C GLN A 119 -3.57 19.91 -11.59
N LYS A 120 -3.96 19.51 -10.39
CA LYS A 120 -4.66 20.41 -9.49
C LYS A 120 -3.70 21.12 -8.56
N THR A 121 -2.79 20.36 -7.94
CA THR A 121 -1.81 20.92 -7.01
C THR A 121 -0.39 20.60 -7.48
N PRO A 122 0.17 21.43 -8.33
CA PRO A 122 1.55 21.23 -8.83
C PRO A 122 2.55 21.10 -7.69
N ALA A 123 3.53 20.22 -7.87
CA ALA A 123 4.57 20.02 -6.86
C ALA A 123 5.66 21.06 -6.99
N THR A 124 5.33 22.20 -7.59
CA THR A 124 6.30 23.27 -7.78
C THR A 124 6.85 23.73 -6.44
N THR A 125 6.32 23.18 -5.35
CA THR A 125 6.79 23.54 -4.03
C THR A 125 6.34 22.52 -2.99
N ALA A 126 6.88 22.62 -1.78
CA ALA A 126 6.52 21.69 -0.73
C ALA A 126 5.05 21.83 -0.36
N ASP A 127 4.47 22.99 -0.61
CA ASP A 127 3.07 23.23 -0.29
C ASP A 127 2.16 22.36 -1.14
N GLY A 128 2.37 22.40 -2.44
CA GLY A 128 1.55 21.63 -3.35
C GLY A 128 1.61 20.15 -3.02
N ILE A 129 2.82 19.64 -2.83
CA ILE A 129 3.00 18.22 -2.52
C ILE A 129 2.24 17.85 -1.26
N ILE A 130 2.49 18.56 -0.18
CA ILE A 130 1.83 18.28 1.09
C ILE A 130 0.34 18.04 0.85
N ALA A 131 -0.22 18.79 -0.09
CA ALA A 131 -1.63 18.66 -0.40
C ALA A 131 -1.87 17.37 -1.18
N ILE A 132 -1.00 17.13 -2.15
CA ILE A 132 -1.12 15.93 -2.98
C ILE A 132 -1.23 14.68 -2.11
N ALA A 133 -0.73 14.79 -0.88
CA ALA A 133 -0.76 13.66 0.04
C ALA A 133 -2.20 13.29 0.39
N GLN A 134 -3.09 14.29 0.33
CA GLN A 134 -4.50 14.06 0.64
C GLN A 134 -5.16 13.22 -0.45
N ALA A 135 -4.78 13.49 -1.70
CA ALA A 135 -5.36 12.77 -2.83
C ALA A 135 -5.14 11.26 -2.67
N MET A 136 -3.92 10.87 -2.38
CA MET A 136 -3.60 9.46 -2.20
C MET A 136 -4.29 8.91 -0.95
N GLU A 137 -4.33 9.71 0.10
CA GLU A 137 -4.96 9.28 1.35
C GLU A 137 -6.45 9.05 1.15
N ASP A 138 -7.06 9.84 0.28
CA ASP A 138 -8.49 9.70 0.03
C ASP A 138 -8.80 8.31 -0.50
N LYS A 139 -7.91 7.78 -1.34
CA LYS A 139 -8.12 6.46 -1.90
C LYS A 139 -8.11 5.39 -0.82
N LEU A 140 -7.14 5.48 0.06
CA LEU A 140 -7.02 4.51 1.14
C LEU A 140 -8.37 4.28 1.81
N ASN A 141 -9.16 5.32 1.87
CA ASN A 141 -10.50 5.22 2.47
C ASN A 141 -11.46 4.43 1.56
N ASN A 142 -11.32 4.62 0.26
CA ASN A 142 -12.19 3.95 -0.70
C ASN A 142 -11.97 2.45 -0.68
N VAL A 143 -10.71 2.04 -0.65
CA VAL A 143 -10.37 0.62 -0.63
C VAL A 143 -10.53 0.03 0.78
N ASN A 144 -10.22 0.84 1.78
CA ASN A 144 -10.33 0.40 3.17
C ASN A 144 -11.78 0.14 3.53
N LYS A 145 -12.67 1.01 3.08
CA LYS A 145 -14.09 0.88 3.39
C LYS A 145 -14.76 -0.11 2.46
N LYS A 146 -14.20 -0.30 1.27
CA LYS A 146 -14.75 -1.23 0.29
C LYS A 146 -14.20 -2.63 0.49
N GLN A 147 -12.92 -2.73 0.81
CA GLN A 147 -12.28 -4.02 1.00
C GLN A 147 -12.77 -4.69 2.27
N HIS A 148 -12.83 -3.92 3.35
CA HIS A 148 -13.27 -4.45 4.63
C HIS A 148 -14.70 -4.95 4.52
N ASP A 149 -15.46 -4.38 3.59
CA ASP A 149 -16.85 -4.78 3.42
C ASP A 149 -16.94 -6.26 3.08
N ALA A 150 -15.98 -6.74 2.28
CA ALA A 150 -15.96 -8.15 1.90
C ALA A 150 -15.65 -9.02 3.11
N LEU A 151 -14.76 -8.54 3.96
CA LEU A 151 -14.37 -9.29 5.13
C LEU A 151 -15.55 -9.47 6.07
N LYS A 152 -16.35 -8.43 6.21
CA LYS A 152 -17.50 -8.48 7.09
C LYS A 152 -18.45 -9.57 6.63
N ASN A 153 -18.58 -9.73 5.33
CA ASN A 153 -19.49 -10.74 4.79
C ASN A 153 -19.25 -12.09 5.46
N LEU A 154 -18.00 -12.48 5.55
CA LEU A 154 -17.65 -13.77 6.16
C LEU A 154 -18.17 -13.82 7.58
N LYS A 155 -18.50 -12.67 8.13
CA LYS A 155 -19.02 -12.60 9.49
C LYS A 155 -20.40 -13.24 9.58
N GLU A 156 -21.24 -12.97 8.59
CA GLU A 156 -22.59 -13.50 8.58
C GLU A 156 -22.56 -15.00 8.32
N LYS A 157 -21.60 -15.44 7.50
CA LYS A 157 -21.48 -16.85 7.18
C LYS A 157 -20.73 -17.58 8.29
N ALA A 158 -20.44 -16.86 9.37
CA ALA A 158 -19.73 -17.44 10.50
C ALA A 158 -20.47 -18.68 11.01
N LYS A 159 -19.70 -19.74 11.29
CA LYS A 159 -20.28 -20.98 11.79
C LYS A 159 -19.27 -21.76 12.63
N THR A 160 -19.77 -22.47 13.63
CA THR A 160 -18.91 -23.26 14.50
C THR A 160 -18.34 -24.45 13.76
N ALA A 161 -18.98 -24.80 12.64
CA ALA A 161 -18.52 -25.94 11.84
C ALA A 161 -17.10 -25.70 11.33
N THR A 162 -16.70 -24.43 11.29
CA THR A 162 -15.36 -24.09 10.81
C THR A 162 -14.31 -24.89 11.57
N THR A 163 -13.29 -25.35 10.84
CA THR A 163 -12.22 -26.13 11.45
C THR A 163 -12.78 -27.38 12.12
N THR A 164 -11.98 -28.44 12.16
CA THR A 164 -12.40 -29.68 12.79
C THR A 164 -12.71 -29.47 14.27
N GLY A 1 14.55 -9.72 19.85
CA GLY A 1 13.57 -10.15 18.81
C GLY A 1 14.03 -9.69 17.45
N LEU A 2 13.08 -9.40 16.57
CA LEU A 2 13.40 -8.94 15.22
C LEU A 2 13.37 -7.41 15.16
N THR A 3 14.18 -6.86 14.27
CA THR A 3 14.25 -5.41 14.11
C THR A 3 12.96 -4.88 13.50
N GLY A 4 12.55 -3.69 13.94
CA GLY A 4 11.33 -3.05 13.44
C GLY A 4 11.67 -1.97 12.42
N GLU A 5 10.64 -1.43 11.79
CA GLU A 5 10.83 -0.37 10.79
C GLU A 5 10.98 0.99 11.46
N THR A 6 10.56 1.05 12.71
CA THR A 6 10.66 2.30 13.47
C THR A 6 12.12 2.66 13.75
N LYS A 7 12.98 1.65 13.68
CA LYS A 7 14.41 1.85 13.92
C LYS A 7 15.12 2.39 12.70
N ILE A 8 14.49 2.22 11.54
CA ILE A 8 15.06 2.68 10.28
C ILE A 8 14.60 4.10 9.99
N ARG A 9 13.38 4.40 10.38
CA ARG A 9 12.82 5.72 10.13
C ARG A 9 12.95 6.09 8.65
N LEU A 10 14.07 6.71 8.29
CA LEU A 10 14.32 7.13 6.91
C LEU A 10 15.76 6.82 6.51
N GLU A 11 16.49 6.17 7.40
CA GLU A 11 17.89 5.82 7.11
C GLU A 11 17.97 5.03 5.81
N SER A 12 16.82 4.56 5.32
CA SER A 12 16.77 3.79 4.09
C SER A 12 15.62 4.26 3.20
N SER A 13 15.77 4.09 1.90
CA SER A 13 14.74 4.50 0.95
C SER A 13 13.58 3.50 0.95
N ALA A 14 12.77 3.55 -0.10
CA ALA A 14 11.62 2.65 -0.22
C ALA A 14 12.10 1.23 -0.53
N GLN A 15 13.41 1.00 -0.43
CA GLN A 15 13.98 -0.32 -0.72
C GLN A 15 13.86 -1.23 0.50
N GLU A 16 13.79 -0.63 1.68
CA GLU A 16 13.68 -1.42 2.91
C GLU A 16 12.27 -2.01 3.05
N ILE A 17 11.29 -1.15 3.18
CA ILE A 17 9.91 -1.59 3.34
C ILE A 17 9.51 -2.51 2.18
N LYS A 18 10.28 -2.45 1.10
CA LYS A 18 9.99 -3.28 -0.07
C LYS A 18 10.03 -4.76 0.30
N ASP A 19 11.08 -5.18 0.99
CA ASP A 19 11.22 -6.57 1.40
C ASP A 19 10.25 -6.90 2.53
N GLU A 20 9.92 -5.90 3.34
CA GLU A 20 9.02 -6.11 4.46
C GLU A 20 7.69 -6.68 3.99
N ILE A 21 7.01 -5.93 3.12
CA ILE A 21 5.72 -6.37 2.60
C ILE A 21 5.86 -7.69 1.86
N ASN A 22 6.95 -7.83 1.11
CA ASN A 22 7.18 -9.05 0.35
C ASN A 22 7.03 -10.27 1.23
N LYS A 23 7.07 -10.06 2.55
CA LYS A 23 6.93 -11.16 3.50
C LYS A 23 5.59 -11.87 3.31
N ILE A 24 4.55 -11.09 3.01
CA ILE A 24 3.22 -11.67 2.83
C ILE A 24 3.26 -12.68 1.69
N LYS A 25 4.22 -12.54 0.78
CA LYS A 25 4.35 -13.45 -0.34
C LYS A 25 4.84 -14.82 0.12
N ALA A 26 5.87 -14.83 0.94
CA ALA A 26 6.44 -16.06 1.45
C ALA A 26 5.45 -16.76 2.37
N ASN A 27 4.75 -15.97 3.17
CA ASN A 27 3.77 -16.52 4.11
C ASN A 27 2.70 -17.29 3.36
N ALA A 28 2.57 -16.99 2.07
CA ALA A 28 1.57 -17.67 1.25
C ALA A 28 2.09 -19.02 0.78
N LYS A 29 3.38 -19.07 0.45
CA LYS A 29 3.99 -20.30 -0.03
C LYS A 29 3.86 -21.40 0.99
N LYS A 30 4.13 -21.07 2.25
CA LYS A 30 4.04 -22.04 3.32
C LYS A 30 2.57 -22.36 3.63
N GLU A 31 1.68 -21.47 3.23
CA GLU A 31 0.27 -21.67 3.51
C GLU A 31 -0.24 -22.92 2.80
N GLY A 32 0.62 -23.55 2.01
CA GLY A 32 0.24 -24.76 1.31
C GLY A 32 -0.83 -24.49 0.26
N VAL A 33 -1.70 -23.51 0.53
CA VAL A 33 -2.76 -23.16 -0.40
C VAL A 33 -2.23 -23.05 -1.83
N LYS A 34 -3.10 -23.25 -2.79
CA LYS A 34 -2.72 -23.16 -4.19
C LYS A 34 -2.44 -21.72 -4.56
N PHE A 35 -1.17 -21.36 -4.67
CA PHE A 35 -0.77 -20.01 -5.03
C PHE A 35 -1.30 -19.64 -6.41
N GLU A 36 -1.11 -20.54 -7.37
CA GLU A 36 -1.57 -20.29 -8.73
C GLU A 36 -3.05 -19.93 -8.74
N ALA A 37 -3.74 -20.27 -7.66
CA ALA A 37 -5.17 -19.99 -7.54
C ALA A 37 -5.39 -18.56 -7.04
N PHE A 38 -4.55 -18.12 -6.10
CA PHE A 38 -4.66 -16.77 -5.54
C PHE A 38 -4.91 -15.75 -6.66
N THR A 39 -4.43 -16.06 -7.85
CA THR A 39 -4.59 -15.17 -8.98
C THR A 39 -6.02 -15.21 -9.51
N ASN A 40 -6.52 -16.42 -9.74
CA ASN A 40 -7.88 -16.59 -10.27
C ASN A 40 -8.91 -16.57 -9.14
N THR A 41 -8.72 -17.42 -8.16
CA THR A 41 -9.63 -17.50 -7.02
C THR A 41 -9.91 -16.11 -6.44
N GLN A 42 -9.08 -15.15 -6.84
CA GLN A 42 -9.20 -13.78 -6.33
C GLN A 42 -10.67 -13.36 -6.27
N THR A 43 -11.31 -13.39 -7.42
CA THR A 43 -12.73 -13.05 -7.49
C THR A 43 -13.58 -14.11 -6.78
N GLY A 44 -13.27 -15.38 -7.03
CA GLY A 44 -14.00 -16.48 -6.43
C GLY A 44 -13.93 -16.39 -4.91
N SER A 45 -12.92 -15.70 -4.41
CA SER A 45 -12.74 -15.56 -2.97
C SER A 45 -14.02 -15.08 -2.32
N LYS A 46 -14.86 -14.40 -3.09
CA LYS A 46 -16.12 -13.88 -2.57
C LYS A 46 -17.06 -15.00 -2.14
N ILE A 47 -17.22 -15.97 -3.02
CA ILE A 47 -18.12 -17.11 -2.76
C ILE A 47 -17.35 -18.34 -2.30
N SER A 48 -16.03 -18.23 -2.30
CA SER A 48 -15.20 -19.36 -1.88
C SER A 48 -15.74 -20.00 -0.59
N GLU A 49 -15.33 -19.46 0.55
CA GLU A 49 -15.79 -19.97 1.81
C GLU A 49 -15.38 -19.05 2.95
N LYS A 50 -14.07 -18.86 3.12
CA LYS A 50 -13.55 -18.00 4.17
C LYS A 50 -12.05 -17.74 3.98
N PRO A 51 -11.67 -17.25 2.84
CA PRO A 51 -10.24 -16.95 2.54
C PRO A 51 -9.75 -15.72 3.31
N GLU A 52 -10.09 -15.67 4.59
CA GLU A 52 -9.68 -14.54 5.41
C GLU A 52 -8.19 -14.30 5.28
N PHE A 53 -7.48 -15.27 4.71
CA PHE A 53 -6.05 -15.12 4.54
C PHE A 53 -5.75 -14.08 3.44
N ILE A 54 -6.13 -14.41 2.21
CA ILE A 54 -5.85 -13.51 1.09
C ILE A 54 -6.30 -12.09 1.42
N LEU A 55 -7.42 -12.00 2.11
CA LEU A 55 -7.97 -10.71 2.52
C LEU A 55 -7.06 -10.06 3.56
N LYS A 56 -6.46 -10.90 4.42
CA LYS A 56 -5.59 -10.39 5.46
C LYS A 56 -4.43 -9.60 4.86
N ALA A 57 -3.81 -10.16 3.83
CA ALA A 57 -2.68 -9.50 3.18
C ALA A 57 -3.10 -8.12 2.69
N LYS A 58 -4.25 -8.06 2.03
CA LYS A 58 -4.76 -6.79 1.52
C LYS A 58 -4.89 -5.76 2.63
N ILE A 59 -5.91 -5.90 3.47
CA ILE A 59 -6.12 -4.95 4.57
C ILE A 59 -4.80 -4.63 5.27
N LYS A 60 -4.04 -5.67 5.58
CA LYS A 60 -2.77 -5.50 6.25
C LYS A 60 -1.85 -4.64 5.43
N ALA A 61 -1.95 -4.76 4.10
CA ALA A 61 -1.12 -3.98 3.21
C ALA A 61 -1.62 -2.54 3.13
N ILE A 62 -2.93 -2.38 3.09
CA ILE A 62 -3.51 -1.03 3.00
C ILE A 62 -3.03 -0.19 4.16
N GLN A 63 -3.05 -0.77 5.36
CA GLN A 63 -2.61 -0.03 6.54
C GLN A 63 -1.20 0.51 6.33
N VAL A 64 -0.34 -0.32 5.74
CA VAL A 64 1.04 0.09 5.49
C VAL A 64 1.06 1.25 4.51
N ALA A 65 0.25 1.16 3.47
CA ALA A 65 0.21 2.23 2.45
C ALA A 65 0.11 3.60 3.13
N GLU A 66 -0.62 3.65 4.23
CA GLU A 66 -0.79 4.89 4.96
C GLU A 66 0.56 5.43 5.41
N ARG A 67 1.53 4.54 5.57
CA ARG A 67 2.85 4.95 6.00
C ARG A 67 3.60 5.65 4.88
N PHE A 68 3.20 5.38 3.63
CA PHE A 68 3.88 6.00 2.50
C PHE A 68 3.52 7.48 2.39
N VAL A 69 2.25 7.73 2.06
CA VAL A 69 1.78 9.11 1.88
C VAL A 69 2.32 10.01 3.00
N LYS A 70 2.59 9.40 4.14
CA LYS A 70 3.12 10.12 5.29
C LYS A 70 4.56 10.58 5.02
N ALA A 71 5.34 9.72 4.40
CA ALA A 71 6.72 10.04 4.10
C ALA A 71 6.80 11.14 3.04
N ILE A 72 5.81 11.16 2.17
CA ILE A 72 5.80 12.17 1.10
C ILE A 72 5.62 13.56 1.69
N LYS A 73 5.02 13.64 2.87
CA LYS A 73 4.78 14.92 3.50
C LYS A 73 6.07 15.52 4.06
N GLU A 74 6.78 14.72 4.84
CA GLU A 74 8.03 15.16 5.44
C GLU A 74 9.09 15.41 4.37
N GLU A 75 9.10 14.59 3.34
CA GLU A 75 10.08 14.73 2.27
C GLU A 75 9.92 16.10 1.59
N ALA A 76 8.68 16.51 1.39
CA ALA A 76 8.42 17.79 0.73
C ALA A 76 8.82 18.95 1.64
N GLU A 77 8.64 18.77 2.93
CA GLU A 77 8.96 19.83 3.89
C GLU A 77 10.43 20.21 3.78
N LYS A 78 11.25 19.26 3.34
CA LYS A 78 12.67 19.50 3.23
C LYS A 78 12.99 20.15 1.90
N LEU A 79 12.02 20.07 0.98
CA LEU A 79 12.20 20.65 -0.35
C LEU A 79 11.61 22.05 -0.43
N LYS A 80 10.77 22.39 0.55
CA LYS A 80 10.14 23.69 0.56
C LYS A 80 11.17 24.81 0.40
N LYS A 81 11.94 25.07 1.45
CA LYS A 81 12.93 26.13 1.41
C LYS A 81 13.86 25.94 0.22
N SER A 82 14.38 24.74 0.08
CA SER A 82 15.31 24.46 -1.02
C SER A 82 14.65 24.78 -2.36
N GLY A 83 13.39 24.38 -2.51
CA GLY A 83 12.67 24.63 -3.74
C GLY A 83 13.43 24.09 -4.94
N SER A 84 14.41 23.23 -4.68
CA SER A 84 15.22 22.66 -5.74
C SER A 84 14.40 21.66 -6.55
N SER A 85 13.66 22.15 -7.54
CA SER A 85 12.84 21.29 -8.39
C SER A 85 13.66 20.13 -8.93
N GLY A 86 14.98 20.29 -8.93
CA GLY A 86 15.86 19.24 -9.43
C GLY A 86 15.81 18.02 -8.52
N ALA A 87 15.93 18.25 -7.21
CA ALA A 87 15.89 17.16 -6.25
C ALA A 87 14.55 16.47 -6.30
N PHE A 88 13.53 17.25 -6.61
CA PHE A 88 12.20 16.70 -6.63
C PHE A 88 12.09 15.56 -7.66
N SER A 89 12.53 15.85 -8.88
CA SER A 89 12.47 14.86 -9.98
C SER A 89 12.92 13.49 -9.48
N ALA A 90 13.93 13.49 -8.64
CA ALA A 90 14.44 12.24 -8.08
C ALA A 90 13.41 11.62 -7.15
N MET A 91 12.70 12.47 -6.41
CA MET A 91 11.69 11.97 -5.46
C MET A 91 10.46 11.45 -6.21
N TYR A 92 9.95 12.26 -7.11
CA TYR A 92 8.76 11.90 -7.87
C TYR A 92 9.02 10.69 -8.76
N ASP A 93 10.16 10.71 -9.45
CA ASP A 93 10.52 9.62 -10.36
C ASP A 93 10.27 8.27 -9.70
N LEU A 94 10.49 8.19 -8.40
CA LEU A 94 10.31 6.95 -7.67
C LEU A 94 8.84 6.56 -7.69
N MET A 95 7.99 7.53 -7.49
CA MET A 95 6.55 7.28 -7.49
C MET A 95 6.13 6.39 -8.65
N ILE A 96 7.01 6.25 -9.64
CA ILE A 96 6.74 5.44 -10.83
C ILE A 96 7.61 4.19 -10.84
N ASP A 97 8.90 4.35 -10.58
CA ASP A 97 9.83 3.23 -10.58
C ASP A 97 9.52 2.28 -9.44
N VAL A 98 9.15 2.82 -8.29
CA VAL A 98 8.84 2.02 -7.11
C VAL A 98 7.40 1.54 -7.15
N SER A 99 6.53 2.29 -7.84
CA SER A 99 5.13 1.92 -7.94
C SER A 99 4.92 0.73 -8.86
N LYS A 100 5.87 0.50 -9.74
CA LYS A 100 5.78 -0.61 -10.68
C LYS A 100 5.87 -1.95 -9.94
N PRO A 101 6.98 -2.21 -9.26
CA PRO A 101 7.17 -3.48 -8.51
C PRO A 101 6.19 -3.61 -7.37
N LEU A 102 6.03 -2.54 -6.62
CA LEU A 102 5.13 -2.56 -5.47
C LEU A 102 3.81 -3.23 -5.84
N GLU A 103 3.48 -3.16 -7.12
CA GLU A 103 2.24 -3.77 -7.59
C GLU A 103 2.08 -5.20 -7.04
N GLU A 104 3.16 -5.75 -6.53
CA GLU A 104 3.13 -7.09 -5.98
C GLU A 104 2.24 -7.15 -4.75
N ILE A 105 1.88 -5.98 -4.21
CA ILE A 105 1.02 -5.90 -3.02
C ILE A 105 -0.35 -5.33 -3.39
N GLY A 106 -0.49 -4.89 -4.61
CA GLY A 106 -1.75 -4.34 -5.06
C GLY A 106 -2.04 -2.98 -4.44
N ILE A 107 -1.08 -2.04 -4.51
CA ILE A 107 -1.24 -0.69 -3.97
C ILE A 107 -0.95 0.32 -5.09
N GLN A 108 -0.48 -0.17 -6.22
CA GLN A 108 -0.18 0.73 -7.33
C GLN A 108 -1.43 1.47 -7.80
N LYS A 109 -2.52 1.40 -7.02
CA LYS A 109 -3.76 2.07 -7.36
C LYS A 109 -3.79 3.46 -6.73
N MET A 110 -3.85 3.48 -5.40
CA MET A 110 -3.88 4.75 -4.65
C MET A 110 -2.66 5.57 -5.01
N THR A 111 -1.51 4.90 -5.16
CA THR A 111 -0.27 5.57 -5.52
C THR A 111 -0.24 5.81 -7.03
N GLY A 112 -1.11 5.10 -7.76
CA GLY A 112 -1.15 5.22 -9.22
C GLY A 112 -1.76 6.57 -9.64
N THR A 113 -2.85 6.94 -8.98
CA THR A 113 -3.53 8.19 -9.28
C THR A 113 -2.60 9.37 -9.07
N VAL A 114 -1.52 9.15 -8.34
CA VAL A 114 -0.57 10.23 -8.05
C VAL A 114 -0.24 11.02 -9.31
N LYS A 115 -0.16 10.32 -10.44
CA LYS A 115 0.16 10.97 -11.69
C LYS A 115 -0.90 12.00 -12.03
N GLU A 116 -2.17 11.62 -11.87
CA GLU A 116 -3.26 12.53 -12.16
C GLU A 116 -3.25 13.69 -11.18
N ALA A 117 -2.93 13.40 -9.93
CA ALA A 117 -2.89 14.44 -8.90
C ALA A 117 -1.83 15.49 -9.24
N ALA A 118 -0.78 15.05 -9.92
CA ALA A 118 0.30 15.95 -10.30
C ALA A 118 -0.13 16.86 -11.43
N GLN A 119 -1.39 16.73 -11.84
CA GLN A 119 -1.93 17.55 -12.92
C GLN A 119 -2.67 18.76 -12.37
N LYS A 120 -3.27 18.61 -11.20
CA LYS A 120 -4.01 19.70 -10.57
C LYS A 120 -3.17 20.39 -9.51
N THR A 121 -2.44 19.59 -8.74
CA THR A 121 -1.61 20.15 -7.67
C THR A 121 -0.30 20.71 -8.24
N PRO A 122 0.19 21.82 -7.71
CA PRO A 122 1.46 22.42 -8.18
C PRO A 122 2.70 21.66 -7.69
N ALA A 123 3.08 20.62 -8.43
CA ALA A 123 4.26 19.82 -8.09
C ALA A 123 5.53 20.66 -8.29
N THR A 124 5.36 21.97 -8.27
CA THR A 124 6.50 22.88 -8.47
C THR A 124 7.04 23.37 -7.13
N THR A 125 6.47 22.86 -6.04
CA THR A 125 6.93 23.25 -4.72
C THR A 125 6.43 22.27 -3.67
N ALA A 126 6.96 22.38 -2.46
CA ALA A 126 6.56 21.51 -1.38
C ALA A 126 5.08 21.66 -1.05
N ASP A 127 4.52 22.80 -1.38
CA ASP A 127 3.11 23.06 -1.10
C ASP A 127 2.22 22.05 -1.83
N GLY A 128 2.40 21.95 -3.13
CA GLY A 128 1.59 21.05 -3.92
C GLY A 128 1.85 19.60 -3.54
N ILE A 129 3.12 19.26 -3.38
CA ILE A 129 3.49 17.90 -3.02
C ILE A 129 2.87 17.50 -1.68
N ILE A 130 2.74 18.44 -0.78
CA ILE A 130 2.17 18.17 0.52
C ILE A 130 0.70 17.81 0.36
N ALA A 131 0.01 18.53 -0.52
CA ALA A 131 -1.41 18.27 -0.75
C ALA A 131 -1.58 16.97 -1.51
N ILE A 132 -0.64 16.68 -2.40
CA ILE A 132 -0.71 15.47 -3.20
C ILE A 132 -0.78 14.24 -2.29
N ALA A 133 -0.21 14.36 -1.11
CA ALA A 133 -0.19 13.25 -0.18
C ALA A 133 -1.62 12.88 0.22
N GLN A 134 -2.44 13.90 0.45
CA GLN A 134 -3.82 13.69 0.84
C GLN A 134 -4.62 13.04 -0.29
N ALA A 135 -4.31 13.44 -1.52
CA ALA A 135 -5.00 12.90 -2.69
C ALA A 135 -4.90 11.39 -2.72
N MET A 136 -3.92 10.84 -1.99
CA MET A 136 -3.73 9.40 -1.92
C MET A 136 -4.31 8.83 -0.62
N GLU A 137 -4.32 9.65 0.42
CA GLU A 137 -4.85 9.22 1.72
C GLU A 137 -6.35 8.97 1.64
N ASP A 138 -7.04 9.80 0.86
CA ASP A 138 -8.48 9.66 0.72
C ASP A 138 -8.84 8.30 0.11
N LYS A 139 -7.97 7.78 -0.74
CA LYS A 139 -8.19 6.49 -1.38
C LYS A 139 -8.14 5.35 -0.38
N LEU A 140 -7.23 5.48 0.59
CA LEU A 140 -7.06 4.45 1.59
C LEU A 140 -8.36 4.20 2.34
N ASN A 141 -9.13 5.24 2.52
CA ASN A 141 -10.41 5.13 3.21
C ASN A 141 -11.46 4.42 2.34
N ASN A 142 -11.45 4.73 1.05
CA ASN A 142 -12.42 4.15 0.13
C ASN A 142 -12.22 2.65 0.00
N VAL A 143 -10.96 2.22 -0.09
CA VAL A 143 -10.64 0.80 -0.23
C VAL A 143 -10.73 0.09 1.13
N ASN A 144 -10.28 0.77 2.17
CA ASN A 144 -10.31 0.17 3.50
C ASN A 144 -11.71 -0.29 3.85
N LYS A 145 -12.71 0.40 3.33
CA LYS A 145 -14.08 0.05 3.62
C LYS A 145 -14.47 -1.27 2.98
N LYS A 146 -14.50 -1.29 1.67
CA LYS A 146 -14.88 -2.47 0.93
C LYS A 146 -13.98 -3.64 1.28
N GLN A 147 -12.71 -3.38 1.51
CA GLN A 147 -11.75 -4.41 1.85
C GLN A 147 -12.01 -4.97 3.24
N HIS A 148 -11.98 -4.09 4.23
CA HIS A 148 -12.20 -4.51 5.61
C HIS A 148 -13.60 -5.08 5.78
N ASP A 149 -14.58 -4.41 5.17
CA ASP A 149 -15.97 -4.85 5.27
C ASP A 149 -16.10 -6.28 4.79
N ALA A 150 -15.14 -6.73 4.00
CA ALA A 150 -15.17 -8.09 3.46
C ALA A 150 -15.15 -9.11 4.59
N LEU A 151 -14.39 -8.81 5.64
CA LEU A 151 -14.27 -9.72 6.77
C LEU A 151 -15.60 -9.86 7.49
N LYS A 152 -16.43 -8.85 7.40
CA LYS A 152 -17.73 -8.88 8.06
C LYS A 152 -18.73 -9.70 7.25
N ASN A 153 -18.42 -9.91 5.98
CA ASN A 153 -19.29 -10.69 5.11
C ASN A 153 -19.08 -12.18 5.32
N LEU A 154 -17.88 -12.56 5.75
CA LEU A 154 -17.55 -13.97 5.97
C LEU A 154 -18.01 -14.41 7.34
N LYS A 155 -18.43 -13.46 8.16
CA LYS A 155 -18.91 -13.76 9.51
C LYS A 155 -20.26 -14.47 9.46
N GLU A 156 -21.14 -14.00 8.59
CA GLU A 156 -22.46 -14.58 8.46
C GLU A 156 -22.38 -15.96 7.80
N LYS A 157 -21.49 -16.08 6.82
CA LYS A 157 -21.34 -17.34 6.10
C LYS A 157 -20.53 -18.34 6.93
N ALA A 158 -20.01 -17.87 8.05
CA ALA A 158 -19.22 -18.73 8.94
C ALA A 158 -20.13 -19.54 9.86
N LYS A 159 -21.43 -19.40 9.67
CA LYS A 159 -22.38 -20.12 10.49
C LYS A 159 -22.24 -21.61 10.28
N THR A 160 -22.21 -22.03 9.01
CA THR A 160 -22.09 -23.45 8.67
C THR A 160 -22.95 -24.31 9.59
N ALA A 161 -24.28 -24.16 9.47
CA ALA A 161 -25.24 -24.92 10.29
C ALA A 161 -26.31 -25.55 9.42
N THR A 162 -26.48 -25.01 8.22
CA THR A 162 -27.48 -25.54 7.29
C THR A 162 -27.06 -26.92 6.78
N THR A 163 -28.02 -27.83 6.69
CA THR A 163 -27.75 -29.18 6.21
C THR A 163 -27.57 -29.18 4.70
N THR A 164 -27.76 -30.35 4.09
CA THR A 164 -27.62 -30.49 2.65
C THR A 164 -28.32 -31.74 2.15
N GLY A 1 30.13 10.06 19.98
CA GLY A 1 29.83 9.59 18.58
C GLY A 1 29.62 10.79 17.67
N LEU A 2 30.11 10.69 16.45
CA LEU A 2 29.97 11.77 15.49
C LEU A 2 28.55 11.83 14.95
N THR A 3 28.09 13.05 14.67
CA THR A 3 26.74 13.23 14.15
C THR A 3 26.66 12.78 12.71
N GLY A 4 25.46 12.39 12.27
CA GLY A 4 25.25 11.95 10.90
C GLY A 4 23.99 11.09 10.79
N GLU A 5 22.84 11.73 11.01
CA GLU A 5 21.57 11.02 10.94
C GLU A 5 21.46 10.21 9.66
N THR A 6 22.29 10.54 8.69
CA THR A 6 22.28 9.85 7.41
C THR A 6 22.79 8.42 7.57
N LYS A 7 23.97 8.29 8.16
CA LYS A 7 24.56 6.96 8.38
C LYS A 7 23.58 6.07 9.14
N ILE A 8 22.69 6.69 9.91
CA ILE A 8 21.73 5.94 10.70
C ILE A 8 20.50 5.61 9.87
N ARG A 9 20.45 6.15 8.67
CA ARG A 9 19.32 5.91 7.79
C ARG A 9 19.41 4.52 7.17
N LEU A 10 20.05 3.61 7.87
CA LEU A 10 20.20 2.27 7.36
C LEU A 10 18.84 1.60 7.16
N GLU A 11 17.97 1.78 8.14
CA GLU A 11 16.65 1.18 8.07
C GLU A 11 15.94 1.60 6.79
N SER A 12 16.35 2.74 6.24
CA SER A 12 15.75 3.23 5.00
C SER A 12 14.25 3.39 5.17
N SER A 13 13.52 3.38 4.05
CA SER A 13 12.07 3.52 4.08
C SER A 13 11.43 2.71 2.95
N ALA A 14 11.66 3.14 1.72
CA ALA A 14 11.09 2.46 0.56
C ALA A 14 11.64 1.03 0.47
N GLN A 15 12.90 0.86 0.83
CA GLN A 15 13.52 -0.46 0.78
C GLN A 15 13.01 -1.34 1.92
N GLU A 16 12.57 -0.70 3.01
CA GLU A 16 12.07 -1.44 4.16
C GLU A 16 10.67 -1.99 3.89
N ILE A 17 9.71 -1.08 3.73
CA ILE A 17 8.33 -1.49 3.45
C ILE A 17 8.29 -2.58 2.38
N LYS A 18 9.34 -2.62 1.56
CA LYS A 18 9.41 -3.62 0.50
C LYS A 18 9.42 -5.03 1.08
N ASP A 19 10.24 -5.24 2.11
CA ASP A 19 10.34 -6.54 2.75
C ASP A 19 9.17 -6.75 3.72
N GLU A 20 8.59 -5.65 4.17
CA GLU A 20 7.48 -5.73 5.11
C GLU A 20 6.29 -6.45 4.48
N ILE A 21 5.92 -6.02 3.28
CA ILE A 21 4.79 -6.62 2.57
C ILE A 21 5.15 -8.02 2.12
N ASN A 22 6.40 -8.21 1.71
CA ASN A 22 6.86 -9.52 1.25
C ASN A 22 6.40 -10.62 2.19
N LYS A 23 6.02 -10.23 3.40
CA LYS A 23 5.55 -11.18 4.38
C LYS A 23 4.25 -11.85 3.93
N ILE A 24 3.34 -11.07 3.38
CA ILE A 24 2.05 -11.59 2.95
C ILE A 24 2.24 -12.58 1.80
N LYS A 25 3.35 -12.46 1.08
CA LYS A 25 3.62 -13.34 -0.04
C LYS A 25 4.10 -14.69 0.44
N ALA A 26 5.10 -14.68 1.32
CA ALA A 26 5.63 -15.92 1.87
C ALA A 26 4.58 -16.65 2.67
N ASN A 27 3.79 -15.91 3.44
CA ASN A 27 2.74 -16.50 4.25
C ASN A 27 1.82 -17.35 3.40
N ALA A 28 1.89 -17.14 2.08
CA ALA A 28 1.05 -17.89 1.15
C ALA A 28 1.55 -19.32 0.98
N LYS A 29 2.87 -19.47 0.92
CA LYS A 29 3.47 -20.78 0.75
C LYS A 29 3.02 -21.72 1.86
N LYS A 30 2.81 -21.16 3.04
CA LYS A 30 2.43 -21.95 4.20
C LYS A 30 0.92 -22.18 4.19
N GLU A 31 0.22 -21.36 3.41
CA GLU A 31 -1.22 -21.48 3.32
C GLU A 31 -1.61 -22.78 2.60
N GLY A 32 -0.65 -23.39 1.93
CA GLY A 32 -0.91 -24.61 1.18
C GLY A 32 -1.81 -24.33 -0.02
N VAL A 33 -2.50 -23.20 0.01
CA VAL A 33 -3.39 -22.84 -1.09
C VAL A 33 -2.58 -22.48 -2.33
N LYS A 34 -3.25 -22.53 -3.48
CA LYS A 34 -2.58 -22.20 -4.74
C LYS A 34 -2.44 -20.69 -4.88
N PHE A 35 -1.22 -20.20 -4.86
CA PHE A 35 -0.96 -18.78 -4.97
C PHE A 35 -1.51 -18.23 -6.27
N GLU A 36 -1.28 -18.95 -7.36
CA GLU A 36 -1.76 -18.52 -8.67
C GLU A 36 -3.25 -18.21 -8.62
N ALA A 37 -3.97 -18.96 -7.80
CA ALA A 37 -5.41 -18.76 -7.65
C ALA A 37 -5.70 -17.51 -6.84
N PHE A 38 -4.67 -16.96 -6.20
CA PHE A 38 -4.83 -15.78 -5.37
C PHE A 38 -5.64 -14.71 -6.10
N THR A 39 -5.51 -14.68 -7.42
CA THR A 39 -6.23 -13.71 -8.24
C THR A 39 -7.56 -14.27 -8.72
N ASN A 40 -7.50 -15.43 -9.37
CA ASN A 40 -8.70 -16.07 -9.90
C ASN A 40 -9.68 -16.42 -8.79
N THR A 41 -9.13 -16.72 -7.62
CA THR A 41 -9.96 -17.09 -6.47
C THR A 41 -10.93 -15.97 -6.14
N GLN A 42 -10.62 -14.76 -6.60
CA GLN A 42 -11.49 -13.61 -6.32
C GLN A 42 -12.94 -13.95 -6.57
N THR A 43 -13.20 -14.64 -7.68
CA THR A 43 -14.56 -15.03 -8.03
C THR A 43 -14.92 -16.37 -7.40
N GLY A 44 -13.99 -17.32 -7.47
CA GLY A 44 -14.21 -18.65 -6.90
C GLY A 44 -14.32 -18.58 -5.39
N SER A 45 -13.94 -17.45 -4.82
CA SER A 45 -13.98 -17.27 -3.37
C SER A 45 -15.30 -17.75 -2.79
N LYS A 46 -16.31 -17.84 -3.64
CA LYS A 46 -17.62 -18.31 -3.22
C LYS A 46 -17.55 -19.75 -2.72
N ILE A 47 -16.68 -20.54 -3.34
CA ILE A 47 -16.51 -21.93 -2.94
C ILE A 47 -15.53 -22.04 -1.78
N SER A 48 -14.60 -21.10 -1.71
CA SER A 48 -13.61 -21.11 -0.65
C SER A 48 -14.29 -21.07 0.72
N GLU A 49 -14.10 -22.13 1.48
CA GLU A 49 -14.70 -22.22 2.81
C GLU A 49 -14.07 -21.20 3.75
N LYS A 50 -12.75 -21.00 3.62
CA LYS A 50 -12.03 -20.05 4.47
C LYS A 50 -11.03 -19.24 3.65
N PRO A 51 -11.50 -18.30 2.89
CA PRO A 51 -10.63 -17.42 2.05
C PRO A 51 -10.02 -16.28 2.85
N GLU A 52 -10.20 -16.34 4.17
CA GLU A 52 -9.67 -15.30 5.04
C GLU A 52 -8.18 -15.07 4.76
N PHE A 53 -7.58 -15.98 4.03
CA PHE A 53 -6.16 -15.85 3.68
C PHE A 53 -5.95 -14.68 2.72
N ILE A 54 -6.73 -14.66 1.64
CA ILE A 54 -6.59 -13.60 0.66
C ILE A 54 -6.97 -12.26 1.27
N LEU A 55 -8.06 -12.27 2.03
CA LEU A 55 -8.52 -11.04 2.66
C LEU A 55 -7.50 -10.52 3.63
N LYS A 56 -6.94 -11.42 4.42
CA LYS A 56 -5.95 -11.03 5.40
C LYS A 56 -4.79 -10.30 4.73
N ALA A 57 -4.31 -10.84 3.63
CA ALA A 57 -3.19 -10.23 2.91
C ALA A 57 -3.67 -9.00 2.16
N LYS A 58 -4.97 -8.84 2.03
CA LYS A 58 -5.54 -7.71 1.33
C LYS A 58 -5.73 -6.52 2.25
N ILE A 59 -6.23 -6.79 3.46
CA ILE A 59 -6.45 -5.74 4.45
C ILE A 59 -5.14 -5.30 5.08
N LYS A 60 -4.28 -6.27 5.36
CA LYS A 60 -2.99 -5.98 5.97
C LYS A 60 -2.18 -5.07 5.07
N ALA A 61 -2.60 -4.96 3.82
CA ALA A 61 -1.90 -4.12 2.85
C ALA A 61 -2.36 -2.67 2.98
N ILE A 62 -3.67 -2.47 3.05
CA ILE A 62 -4.20 -1.13 3.16
C ILE A 62 -3.63 -0.41 4.36
N GLN A 63 -3.72 -1.05 5.52
CA GLN A 63 -3.22 -0.42 6.74
C GLN A 63 -1.77 -0.01 6.56
N VAL A 64 -1.00 -0.89 5.95
CA VAL A 64 0.41 -0.61 5.71
C VAL A 64 0.55 0.54 4.73
N ALA A 65 -0.29 0.54 3.71
CA ALA A 65 -0.22 1.59 2.68
C ALA A 65 -0.20 2.97 3.33
N GLU A 66 -0.96 3.11 4.40
CA GLU A 66 -1.03 4.38 5.11
C GLU A 66 0.37 4.87 5.46
N ARG A 67 1.33 3.96 5.44
CA ARG A 67 2.70 4.33 5.76
C ARG A 67 3.35 5.11 4.63
N PHE A 68 2.81 4.94 3.44
CA PHE A 68 3.39 5.62 2.28
C PHE A 68 3.06 7.10 2.30
N VAL A 69 1.79 7.42 2.09
CA VAL A 69 1.37 8.82 2.07
C VAL A 69 1.96 9.58 3.25
N LYS A 70 2.28 8.84 4.31
CA LYS A 70 2.85 9.45 5.50
C LYS A 70 4.28 9.90 5.27
N ALA A 71 5.05 9.05 4.62
CA ALA A 71 6.44 9.37 4.32
C ALA A 71 6.53 10.46 3.26
N ILE A 72 5.54 10.49 2.38
CA ILE A 72 5.53 11.48 1.31
C ILE A 72 5.50 12.88 1.89
N LYS A 73 4.65 13.10 2.86
CA LYS A 73 4.50 14.42 3.44
C LYS A 73 5.82 14.86 4.06
N GLU A 74 6.36 14.03 4.95
CA GLU A 74 7.62 14.35 5.60
C GLU A 74 8.73 14.53 4.58
N GLU A 75 8.68 13.73 3.52
CA GLU A 75 9.70 13.81 2.48
C GLU A 75 9.62 15.15 1.75
N ALA A 76 8.40 15.65 1.59
CA ALA A 76 8.18 16.92 0.90
C ALA A 76 8.67 18.09 1.77
N GLU A 77 8.50 17.95 3.07
CA GLU A 77 8.91 19.01 3.99
C GLU A 77 10.36 19.40 3.74
N LYS A 78 11.11 18.50 3.13
CA LYS A 78 12.53 18.76 2.86
C LYS A 78 12.68 19.55 1.58
N LEU A 79 11.60 19.60 0.79
CA LEU A 79 11.64 20.33 -0.46
C LEU A 79 11.25 21.78 -0.27
N LYS A 80 10.71 22.09 0.89
CA LYS A 80 10.30 23.46 1.18
C LYS A 80 11.32 24.46 0.67
N LYS A 81 12.59 24.07 0.69
CA LYS A 81 13.65 24.93 0.21
C LYS A 81 14.99 24.20 0.23
N SER A 82 15.02 23.05 0.90
CA SER A 82 16.26 22.26 1.00
C SER A 82 16.24 21.10 0.02
N GLY A 83 16.39 21.41 -1.27
CA GLY A 83 16.41 20.39 -2.30
C GLY A 83 16.04 20.97 -3.67
N SER A 84 15.13 21.93 -3.66
CA SER A 84 14.70 22.56 -4.91
C SER A 84 14.03 21.54 -5.82
N SER A 85 13.39 22.02 -6.88
CA SER A 85 12.70 21.14 -7.82
C SER A 85 13.64 20.02 -8.28
N GLY A 86 14.93 20.27 -8.20
CA GLY A 86 15.92 19.27 -8.60
C GLY A 86 15.83 18.02 -7.72
N ALA A 87 15.92 18.23 -6.41
CA ALA A 87 15.85 17.11 -5.48
C ALA A 87 14.52 16.35 -5.63
N PHE A 88 13.47 17.09 -5.94
CA PHE A 88 12.16 16.49 -6.11
C PHE A 88 12.19 15.41 -7.19
N SER A 89 13.07 15.58 -8.17
CA SER A 89 13.20 14.61 -9.24
C SER A 89 13.70 13.28 -8.71
N ALA A 90 14.70 13.33 -7.84
CA ALA A 90 15.26 12.11 -7.28
C ALA A 90 14.23 11.38 -6.44
N MET A 91 13.62 12.09 -5.50
CA MET A 91 12.63 11.46 -4.63
C MET A 91 11.41 11.00 -5.41
N TYR A 92 10.91 11.87 -6.27
CA TYR A 92 9.73 11.55 -7.06
C TYR A 92 10.02 10.39 -8.00
N ASP A 93 11.15 10.46 -8.68
CA ASP A 93 11.53 9.40 -9.64
C ASP A 93 11.21 8.02 -9.06
N LEU A 94 11.52 7.82 -7.79
CA LEU A 94 11.25 6.54 -7.15
C LEU A 94 9.77 6.25 -7.14
N MET A 95 8.97 7.27 -6.85
CA MET A 95 7.53 7.09 -6.81
C MET A 95 7.03 6.23 -7.97
N ILE A 96 7.86 6.09 -9.00
CA ILE A 96 7.52 5.30 -10.16
C ILE A 96 8.22 3.95 -10.11
N ASP A 97 9.50 3.95 -9.75
CA ASP A 97 10.26 2.71 -9.67
C ASP A 97 9.78 1.84 -8.53
N VAL A 98 9.17 2.46 -7.53
CA VAL A 98 8.67 1.74 -6.37
C VAL A 98 7.23 1.28 -6.59
N SER A 99 6.54 1.97 -7.50
CA SER A 99 5.14 1.63 -7.79
C SER A 99 5.04 0.39 -8.65
N LYS A 100 6.09 0.11 -9.40
CA LYS A 100 6.12 -1.07 -10.27
C LYS A 100 6.16 -2.34 -9.42
N PRO A 101 7.18 -2.51 -8.62
CA PRO A 101 7.33 -3.72 -7.75
C PRO A 101 6.21 -3.82 -6.73
N LEU A 102 5.92 -2.71 -6.06
CA LEU A 102 4.89 -2.69 -5.05
C LEU A 102 3.66 -3.43 -5.53
N GLU A 103 3.39 -3.37 -6.82
CA GLU A 103 2.22 -4.04 -7.40
C GLU A 103 2.03 -5.43 -6.79
N GLU A 104 3.09 -5.98 -6.23
CA GLU A 104 3.05 -7.28 -5.62
C GLU A 104 2.00 -7.33 -4.53
N ILE A 105 1.51 -6.17 -4.13
CA ILE A 105 0.49 -6.08 -3.08
C ILE A 105 -0.82 -5.53 -3.65
N GLY A 106 -0.78 -5.10 -4.89
CA GLY A 106 -1.97 -4.55 -5.52
C GLY A 106 -2.37 -3.22 -4.93
N ILE A 107 -1.42 -2.28 -4.88
CA ILE A 107 -1.70 -0.93 -4.37
C ILE A 107 -1.26 0.09 -5.44
N GLN A 108 -0.69 -0.37 -6.52
CA GLN A 108 -0.25 0.54 -7.57
C GLN A 108 -1.41 1.39 -8.10
N LYS A 109 -2.51 1.45 -7.35
CA LYS A 109 -3.67 2.22 -7.72
C LYS A 109 -3.57 3.63 -7.12
N MET A 110 -3.54 3.69 -5.79
CA MET A 110 -3.46 4.99 -5.10
C MET A 110 -2.24 5.75 -5.60
N THR A 111 -1.10 5.06 -5.67
CA THR A 111 0.12 5.69 -6.15
C THR A 111 -0.02 6.08 -7.61
N GLY A 112 -1.00 5.50 -8.28
CA GLY A 112 -1.26 5.79 -9.69
C GLY A 112 -1.96 7.14 -9.83
N THR A 113 -2.77 7.50 -8.84
CA THR A 113 -3.50 8.76 -8.87
C THR A 113 -2.53 9.94 -8.78
N VAL A 114 -1.32 9.67 -8.27
CA VAL A 114 -0.32 10.72 -8.12
C VAL A 114 -0.03 11.34 -9.48
N LYS A 115 0.11 10.52 -10.51
CA LYS A 115 0.40 11.02 -11.84
C LYS A 115 -0.66 12.03 -12.26
N GLU A 116 -1.93 11.65 -12.12
CA GLU A 116 -3.01 12.54 -12.49
C GLU A 116 -3.03 13.76 -11.57
N ALA A 117 -2.67 13.54 -10.30
CA ALA A 117 -2.65 14.62 -9.34
C ALA A 117 -1.65 15.70 -9.76
N ALA A 118 -0.68 15.30 -10.57
CA ALA A 118 0.34 16.24 -11.05
C ALA A 118 -0.23 17.14 -12.12
N GLN A 119 -1.51 16.92 -12.47
CA GLN A 119 -2.16 17.73 -13.49
C GLN A 119 -2.80 18.95 -12.89
N LYS A 120 -3.30 18.82 -11.65
CA LYS A 120 -3.95 19.94 -10.96
C LYS A 120 -3.07 20.44 -9.83
N THR A 121 -2.38 19.52 -9.14
CA THR A 121 -1.53 19.86 -8.02
C THR A 121 -0.06 19.69 -8.41
N PRO A 122 0.63 20.77 -8.72
CA PRO A 122 2.05 20.71 -9.14
C PRO A 122 2.99 20.53 -7.95
N ALA A 123 3.92 19.59 -8.09
CA ALA A 123 4.90 19.32 -7.04
C ALA A 123 6.05 20.33 -7.11
N THR A 124 5.77 21.49 -7.70
CA THR A 124 6.80 22.53 -7.85
C THR A 124 7.29 23.00 -6.50
N THR A 125 6.72 22.46 -5.44
CA THR A 125 7.11 22.84 -4.09
C THR A 125 6.62 21.83 -3.07
N ALA A 126 7.15 21.91 -1.85
CA ALA A 126 6.74 20.98 -0.79
C ALA A 126 5.26 21.10 -0.50
N ASP A 127 4.82 22.28 -0.06
CA ASP A 127 3.42 22.51 0.26
C ASP A 127 2.51 21.87 -0.79
N GLY A 128 2.86 22.06 -2.06
CA GLY A 128 2.07 21.50 -3.14
C GLY A 128 1.97 19.99 -3.01
N ILE A 129 3.08 19.35 -2.68
CA ILE A 129 3.09 17.89 -2.54
C ILE A 129 2.27 17.46 -1.33
N ILE A 130 2.49 18.14 -0.20
CA ILE A 130 1.78 17.79 1.03
C ILE A 130 0.30 17.57 0.74
N ALA A 131 -0.21 18.29 -0.25
CA ALA A 131 -1.61 18.16 -0.62
C ALA A 131 -1.83 16.85 -1.38
N ILE A 132 -0.92 16.55 -2.29
CA ILE A 132 -1.03 15.34 -3.09
C ILE A 132 -1.22 14.13 -2.18
N ALA A 133 -0.67 14.21 -0.97
CA ALA A 133 -0.80 13.12 -0.01
C ALA A 133 -2.24 12.97 0.45
N GLN A 134 -2.99 14.06 0.40
CA GLN A 134 -4.39 14.03 0.82
C GLN A 134 -5.24 13.24 -0.16
N ALA A 135 -4.98 13.44 -1.46
CA ALA A 135 -5.72 12.74 -2.49
C ALA A 135 -5.64 11.23 -2.29
N MET A 136 -4.43 10.73 -2.08
CA MET A 136 -4.23 9.29 -1.86
C MET A 136 -4.82 8.87 -0.53
N GLU A 137 -4.76 9.75 0.46
CA GLU A 137 -5.29 9.44 1.77
C GLU A 137 -6.80 9.19 1.70
N ASP A 138 -7.49 10.03 0.96
CA ASP A 138 -8.93 9.90 0.83
C ASP A 138 -9.28 8.63 0.06
N LYS A 139 -8.39 8.20 -0.81
CA LYS A 139 -8.62 6.99 -1.60
C LYS A 139 -8.48 5.75 -0.74
N LEU A 140 -7.47 5.73 0.10
CA LEU A 140 -7.24 4.59 0.97
C LEU A 140 -8.44 4.32 1.84
N ASN A 141 -9.17 5.38 2.14
CA ASN A 141 -10.38 5.25 2.98
C ASN A 141 -11.52 4.63 2.18
N ASN A 142 -11.57 4.92 0.89
CA ASN A 142 -12.63 4.41 0.04
C ASN A 142 -12.53 2.90 -0.10
N VAL A 143 -11.31 2.41 -0.29
CA VAL A 143 -11.08 0.97 -0.44
C VAL A 143 -11.10 0.27 0.91
N ASN A 144 -10.64 0.97 1.94
CA ASN A 144 -10.60 0.40 3.27
C ASN A 144 -11.99 -0.10 3.68
N LYS A 145 -13.02 0.62 3.26
CA LYS A 145 -14.39 0.25 3.60
C LYS A 145 -14.78 -1.05 2.91
N LYS A 146 -14.87 -1.01 1.59
CA LYS A 146 -15.24 -2.20 0.83
C LYS A 146 -14.43 -3.40 1.27
N GLN A 147 -13.22 -3.16 1.74
CA GLN A 147 -12.35 -4.23 2.20
C GLN A 147 -12.89 -4.85 3.48
N HIS A 148 -12.92 -4.06 4.54
CA HIS A 148 -13.39 -4.53 5.83
C HIS A 148 -14.87 -4.92 5.72
N ASP A 149 -15.58 -4.30 4.80
CA ASP A 149 -17.00 -4.59 4.61
C ASP A 149 -17.19 -6.04 4.21
N ALA A 150 -16.33 -6.52 3.32
CA ALA A 150 -16.42 -7.90 2.85
C ALA A 150 -15.97 -8.87 3.95
N LEU A 151 -14.96 -8.46 4.70
CA LEU A 151 -14.45 -9.29 5.77
C LEU A 151 -15.52 -9.54 6.82
N LYS A 152 -16.28 -8.49 7.13
CA LYS A 152 -17.33 -8.59 8.13
C LYS A 152 -18.54 -9.30 7.56
N ASN A 153 -18.67 -9.28 6.23
CA ASN A 153 -19.78 -9.94 5.57
C ASN A 153 -19.46 -11.41 5.31
N LEU A 154 -18.18 -11.75 5.36
CA LEU A 154 -17.77 -13.12 5.12
C LEU A 154 -18.26 -14.04 6.23
N LYS A 155 -18.75 -13.44 7.29
CA LYS A 155 -19.24 -14.23 8.42
C LYS A 155 -20.48 -15.01 8.02
N GLU A 156 -21.42 -14.34 7.37
CA GLU A 156 -22.66 -14.99 6.94
C GLU A 156 -22.38 -15.96 5.80
N LYS A 157 -21.53 -15.54 4.87
CA LYS A 157 -21.20 -16.38 3.72
C LYS A 157 -20.36 -17.57 4.16
N ALA A 158 -20.04 -17.61 5.44
CA ALA A 158 -19.24 -18.71 5.99
C ALA A 158 -19.22 -18.65 7.50
N LYS A 159 -19.90 -19.63 8.14
CA LYS A 159 -19.95 -19.69 9.60
C LYS A 159 -19.05 -20.80 10.12
N THR A 160 -18.44 -20.56 11.26
CA THR A 160 -17.54 -21.55 11.87
C THR A 160 -18.35 -22.58 12.65
N ALA A 161 -19.66 -22.55 12.48
CA ALA A 161 -20.53 -23.50 13.17
C ALA A 161 -20.22 -24.92 12.75
N THR A 162 -19.90 -25.09 11.47
CA THR A 162 -19.57 -26.42 10.93
C THR A 162 -18.30 -26.37 10.10
N THR A 163 -17.36 -27.27 10.40
CA THR A 163 -16.11 -27.32 9.67
C THR A 163 -16.34 -27.77 8.23
N THR A 164 -17.32 -28.65 8.04
CA THR A 164 -17.64 -29.15 6.71
C THR A 164 -19.01 -29.83 6.71
N GLY A 1 8.01 -0.01 24.92
CA GLY A 1 9.42 -0.49 24.91
C GLY A 1 10.17 0.16 23.76
N LEU A 2 11.10 -0.59 23.18
CA LEU A 2 11.90 -0.08 22.06
C LEU A 2 11.02 0.08 20.83
N THR A 3 11.27 1.15 20.08
CA THR A 3 10.50 1.43 18.86
C THR A 3 11.19 0.81 17.65
N GLY A 4 10.41 0.51 16.62
CA GLY A 4 10.95 -0.09 15.41
C GLY A 4 12.17 0.69 14.93
N GLU A 5 12.88 0.13 13.97
CA GLU A 5 14.09 0.76 13.41
C GLU A 5 13.79 1.42 12.09
N THR A 6 12.65 1.09 11.51
CA THR A 6 12.25 1.65 10.23
C THR A 6 11.86 3.12 10.37
N LYS A 7 10.99 3.41 11.33
CA LYS A 7 10.56 4.77 11.56
C LYS A 7 11.75 5.67 11.82
N ILE A 8 12.85 5.08 12.26
CA ILE A 8 14.05 5.84 12.58
C ILE A 8 14.87 6.05 11.33
N ARG A 9 15.26 4.96 10.69
CA ARG A 9 16.06 5.03 9.47
C ARG A 9 15.16 5.18 8.26
N LEU A 10 14.08 5.94 8.41
CA LEU A 10 13.15 6.14 7.33
C LEU A 10 13.83 6.87 6.17
N GLU A 11 14.65 7.87 6.50
CA GLU A 11 15.34 8.65 5.48
C GLU A 11 16.13 7.73 4.56
N SER A 12 16.20 6.44 4.91
CA SER A 12 16.93 5.47 4.10
C SER A 12 16.48 5.56 2.64
N SER A 13 15.52 4.71 2.26
CA SER A 13 15.02 4.69 0.90
C SER A 13 13.77 3.82 0.81
N ALA A 14 13.10 3.90 -0.34
CA ALA A 14 11.87 3.12 -0.56
C ALA A 14 12.22 1.68 -0.91
N GLN A 15 13.50 1.33 -0.87
CA GLN A 15 13.94 -0.02 -1.18
C GLN A 15 13.62 -0.96 -0.03
N GLU A 16 13.76 -0.47 1.20
CA GLU A 16 13.51 -1.30 2.36
C GLU A 16 12.09 -1.83 2.38
N ILE A 17 11.14 -0.91 2.40
CA ILE A 17 9.72 -1.28 2.40
C ILE A 17 9.44 -2.34 1.32
N LYS A 18 10.32 -2.41 0.34
CA LYS A 18 10.14 -3.35 -0.75
C LYS A 18 10.14 -4.79 -0.24
N ASP A 19 11.10 -5.10 0.62
CA ASP A 19 11.20 -6.45 1.17
C ASP A 19 10.14 -6.68 2.25
N GLU A 20 9.68 -5.58 2.85
CA GLU A 20 8.68 -5.68 3.91
C GLU A 20 7.37 -6.26 3.38
N ILE A 21 6.88 -5.69 2.29
CA ILE A 21 5.64 -6.15 1.69
C ILE A 21 5.80 -7.59 1.18
N ASN A 22 6.97 -7.89 0.64
CA ASN A 22 7.23 -9.23 0.12
C ASN A 22 7.02 -10.26 1.22
N LYS A 23 6.95 -9.80 2.45
CA LYS A 23 6.77 -10.71 3.58
C LYS A 23 5.49 -11.51 3.43
N ILE A 24 4.42 -10.85 3.01
CA ILE A 24 3.13 -11.52 2.85
C ILE A 24 3.23 -12.60 1.77
N LYS A 25 4.16 -12.43 0.82
CA LYS A 25 4.33 -13.39 -0.25
C LYS A 25 4.87 -14.71 0.30
N ALA A 26 5.89 -14.61 1.16
CA ALA A 26 6.48 -15.81 1.77
C ALA A 26 5.50 -16.47 2.72
N ASN A 27 4.80 -15.65 3.51
CA ASN A 27 3.84 -16.17 4.47
C ASN A 27 2.83 -17.06 3.75
N ALA A 28 2.66 -16.83 2.45
CA ALA A 28 1.74 -17.62 1.65
C ALA A 28 2.24 -19.05 1.48
N LYS A 29 3.56 -19.19 1.41
CA LYS A 29 4.16 -20.50 1.23
C LYS A 29 3.82 -21.41 2.38
N LYS A 30 3.76 -20.83 3.57
CA LYS A 30 3.47 -21.61 4.78
C LYS A 30 1.97 -21.88 4.89
N GLU A 31 1.18 -21.04 4.23
CA GLU A 31 -0.27 -21.19 4.27
C GLU A 31 -0.70 -22.48 3.60
N GLY A 32 0.25 -23.17 2.99
CA GLY A 32 -0.05 -24.42 2.30
C GLY A 32 -0.97 -24.19 1.10
N VAL A 33 -1.85 -23.20 1.21
CA VAL A 33 -2.78 -22.89 0.14
C VAL A 33 -2.07 -22.85 -1.21
N LYS A 34 -2.81 -23.09 -2.27
CA LYS A 34 -2.23 -23.06 -3.61
C LYS A 34 -1.91 -21.64 -4.03
N PHE A 35 -0.63 -21.29 -4.01
CA PHE A 35 -0.19 -19.96 -4.37
C PHE A 35 -0.60 -19.65 -5.81
N GLU A 36 -0.33 -20.58 -6.72
CA GLU A 36 -0.67 -20.38 -8.13
C GLU A 36 -2.11 -19.94 -8.26
N ALA A 37 -2.92 -20.23 -7.24
CA ALA A 37 -4.33 -19.85 -7.25
C ALA A 37 -4.50 -18.43 -6.73
N PHE A 38 -3.54 -17.95 -5.96
CA PHE A 38 -3.62 -16.61 -5.39
C PHE A 38 -3.88 -15.58 -6.48
N THR A 39 -3.58 -15.95 -7.72
CA THR A 39 -3.76 -15.03 -8.84
C THR A 39 -5.10 -15.29 -9.52
N ASN A 40 -5.43 -16.56 -9.71
CA ASN A 40 -6.69 -16.93 -10.36
C ASN A 40 -7.85 -16.80 -9.39
N THR A 41 -7.65 -17.25 -8.17
CA THR A 41 -8.69 -17.18 -7.15
C THR A 41 -9.15 -15.76 -6.93
N GLN A 42 -8.35 -14.82 -7.41
CA GLN A 42 -8.65 -13.39 -7.24
C GLN A 42 -10.13 -13.12 -7.53
N THR A 43 -10.55 -13.49 -8.72
CA THR A 43 -11.94 -13.31 -9.11
C THR A 43 -12.86 -14.17 -8.25
N GLY A 44 -12.47 -15.42 -8.03
CA GLY A 44 -13.27 -16.34 -7.23
C GLY A 44 -13.37 -15.87 -5.79
N SER A 45 -12.39 -15.09 -5.34
CA SER A 45 -12.37 -14.59 -3.98
C SER A 45 -13.61 -13.73 -3.72
N LYS A 46 -14.22 -13.23 -4.78
CA LYS A 46 -15.41 -12.41 -4.64
C LYS A 46 -16.57 -13.21 -4.10
N ILE A 47 -16.78 -14.39 -4.67
CA ILE A 47 -17.87 -15.26 -4.25
C ILE A 47 -17.39 -16.23 -3.19
N SER A 48 -16.19 -16.74 -3.37
CA SER A 48 -15.62 -17.71 -2.46
C SER A 48 -15.40 -17.09 -1.10
N GLU A 49 -14.70 -15.94 -1.07
CA GLU A 49 -14.44 -15.23 0.18
C GLU A 49 -14.30 -16.18 1.35
N LYS A 50 -13.71 -17.34 1.09
CA LYS A 50 -13.51 -18.35 2.10
C LYS A 50 -12.10 -18.26 2.71
N PRO A 51 -11.11 -17.88 1.92
CA PRO A 51 -9.71 -17.81 2.38
C PRO A 51 -9.42 -16.56 3.22
N GLU A 52 -9.68 -16.67 4.50
CA GLU A 52 -9.44 -15.55 5.40
C GLU A 52 -7.99 -15.07 5.25
N PHE A 53 -7.11 -15.94 4.76
CA PHE A 53 -5.71 -15.58 4.59
C PHE A 53 -5.54 -14.60 3.43
N ILE A 54 -5.89 -15.06 2.24
CA ILE A 54 -5.74 -14.22 1.05
C ILE A 54 -6.31 -12.83 1.32
N LEU A 55 -7.22 -12.76 2.28
CA LEU A 55 -7.85 -11.48 2.63
C LEU A 55 -7.11 -10.85 3.79
N LYS A 56 -6.43 -11.67 4.58
CA LYS A 56 -5.67 -11.15 5.72
C LYS A 56 -4.60 -10.17 5.26
N ALA A 57 -3.88 -10.56 4.21
CA ALA A 57 -2.82 -9.70 3.69
C ALA A 57 -3.43 -8.47 3.01
N LYS A 58 -4.52 -8.68 2.28
CA LYS A 58 -5.18 -7.59 1.57
C LYS A 58 -5.53 -6.46 2.53
N ILE A 59 -6.19 -6.81 3.65
CA ILE A 59 -6.56 -5.80 4.63
C ILE A 59 -5.34 -5.31 5.40
N LYS A 60 -4.53 -6.25 5.89
CA LYS A 60 -3.36 -5.93 6.66
C LYS A 60 -2.42 -5.10 5.82
N ALA A 61 -2.55 -5.21 4.50
CA ALA A 61 -1.71 -4.45 3.58
C ALA A 61 -2.14 -2.98 3.56
N ILE A 62 -3.35 -2.71 4.03
CA ILE A 62 -3.86 -1.34 4.06
C ILE A 62 -3.19 -0.55 5.18
N GLN A 63 -3.06 -1.19 6.33
CA GLN A 63 -2.46 -0.51 7.49
C GLN A 63 -1.07 0.03 7.14
N VAL A 64 -0.29 -0.79 6.46
CA VAL A 64 1.06 -0.39 6.06
C VAL A 64 1.00 0.55 4.87
N ALA A 65 -0.12 0.57 4.17
CA ALA A 65 -0.27 1.44 3.00
C ALA A 65 -0.27 2.92 3.40
N GLU A 66 -1.22 3.27 4.25
CA GLU A 66 -1.34 4.64 4.72
C GLU A 66 -0.01 5.15 5.25
N ARG A 67 0.91 4.24 5.52
CA ARG A 67 2.20 4.62 6.04
C ARG A 67 3.05 5.31 4.98
N PHE A 68 2.81 4.97 3.72
CA PHE A 68 3.59 5.57 2.63
C PHE A 68 3.23 7.03 2.43
N VAL A 69 1.99 7.27 2.01
CA VAL A 69 1.53 8.65 1.77
C VAL A 69 1.99 9.57 2.90
N LYS A 70 2.17 9.00 4.08
CA LYS A 70 2.62 9.77 5.23
C LYS A 70 4.07 10.19 5.08
N ALA A 71 4.89 9.29 4.57
CA ALA A 71 6.30 9.58 4.37
C ALA A 71 6.50 10.59 3.25
N ILE A 72 5.60 10.57 2.29
CA ILE A 72 5.70 11.47 1.16
C ILE A 72 5.77 12.92 1.65
N LYS A 73 5.04 13.21 2.70
CA LYS A 73 5.00 14.57 3.21
C LYS A 73 6.36 14.98 3.70
N GLU A 74 7.05 14.08 4.37
CA GLU A 74 8.38 14.38 4.90
C GLU A 74 9.36 14.67 3.77
N GLU A 75 9.32 13.84 2.74
CA GLU A 75 10.22 14.02 1.60
C GLU A 75 10.08 15.42 1.01
N ALA A 76 8.93 16.03 1.25
CA ALA A 76 8.67 17.37 0.73
C ALA A 76 9.17 18.45 1.71
N GLU A 77 9.10 18.12 2.99
CA GLU A 77 9.54 19.07 4.02
C GLU A 77 10.96 19.54 3.76
N LYS A 78 11.76 18.68 3.19
CA LYS A 78 13.17 19.02 2.91
C LYS A 78 13.28 19.53 1.49
N LEU A 79 12.21 19.38 0.71
CA LEU A 79 12.22 19.82 -0.67
C LEU A 79 12.03 21.32 -0.78
N LYS A 80 11.32 21.90 0.16
CA LYS A 80 11.05 23.35 0.14
C LYS A 80 12.29 24.15 -0.27
N LYS A 81 13.24 24.28 0.66
CA LYS A 81 14.47 25.02 0.38
C LYS A 81 15.04 24.63 -0.97
N SER A 82 15.05 23.32 -1.24
CA SER A 82 15.59 22.83 -2.50
C SER A 82 14.88 23.50 -3.66
N GLY A 83 13.54 23.45 -3.65
CA GLY A 83 12.76 24.07 -4.70
C GLY A 83 13.32 23.75 -6.08
N SER A 84 14.18 22.74 -6.15
CA SER A 84 14.82 22.34 -7.40
C SER A 84 14.04 21.22 -8.06
N SER A 85 13.43 21.54 -9.21
CA SER A 85 12.66 20.54 -9.94
C SER A 85 13.52 19.32 -10.25
N GLY A 86 14.83 19.46 -10.07
CA GLY A 86 15.75 18.35 -10.32
C GLY A 86 15.58 17.25 -9.28
N ALA A 87 15.45 17.66 -8.02
CA ALA A 87 15.29 16.69 -6.93
C ALA A 87 13.93 16.02 -7.01
N PHE A 88 12.91 16.81 -7.35
CA PHE A 88 11.56 16.28 -7.46
C PHE A 88 11.52 15.15 -8.48
N SER A 89 12.39 15.20 -9.48
CA SER A 89 12.42 14.18 -10.51
C SER A 89 12.86 12.84 -9.93
N ALA A 90 13.86 12.87 -9.06
CA ALA A 90 14.36 11.64 -8.46
C ALA A 90 13.29 10.96 -7.62
N MET A 91 12.67 11.72 -6.73
CA MET A 91 11.64 11.16 -5.86
C MET A 91 10.39 10.83 -6.65
N TYR A 92 9.98 11.74 -7.52
CA TYR A 92 8.79 11.54 -8.32
C TYR A 92 8.95 10.32 -9.22
N ASP A 93 10.07 10.25 -9.92
CA ASP A 93 10.32 9.13 -10.83
C ASP A 93 10.22 7.82 -10.07
N LEU A 94 10.80 7.79 -8.88
CA LEU A 94 10.77 6.59 -8.07
C LEU A 94 9.35 6.30 -7.59
N MET A 95 8.49 7.27 -7.72
CA MET A 95 7.11 7.13 -7.29
C MET A 95 6.37 6.15 -8.18
N ILE A 96 6.98 5.80 -9.32
CA ILE A 96 6.37 4.88 -10.28
C ILE A 96 7.17 3.60 -10.38
N ASP A 97 8.48 3.70 -10.20
CA ASP A 97 9.34 2.54 -10.28
C ASP A 97 9.07 1.59 -9.12
N VAL A 98 8.77 2.16 -7.96
CA VAL A 98 8.49 1.35 -6.77
C VAL A 98 7.01 0.96 -6.72
N SER A 99 6.17 1.77 -7.36
CA SER A 99 4.73 1.52 -7.37
C SER A 99 4.38 0.44 -8.40
N LYS A 100 5.25 0.24 -9.37
CA LYS A 100 5.04 -0.77 -10.40
C LYS A 100 4.98 -2.15 -9.75
N PRO A 101 6.05 -2.56 -9.10
CA PRO A 101 6.11 -3.89 -8.42
C PRO A 101 5.10 -3.97 -7.30
N LEU A 102 4.95 -2.86 -6.56
CA LEU A 102 4.04 -2.84 -5.44
C LEU A 102 2.72 -3.46 -5.81
N GLU A 103 2.29 -3.27 -7.05
CA GLU A 103 1.02 -3.81 -7.52
C GLU A 103 0.79 -5.23 -6.99
N GLU A 104 1.89 -5.92 -6.70
CA GLU A 104 1.83 -7.28 -6.17
C GLU A 104 0.97 -7.31 -4.92
N ILE A 105 0.67 -6.14 -4.36
CA ILE A 105 -0.16 -6.04 -3.17
C ILE A 105 -1.50 -5.41 -3.48
N GLY A 106 -1.65 -4.95 -4.70
CA GLY A 106 -2.91 -4.33 -5.09
C GLY A 106 -3.10 -2.97 -4.44
N ILE A 107 -2.11 -2.09 -4.57
CA ILE A 107 -2.20 -0.73 -4.03
C ILE A 107 -1.82 0.27 -5.12
N GLN A 108 -1.35 -0.22 -6.25
CA GLN A 108 -0.97 0.68 -7.34
C GLN A 108 -2.11 1.60 -7.78
N LYS A 109 -3.14 1.69 -6.97
CA LYS A 109 -4.31 2.52 -7.24
C LYS A 109 -4.13 3.86 -6.57
N MET A 110 -4.04 3.86 -5.23
CA MET A 110 -3.90 5.11 -4.49
C MET A 110 -2.71 5.89 -5.02
N THR A 111 -1.63 5.19 -5.33
CA THR A 111 -0.45 5.84 -5.87
C THR A 111 -0.73 6.42 -7.25
N GLY A 112 -1.32 5.59 -8.12
CA GLY A 112 -1.63 6.03 -9.48
C GLY A 112 -2.30 7.41 -9.48
N THR A 113 -2.98 7.71 -8.38
CA THR A 113 -3.65 9.01 -8.23
C THR A 113 -2.62 10.13 -8.18
N VAL A 114 -1.48 9.86 -7.57
CA VAL A 114 -0.43 10.87 -7.44
C VAL A 114 -0.17 11.54 -8.78
N LYS A 115 -0.15 10.75 -9.85
CA LYS A 115 0.11 11.30 -11.17
C LYS A 115 -0.92 12.38 -11.49
N GLU A 116 -2.19 12.08 -11.26
CA GLU A 116 -3.25 13.05 -11.53
C GLU A 116 -3.15 14.22 -10.55
N ALA A 117 -2.78 13.92 -9.32
CA ALA A 117 -2.64 14.95 -8.29
C ALA A 117 -1.61 15.99 -8.71
N ALA A 118 -0.56 15.53 -9.39
CA ALA A 118 0.50 16.43 -9.84
C ALA A 118 -0.05 17.40 -10.88
N GLN A 119 -0.92 16.88 -11.75
CA GLN A 119 -1.49 17.71 -12.79
C GLN A 119 -2.27 18.87 -12.19
N LYS A 120 -2.88 18.64 -11.03
CA LYS A 120 -3.67 19.67 -10.36
C LYS A 120 -2.80 20.48 -9.43
N THR A 121 -2.01 19.77 -8.61
CA THR A 121 -1.15 20.45 -7.65
C THR A 121 0.23 20.74 -8.25
N PRO A 122 0.84 21.86 -7.91
CA PRO A 122 2.18 22.21 -8.44
C PRO A 122 3.30 21.45 -7.72
N ALA A 123 3.69 20.32 -8.28
CA ALA A 123 4.77 19.52 -7.71
C ALA A 123 6.12 20.25 -7.88
N THR A 124 6.04 21.56 -8.05
CA THR A 124 7.25 22.37 -8.23
C THR A 124 7.72 22.94 -6.91
N THR A 125 7.07 22.51 -5.82
CA THR A 125 7.44 22.98 -4.47
C THR A 125 6.94 22.02 -3.41
N ALA A 126 7.56 22.07 -2.23
CA ALA A 126 7.17 21.20 -1.14
C ALA A 126 5.69 21.34 -0.84
N ASP A 127 5.29 22.53 -0.42
CA ASP A 127 3.89 22.79 -0.08
C ASP A 127 2.96 22.13 -1.09
N GLY A 128 3.32 22.23 -2.37
CA GLY A 128 2.53 21.63 -3.42
C GLY A 128 2.47 20.12 -3.28
N ILE A 129 3.60 19.52 -2.89
CA ILE A 129 3.66 18.07 -2.72
C ILE A 129 3.08 17.65 -1.38
N ILE A 130 3.01 18.58 -0.45
CA ILE A 130 2.48 18.30 0.86
C ILE A 130 0.99 18.00 0.78
N ALA A 131 0.29 18.78 -0.03
CA ALA A 131 -1.14 18.60 -0.18
C ALA A 131 -1.43 17.31 -0.92
N ILE A 132 -0.60 16.98 -1.89
CA ILE A 132 -0.82 15.77 -2.66
C ILE A 132 -1.03 14.56 -1.76
N ALA A 133 -0.56 14.66 -0.53
CA ALA A 133 -0.70 13.57 0.42
C ALA A 133 -2.15 13.35 0.78
N GLN A 134 -2.94 14.41 0.72
CA GLN A 134 -4.36 14.32 1.06
C GLN A 134 -5.15 13.61 -0.05
N ALA A 135 -4.59 13.64 -1.26
CA ALA A 135 -5.26 13.04 -2.41
C ALA A 135 -5.42 11.54 -2.19
N MET A 136 -4.31 10.88 -1.87
CA MET A 136 -4.32 9.45 -1.65
C MET A 136 -5.09 9.11 -0.38
N GLU A 137 -4.93 9.96 0.63
CA GLU A 137 -5.61 9.73 1.91
C GLU A 137 -7.11 9.56 1.70
N ASP A 138 -7.66 10.35 0.80
CA ASP A 138 -9.10 10.28 0.52
C ASP A 138 -9.46 8.93 -0.07
N LYS A 139 -8.55 8.35 -0.86
CA LYS A 139 -8.80 7.05 -1.48
C LYS A 139 -8.49 5.91 -0.52
N LEU A 140 -7.53 6.15 0.37
CA LEU A 140 -7.15 5.12 1.32
C LEU A 140 -8.31 4.76 2.23
N ASN A 141 -9.03 5.79 2.66
CA ASN A 141 -10.18 5.57 3.53
C ASN A 141 -11.34 4.98 2.73
N ASN A 142 -11.39 5.30 1.44
CA ASN A 142 -12.45 4.81 0.59
C ASN A 142 -12.42 3.30 0.48
N VAL A 143 -11.23 2.75 0.29
CA VAL A 143 -11.06 1.30 0.17
C VAL A 143 -11.02 0.66 1.54
N ASN A 144 -10.46 1.38 2.52
CA ASN A 144 -10.35 0.87 3.90
C ASN A 144 -11.62 0.12 4.29
N LYS A 145 -12.73 0.53 3.71
CA LYS A 145 -14.00 -0.11 3.98
C LYS A 145 -14.22 -1.34 3.11
N LYS A 146 -14.28 -1.14 1.80
CA LYS A 146 -14.51 -2.23 0.86
C LYS A 146 -13.65 -3.44 1.21
N GLN A 147 -12.39 -3.22 1.51
CA GLN A 147 -11.48 -4.30 1.86
C GLN A 147 -11.96 -5.00 3.12
N HIS A 148 -12.28 -4.23 4.15
CA HIS A 148 -12.74 -4.81 5.41
C HIS A 148 -14.18 -5.29 5.28
N ASP A 149 -14.90 -4.75 4.32
CA ASP A 149 -16.28 -5.15 4.12
C ASP A 149 -16.39 -6.63 3.82
N ALA A 150 -15.40 -7.16 3.12
CA ALA A 150 -15.39 -8.57 2.77
C ALA A 150 -15.18 -9.42 4.00
N LEU A 151 -14.27 -8.99 4.86
CA LEU A 151 -13.97 -9.72 6.07
C LEU A 151 -15.18 -9.77 7.00
N LYS A 152 -15.89 -8.66 7.07
CA LYS A 152 -17.07 -8.58 7.92
C LYS A 152 -18.16 -9.51 7.42
N ASN A 153 -18.18 -9.73 6.12
CA ASN A 153 -19.19 -10.58 5.50
C ASN A 153 -18.78 -12.04 5.61
N LEU A 154 -17.53 -12.27 5.99
CA LEU A 154 -17.03 -13.64 6.13
C LEU A 154 -17.43 -14.25 7.46
N LYS A 155 -17.82 -13.40 8.39
CA LYS A 155 -18.21 -13.89 9.70
C LYS A 155 -19.50 -14.70 9.60
N GLU A 156 -20.42 -14.25 8.77
CA GLU A 156 -21.70 -14.93 8.60
C GLU A 156 -21.48 -16.30 7.98
N LYS A 157 -20.56 -16.38 7.04
CA LYS A 157 -20.26 -17.65 6.38
C LYS A 157 -19.49 -18.57 7.31
N ALA A 158 -19.53 -18.25 8.61
CA ALA A 158 -18.83 -19.07 9.61
C ALA A 158 -19.57 -19.01 10.93
N LYS A 159 -19.50 -20.11 11.69
CA LYS A 159 -20.18 -20.18 12.99
C LYS A 159 -19.50 -21.22 13.86
N THR A 160 -20.05 -21.41 15.07
CA THR A 160 -19.50 -22.39 16.01
C THR A 160 -20.62 -23.15 16.70
N ALA A 161 -21.66 -23.49 15.95
CA ALA A 161 -22.78 -24.24 16.51
C ALA A 161 -22.32 -25.58 17.05
N THR A 162 -21.26 -26.13 16.44
CA THR A 162 -20.72 -27.42 16.86
C THR A 162 -19.95 -27.27 18.16
N THR A 163 -19.64 -28.39 18.79
CA THR A 163 -18.90 -28.38 20.05
C THR A 163 -19.66 -27.59 21.11
N THR A 164 -19.56 -26.26 21.03
CA THR A 164 -20.24 -25.40 21.99
C THR A 164 -21.74 -25.68 21.99
N GLY A 1 10.20 -13.63 13.74
CA GLY A 1 10.73 -12.37 14.35
C GLY A 1 10.99 -11.36 13.25
N LEU A 2 10.72 -10.08 13.54
CA LEU A 2 10.92 -9.02 12.58
C LEU A 2 12.41 -8.77 12.36
N THR A 3 12.77 -8.38 11.14
CA THR A 3 14.16 -8.12 10.81
C THR A 3 14.66 -6.90 11.59
N GLY A 4 15.91 -6.98 12.04
CA GLY A 4 16.51 -5.89 12.80
C GLY A 4 16.89 -4.73 11.88
N GLU A 5 15.89 -4.15 11.21
CA GLU A 5 16.10 -3.02 10.30
C GLU A 5 15.59 -1.72 10.91
N THR A 6 14.78 -1.85 11.96
CA THR A 6 14.24 -0.68 12.65
C THR A 6 15.33 0.08 13.39
N LYS A 7 16.21 -0.66 14.04
CA LYS A 7 17.28 -0.04 14.82
C LYS A 7 18.30 0.60 13.90
N ILE A 8 18.27 0.22 12.64
CA ILE A 8 19.21 0.76 11.66
C ILE A 8 18.63 2.00 11.03
N ARG A 9 17.32 2.18 11.14
CA ARG A 9 16.64 3.32 10.54
C ARG A 9 17.51 4.58 10.60
N LEU A 10 18.24 4.83 9.52
CA LEU A 10 19.13 5.99 9.45
C LEU A 10 18.98 6.70 8.11
N GLU A 11 19.20 5.97 7.03
CA GLU A 11 19.09 6.55 5.69
C GLU A 11 18.15 5.71 4.82
N SER A 12 17.28 4.95 5.48
CA SER A 12 16.33 4.11 4.75
C SER A 12 15.35 4.98 3.97
N SER A 13 14.56 4.34 3.11
CA SER A 13 13.58 5.07 2.31
C SER A 13 12.51 4.12 1.78
N ALA A 14 12.08 4.33 0.53
CA ALA A 14 11.06 3.50 -0.08
C ALA A 14 11.56 2.07 -0.26
N GLN A 15 12.86 1.86 -0.03
CA GLN A 15 13.46 0.54 -0.16
C GLN A 15 13.08 -0.35 1.02
N GLU A 16 12.76 0.27 2.15
CA GLU A 16 12.39 -0.49 3.35
C GLU A 16 11.02 -1.13 3.16
N ILE A 17 10.02 -0.28 3.00
CA ILE A 17 8.65 -0.77 2.82
C ILE A 17 8.60 -1.84 1.74
N LYS A 18 9.59 -1.82 0.86
CA LYS A 18 9.65 -2.79 -0.22
C LYS A 18 9.74 -4.22 0.33
N ASP A 19 10.65 -4.43 1.28
CA ASP A 19 10.84 -5.75 1.87
C ASP A 19 9.70 -6.07 2.84
N GLU A 20 9.07 -5.04 3.38
CA GLU A 20 7.99 -5.22 4.34
C GLU A 20 6.80 -5.91 3.68
N ILE A 21 6.37 -5.39 2.54
CA ILE A 21 5.24 -5.97 1.82
C ILE A 21 5.59 -7.37 1.33
N ASN A 22 6.81 -7.54 0.87
CA ASN A 22 7.25 -8.83 0.36
C ASN A 22 7.10 -9.90 1.43
N LYS A 23 6.91 -9.46 2.67
CA LYS A 23 6.77 -10.40 3.78
C LYS A 23 5.58 -11.32 3.58
N ILE A 24 4.45 -10.75 3.19
CA ILE A 24 3.25 -11.53 2.99
C ILE A 24 3.45 -12.53 1.87
N LYS A 25 4.40 -12.25 0.97
CA LYS A 25 4.68 -13.14 -0.15
C LYS A 25 5.29 -14.44 0.33
N ALA A 26 6.34 -14.33 1.16
CA ALA A 26 7.01 -15.51 1.68
C ALA A 26 6.11 -16.24 2.67
N ASN A 27 5.42 -15.47 3.51
CA ASN A 27 4.53 -16.05 4.50
C ASN A 27 3.35 -16.72 3.81
N ALA A 28 3.06 -16.28 2.60
CA ALA A 28 1.95 -16.85 1.84
C ALA A 28 2.30 -18.26 1.35
N LYS A 29 3.55 -18.45 0.96
CA LYS A 29 3.98 -19.74 0.45
C LYS A 29 3.65 -20.85 1.44
N LYS A 30 3.80 -20.54 2.71
CA LYS A 30 3.51 -21.50 3.76
C LYS A 30 2.00 -21.66 3.93
N GLU A 31 1.23 -20.79 3.30
CA GLU A 31 -0.20 -20.84 3.42
C GLU A 31 -0.72 -22.17 2.86
N GLY A 32 0.12 -22.85 2.11
CA GLY A 32 -0.26 -24.13 1.54
C GLY A 32 -1.26 -23.95 0.40
N VAL A 33 -2.13 -22.96 0.53
CA VAL A 33 -3.12 -22.69 -0.50
C VAL A 33 -2.45 -22.47 -1.84
N LYS A 34 -3.22 -22.61 -2.91
CA LYS A 34 -2.70 -22.39 -4.25
C LYS A 34 -2.57 -20.90 -4.52
N PHE A 35 -1.36 -20.37 -4.37
CA PHE A 35 -1.10 -18.96 -4.61
C PHE A 35 -1.39 -18.63 -6.08
N GLU A 36 -0.93 -19.47 -6.98
CA GLU A 36 -1.15 -19.22 -8.41
C GLU A 36 -2.62 -18.97 -8.68
N ALA A 37 -3.48 -19.44 -7.77
CA ALA A 37 -4.92 -19.27 -7.92
C ALA A 37 -5.34 -17.90 -7.40
N PHE A 38 -4.54 -17.33 -6.50
CA PHE A 38 -4.86 -16.01 -5.93
C PHE A 38 -5.38 -15.06 -7.01
N THR A 39 -4.98 -15.30 -8.24
CA THR A 39 -5.39 -14.45 -9.36
C THR A 39 -6.86 -14.69 -9.71
N ASN A 40 -7.24 -15.96 -9.82
CA ASN A 40 -8.62 -16.32 -10.18
C ASN A 40 -9.42 -16.78 -8.96
N THR A 41 -8.74 -16.91 -7.83
CA THR A 41 -9.38 -17.35 -6.61
C THR A 41 -10.40 -16.32 -6.15
N GLN A 42 -10.27 -15.10 -6.65
CA GLN A 42 -11.18 -14.02 -6.26
C GLN A 42 -12.62 -14.52 -6.18
N THR A 43 -12.96 -15.42 -7.08
CA THR A 43 -14.29 -16.01 -7.11
C THR A 43 -14.36 -17.23 -6.20
N GLY A 44 -13.26 -17.99 -6.16
CA GLY A 44 -13.20 -19.18 -5.33
C GLY A 44 -13.46 -18.84 -3.86
N SER A 45 -13.35 -17.56 -3.53
CA SER A 45 -13.57 -17.11 -2.16
C SER A 45 -14.90 -17.66 -1.63
N LYS A 46 -15.88 -17.78 -2.52
CA LYS A 46 -17.18 -18.28 -2.14
C LYS A 46 -17.11 -19.72 -1.67
N ILE A 47 -16.30 -20.51 -2.36
CA ILE A 47 -16.14 -21.93 -2.03
C ILE A 47 -14.97 -22.13 -1.09
N SER A 48 -14.11 -21.12 -1.00
CA SER A 48 -12.95 -21.20 -0.13
C SER A 48 -13.36 -21.58 1.28
N GLU A 49 -14.55 -21.14 1.68
CA GLU A 49 -15.09 -21.43 3.01
C GLU A 49 -14.33 -20.61 4.06
N LYS A 50 -13.06 -20.32 3.77
CA LYS A 50 -12.21 -19.58 4.69
C LYS A 50 -11.08 -18.88 3.93
N PRO A 51 -11.41 -17.97 3.07
CA PRO A 51 -10.40 -17.21 2.28
C PRO A 51 -9.82 -16.05 3.10
N GLU A 52 -9.97 -16.13 4.42
CA GLU A 52 -9.46 -15.07 5.27
C GLU A 52 -7.98 -14.81 5.00
N PHE A 53 -7.32 -15.74 4.32
CA PHE A 53 -5.91 -15.58 4.01
C PHE A 53 -5.71 -14.41 3.02
N ILE A 54 -6.45 -14.45 1.92
CA ILE A 54 -6.31 -13.42 0.92
C ILE A 54 -6.72 -12.07 1.50
N LEU A 55 -7.81 -12.08 2.24
CA LEU A 55 -8.32 -10.87 2.84
C LEU A 55 -7.37 -10.36 3.90
N LYS A 56 -6.70 -11.27 4.58
CA LYS A 56 -5.77 -10.89 5.63
C LYS A 56 -4.67 -9.99 5.07
N ALA A 57 -4.19 -10.30 3.87
CA ALA A 57 -3.15 -9.50 3.28
C ALA A 57 -3.72 -8.19 2.76
N LYS A 58 -4.85 -8.26 2.11
CA LYS A 58 -5.49 -7.06 1.55
C LYS A 58 -5.63 -5.97 2.59
N ILE A 59 -6.04 -6.36 3.79
CA ILE A 59 -6.19 -5.39 4.87
C ILE A 59 -4.83 -5.01 5.46
N LYS A 60 -3.98 -6.00 5.69
CA LYS A 60 -2.66 -5.76 6.26
C LYS A 60 -1.77 -5.11 5.23
N ALA A 61 -2.15 -5.19 3.97
CA ALA A 61 -1.38 -4.59 2.89
C ALA A 61 -1.75 -3.12 2.69
N ILE A 62 -3.05 -2.87 2.59
CA ILE A 62 -3.53 -1.51 2.39
C ILE A 62 -3.15 -0.64 3.57
N GLN A 63 -3.32 -1.17 4.78
CA GLN A 63 -2.97 -0.40 5.97
C GLN A 63 -1.56 0.17 5.84
N VAL A 64 -0.65 -0.64 5.35
CA VAL A 64 0.74 -0.19 5.18
C VAL A 64 0.79 0.98 4.20
N ALA A 65 -0.20 1.08 3.34
CA ALA A 65 -0.25 2.16 2.36
C ALA A 65 -0.32 3.52 3.04
N GLU A 66 -1.01 3.56 4.18
CA GLU A 66 -1.17 4.80 4.92
C GLU A 66 0.18 5.43 5.22
N ARG A 67 1.21 4.59 5.27
CA ARG A 67 2.56 5.05 5.54
C ARG A 67 3.26 5.50 4.26
N PHE A 68 2.72 5.07 3.14
CA PHE A 68 3.30 5.41 1.85
C PHE A 68 3.10 6.87 1.50
N VAL A 69 1.87 7.37 1.70
CA VAL A 69 1.52 8.76 1.39
C VAL A 69 2.05 9.72 2.45
N LYS A 70 2.36 9.19 3.62
CA LYS A 70 2.89 10.00 4.71
C LYS A 70 4.30 10.48 4.41
N ALA A 71 5.08 9.64 3.76
CA ALA A 71 6.44 10.00 3.42
C ALA A 71 6.45 11.15 2.40
N ILE A 72 5.40 11.24 1.62
CA ILE A 72 5.32 12.29 0.61
C ILE A 72 5.17 13.65 1.29
N LYS A 73 4.66 13.64 2.51
CA LYS A 73 4.45 14.88 3.23
C LYS A 73 5.74 15.40 3.84
N GLU A 74 6.41 14.53 4.60
CA GLU A 74 7.66 14.91 5.25
C GLU A 74 8.76 15.18 4.21
N GLU A 75 8.78 14.36 3.17
CA GLU A 75 9.77 14.52 2.11
C GLU A 75 9.60 15.86 1.41
N ALA A 76 8.41 16.43 1.53
CA ALA A 76 8.12 17.73 0.90
C ALA A 76 8.53 18.88 1.81
N GLU A 77 8.38 18.69 3.11
CA GLU A 77 8.70 19.74 4.07
C GLU A 77 10.12 20.26 3.87
N LYS A 78 10.97 19.42 3.35
CA LYS A 78 12.36 19.79 3.10
C LYS A 78 12.54 20.15 1.67
N LEU A 79 11.56 19.80 0.86
CA LEU A 79 11.68 20.08 -0.57
C LEU A 79 11.48 21.54 -0.87
N LYS A 80 10.58 22.19 -0.13
CA LYS A 80 10.26 23.62 -0.34
C LYS A 80 11.47 24.39 -0.89
N LYS A 81 12.28 24.93 0.01
CA LYS A 81 13.46 25.69 -0.38
C LYS A 81 14.73 24.93 0.00
N SER A 82 14.57 23.80 0.70
CA SER A 82 15.72 22.99 1.13
C SER A 82 15.85 21.74 0.25
N GLY A 83 15.58 21.90 -1.04
CA GLY A 83 15.68 20.77 -1.97
C GLY A 83 15.53 21.23 -3.41
N SER A 84 14.73 22.27 -3.61
CA SER A 84 14.50 22.81 -4.95
C SER A 84 13.80 21.78 -5.82
N SER A 85 13.09 22.25 -6.85
CA SER A 85 12.37 21.36 -7.74
C SER A 85 13.29 20.24 -8.23
N GLY A 86 14.59 20.47 -8.19
CA GLY A 86 15.55 19.47 -8.64
C GLY A 86 15.50 18.24 -7.74
N ALA A 87 15.61 18.45 -6.44
CA ALA A 87 15.58 17.35 -5.47
C ALA A 87 14.27 16.57 -5.60
N PHE A 88 13.21 17.27 -5.96
CA PHE A 88 11.92 16.63 -6.11
C PHE A 88 11.96 15.53 -7.17
N SER A 89 12.84 15.69 -8.15
CA SER A 89 12.97 14.71 -9.21
C SER A 89 13.43 13.38 -8.65
N ALA A 90 14.41 13.41 -7.76
CA ALA A 90 14.92 12.17 -7.18
C ALA A 90 13.82 11.43 -6.41
N MET A 91 13.11 12.17 -5.57
CA MET A 91 12.03 11.57 -4.77
C MET A 91 10.85 11.21 -5.65
N TYR A 92 10.46 12.12 -6.53
CA TYR A 92 9.33 11.89 -7.41
C TYR A 92 9.61 10.75 -8.37
N ASP A 93 10.72 10.84 -9.09
CA ASP A 93 11.10 9.82 -10.06
C ASP A 93 10.82 8.42 -9.52
N LEU A 94 11.13 8.22 -8.25
CA LEU A 94 10.92 6.94 -7.61
C LEU A 94 9.45 6.60 -7.61
N MET A 95 8.62 7.60 -7.36
CA MET A 95 7.17 7.37 -7.32
C MET A 95 6.72 6.51 -8.49
N ILE A 96 7.54 6.42 -9.54
CA ILE A 96 7.24 5.63 -10.72
C ILE A 96 8.10 4.38 -10.80
N ASP A 97 9.40 4.53 -10.56
CA ASP A 97 10.30 3.40 -10.63
C ASP A 97 9.97 2.37 -9.57
N VAL A 98 9.58 2.84 -8.40
CA VAL A 98 9.23 1.94 -7.29
C VAL A 98 7.80 1.46 -7.42
N SER A 99 7.01 2.17 -8.22
CA SER A 99 5.60 1.79 -8.40
C SER A 99 5.45 0.54 -9.25
N LYS A 100 6.47 0.26 -10.05
CA LYS A 100 6.46 -0.92 -10.91
C LYS A 100 6.54 -2.19 -10.05
N PRO A 101 7.60 -2.36 -9.30
CA PRO A 101 7.77 -3.57 -8.44
C PRO A 101 6.67 -3.66 -7.40
N LEU A 102 6.38 -2.54 -6.75
CA LEU A 102 5.37 -2.53 -5.69
C LEU A 102 4.13 -3.28 -6.12
N GLU A 103 3.85 -3.28 -7.42
CA GLU A 103 2.68 -3.98 -7.95
C GLU A 103 2.49 -5.34 -7.28
N GLU A 104 3.57 -5.86 -6.70
CA GLU A 104 3.52 -7.14 -6.02
C GLU A 104 2.47 -7.12 -4.92
N ILE A 105 2.00 -5.93 -4.55
CA ILE A 105 0.99 -5.79 -3.50
C ILE A 105 -0.30 -5.19 -4.08
N GLY A 106 -0.23 -4.75 -5.33
CA GLY A 106 -1.40 -4.18 -5.97
C GLY A 106 -1.81 -2.84 -5.36
N ILE A 107 -0.86 -1.91 -5.23
CA ILE A 107 -1.12 -0.56 -4.68
C ILE A 107 -0.80 0.47 -5.75
N GLN A 108 -0.37 0.03 -6.91
CA GLN A 108 -0.07 0.99 -7.97
C GLN A 108 -1.29 1.91 -8.28
N LYS A 109 -2.28 1.94 -7.39
CA LYS A 109 -3.45 2.79 -7.53
C LYS A 109 -3.21 4.13 -6.84
N MET A 110 -2.91 4.08 -5.54
CA MET A 110 -2.68 5.31 -4.78
C MET A 110 -1.60 6.15 -5.44
N THR A 111 -0.54 5.50 -5.86
CA THR A 111 0.56 6.18 -6.53
C THR A 111 0.11 6.68 -7.90
N GLY A 112 -0.91 6.04 -8.45
CA GLY A 112 -1.44 6.41 -9.77
C GLY A 112 -2.14 7.76 -9.72
N THR A 113 -2.86 8.00 -8.63
CA THR A 113 -3.59 9.26 -8.46
C THR A 113 -2.63 10.44 -8.39
N VAL A 114 -1.39 10.16 -8.03
CA VAL A 114 -0.39 11.22 -7.93
C VAL A 114 -0.17 11.89 -9.28
N LYS A 115 -0.09 11.10 -10.35
CA LYS A 115 0.12 11.65 -11.67
C LYS A 115 -0.97 12.64 -12.01
N GLU A 116 -2.21 12.24 -11.81
CA GLU A 116 -3.33 13.12 -12.10
C GLU A 116 -3.32 14.32 -11.15
N ALA A 117 -2.94 14.07 -9.91
CA ALA A 117 -2.90 15.13 -8.92
C ALA A 117 -1.92 16.22 -9.33
N ALA A 118 -0.86 15.83 -10.02
CA ALA A 118 0.15 16.77 -10.48
C ALA A 118 -0.45 17.70 -11.51
N GLN A 119 -1.29 17.15 -12.37
CA GLN A 119 -1.91 17.94 -13.42
C GLN A 119 -2.75 19.06 -12.82
N LYS A 120 -3.33 18.80 -11.65
CA LYS A 120 -4.18 19.79 -10.98
C LYS A 120 -3.35 20.65 -10.07
N THR A 121 -2.50 20.02 -9.25
CA THR A 121 -1.66 20.75 -8.30
C THR A 121 -0.19 20.72 -8.72
N PRO A 122 0.56 21.75 -8.42
CA PRO A 122 2.02 21.81 -8.76
C PRO A 122 2.83 20.79 -7.95
N ALA A 123 3.76 20.12 -8.62
CA ALA A 123 4.63 19.13 -7.98
C ALA A 123 6.05 19.66 -7.88
N THR A 124 6.21 21.00 -7.95
CA THR A 124 7.55 21.60 -7.90
C THR A 124 7.72 22.40 -6.62
N THR A 125 6.87 22.12 -5.63
CA THR A 125 6.95 22.83 -4.35
C THR A 125 6.34 21.98 -3.23
N ALA A 126 6.84 22.19 -2.02
CA ALA A 126 6.34 21.43 -0.89
C ALA A 126 4.86 21.70 -0.65
N ASP A 127 4.40 22.89 -0.99
CA ASP A 127 3.01 23.26 -0.79
C ASP A 127 2.09 22.34 -1.58
N GLY A 128 2.27 22.33 -2.89
CA GLY A 128 1.43 21.51 -3.74
C GLY A 128 1.51 20.05 -3.35
N ILE A 129 2.73 19.54 -3.18
CA ILE A 129 2.92 18.14 -2.82
C ILE A 129 2.15 17.80 -1.55
N ILE A 130 2.42 18.54 -0.48
CA ILE A 130 1.76 18.28 0.79
C ILE A 130 0.26 18.07 0.57
N ALA A 131 -0.28 18.83 -0.38
CA ALA A 131 -1.69 18.71 -0.68
C ALA A 131 -1.96 17.42 -1.45
N ILE A 132 -1.08 17.15 -2.42
CA ILE A 132 -1.24 15.96 -3.24
C ILE A 132 -1.36 14.72 -2.35
N ALA A 133 -0.76 14.80 -1.17
CA ALA A 133 -0.80 13.68 -0.24
C ALA A 133 -2.22 13.39 0.19
N GLN A 134 -3.06 14.41 0.15
CA GLN A 134 -4.47 14.29 0.54
C GLN A 134 -5.28 13.66 -0.60
N ALA A 135 -4.71 13.65 -1.80
CA ALA A 135 -5.41 13.09 -2.95
C ALA A 135 -5.44 11.56 -2.89
N MET A 136 -4.60 10.99 -2.03
CA MET A 136 -4.53 9.52 -1.88
C MET A 136 -5.21 9.05 -0.60
N GLU A 137 -4.95 9.75 0.50
CA GLU A 137 -5.54 9.39 1.78
C GLU A 137 -7.04 9.11 1.64
N ASP A 138 -7.68 9.92 0.81
CA ASP A 138 -9.12 9.78 0.58
C ASP A 138 -9.41 8.57 -0.29
N LYS A 139 -8.47 8.23 -1.17
CA LYS A 139 -8.63 7.09 -2.07
C LYS A 139 -8.43 5.78 -1.34
N LEU A 140 -7.23 5.58 -0.81
CA LEU A 140 -6.92 4.35 -0.09
C LEU A 140 -7.98 4.06 0.99
N ASN A 141 -8.61 5.14 1.45
CA ASN A 141 -9.64 5.01 2.48
C ASN A 141 -10.92 4.46 1.88
N ASN A 142 -11.20 4.86 0.64
CA ASN A 142 -12.41 4.42 -0.05
C ASN A 142 -12.38 2.92 -0.29
N VAL A 143 -11.22 2.41 -0.71
CA VAL A 143 -11.07 0.98 -0.98
C VAL A 143 -10.92 0.20 0.32
N ASN A 144 -10.30 0.82 1.31
CA ASN A 144 -10.10 0.18 2.60
C ASN A 144 -11.43 -0.03 3.30
N LYS A 145 -12.31 0.95 3.18
CA LYS A 145 -13.61 0.88 3.84
C LYS A 145 -14.41 -0.30 3.31
N LYS A 146 -14.37 -0.49 1.99
CA LYS A 146 -15.10 -1.57 1.36
C LYS A 146 -14.38 -2.89 1.55
N GLN A 147 -13.10 -2.82 1.88
CA GLN A 147 -12.31 -4.02 2.08
C GLN A 147 -12.69 -4.68 3.41
N HIS A 148 -12.67 -3.88 4.47
CA HIS A 148 -13.00 -4.39 5.80
C HIS A 148 -14.44 -4.87 5.84
N ASP A 149 -15.29 -4.24 5.05
CA ASP A 149 -16.70 -4.59 5.00
C ASP A 149 -16.87 -6.03 4.55
N ALA A 150 -16.02 -6.46 3.63
CA ALA A 150 -16.10 -7.83 3.12
C ALA A 150 -15.78 -8.82 4.21
N LEU A 151 -14.82 -8.45 5.06
CA LEU A 151 -14.42 -9.32 6.14
C LEU A 151 -15.59 -9.54 7.11
N LYS A 152 -16.39 -8.50 7.31
CA LYS A 152 -17.52 -8.58 8.22
C LYS A 152 -18.63 -9.43 7.62
N ASN A 153 -18.63 -9.54 6.29
CA ASN A 153 -19.64 -10.33 5.58
C ASN A 153 -19.34 -11.81 5.69
N LEU A 154 -18.11 -12.14 6.07
CA LEU A 154 -17.70 -13.54 6.20
C LEU A 154 -18.12 -14.09 7.55
N LYS A 155 -18.58 -13.22 8.43
CA LYS A 155 -19.01 -13.63 9.77
C LYS A 155 -20.45 -14.17 9.74
N GLU A 156 -21.32 -13.43 9.05
CA GLU A 156 -22.72 -13.83 8.96
C GLU A 156 -22.84 -15.22 8.34
N LYS A 157 -21.84 -15.60 7.56
CA LYS A 157 -21.86 -16.90 6.90
C LYS A 157 -21.89 -18.02 7.93
N ALA A 158 -21.15 -17.82 9.01
CA ALA A 158 -21.09 -18.82 10.07
C ALA A 158 -20.62 -18.19 11.37
N LYS A 159 -21.40 -18.38 12.44
CA LYS A 159 -21.07 -17.82 13.75
C LYS A 159 -21.49 -18.78 14.85
N THR A 160 -20.55 -19.59 15.31
CA THR A 160 -20.79 -20.56 16.39
C THR A 160 -20.07 -20.13 17.66
N ALA A 161 -19.52 -18.92 17.65
CA ALA A 161 -18.80 -18.41 18.82
C ALA A 161 -19.77 -18.13 19.96
N THR A 162 -21.06 -18.10 19.64
CA THR A 162 -22.11 -17.83 20.64
C THR A 162 -23.39 -18.58 20.30
N THR A 163 -24.22 -18.82 21.31
CA THR A 163 -25.48 -19.51 21.10
C THR A 163 -26.41 -18.69 20.22
N THR A 164 -27.08 -19.36 19.29
CA THR A 164 -28.00 -18.67 18.38
C THR A 164 -29.01 -17.83 19.17
N GLY A 1 16.59 -6.78 23.00
CA GLY A 1 15.48 -7.41 22.24
C GLY A 1 15.34 -6.71 20.89
N LEU A 2 14.09 -6.47 20.51
CA LEU A 2 13.80 -5.81 19.24
C LEU A 2 14.18 -4.34 19.33
N THR A 3 14.65 -3.79 18.20
CA THR A 3 15.05 -2.39 18.12
C THR A 3 14.38 -1.73 16.93
N GLY A 4 14.54 -0.40 16.84
CA GLY A 4 13.95 0.38 15.75
C GLY A 4 15.01 1.26 15.10
N GLU A 5 15.33 0.94 13.85
CA GLU A 5 16.34 1.70 13.09
C GLU A 5 15.66 2.66 12.12
N THR A 6 14.37 2.42 11.87
CA THR A 6 13.61 3.27 10.95
C THR A 6 13.41 4.67 11.54
N LYS A 7 12.91 4.71 12.76
CA LYS A 7 12.65 6.00 13.41
C LYS A 7 13.92 6.84 13.44
N ILE A 8 15.07 6.19 13.29
CA ILE A 8 16.35 6.89 13.32
C ILE A 8 16.71 7.33 11.93
N ARG A 9 16.78 6.39 11.00
CA ARG A 9 17.14 6.71 9.63
C ARG A 9 15.96 7.36 8.91
N LEU A 10 15.94 8.69 8.90
CA LEU A 10 14.86 9.44 8.26
C LEU A 10 14.85 9.15 6.76
N GLU A 11 16.03 9.09 6.16
CA GLU A 11 16.16 8.82 4.74
C GLU A 11 15.76 7.39 4.42
N SER A 12 14.76 6.87 5.13
CA SER A 12 14.31 5.50 4.90
C SER A 12 13.98 5.29 3.43
N SER A 13 14.74 4.40 2.79
CA SER A 13 14.54 4.11 1.38
C SER A 13 13.28 3.26 1.18
N ALA A 14 12.69 3.36 0.00
CA ALA A 14 11.48 2.59 -0.31
C ALA A 14 11.82 1.13 -0.54
N GLN A 15 13.10 0.78 -0.37
CA GLN A 15 13.55 -0.60 -0.56
C GLN A 15 13.37 -1.41 0.71
N GLU A 16 13.53 -0.75 1.86
CA GLU A 16 13.39 -1.43 3.15
C GLU A 16 11.97 -1.94 3.33
N ILE A 17 11.01 -1.09 2.98
CA ILE A 17 9.59 -1.45 3.10
C ILE A 17 9.17 -2.38 1.97
N LYS A 18 9.93 -2.34 0.87
CA LYS A 18 9.61 -3.18 -0.28
C LYS A 18 9.65 -4.66 0.09
N ASP A 19 10.70 -5.06 0.81
CA ASP A 19 10.87 -6.46 1.21
C ASP A 19 10.09 -6.73 2.50
N GLU A 20 9.75 -5.68 3.22
CA GLU A 20 9.02 -5.85 4.48
C GLU A 20 7.63 -6.43 4.22
N ILE A 21 6.89 -5.81 3.31
CA ILE A 21 5.55 -6.27 2.98
C ILE A 21 5.60 -7.60 2.24
N ASN A 22 6.65 -7.78 1.46
CA ASN A 22 6.83 -9.02 0.70
C ASN A 22 6.69 -10.23 1.62
N LYS A 23 6.75 -9.98 2.93
CA LYS A 23 6.64 -11.05 3.92
C LYS A 23 5.40 -11.90 3.68
N ILE A 24 4.32 -11.28 3.22
CA ILE A 24 3.09 -11.99 2.96
C ILE A 24 3.33 -13.14 1.99
N LYS A 25 4.32 -12.97 1.12
CA LYS A 25 4.63 -13.99 0.13
C LYS A 25 5.13 -15.27 0.80
N ALA A 26 6.00 -15.11 1.79
CA ALA A 26 6.53 -16.25 2.52
C ALA A 26 5.45 -16.87 3.40
N ASN A 27 4.58 -16.03 3.95
CA ASN A 27 3.51 -16.51 4.82
C ASN A 27 2.38 -17.08 3.98
N ALA A 28 2.31 -16.64 2.71
CA ALA A 28 1.27 -17.10 1.80
C ALA A 28 1.51 -18.55 1.38
N LYS A 29 2.75 -18.83 0.98
CA LYS A 29 3.09 -20.18 0.54
C LYS A 29 2.75 -21.20 1.62
N LYS A 30 2.67 -20.72 2.87
CA LYS A 30 2.35 -21.60 4.01
C LYS A 30 0.84 -21.78 4.12
N GLU A 31 0.10 -20.90 3.47
CA GLU A 31 -1.34 -20.97 3.51
C GLU A 31 -1.84 -22.28 2.89
N GLY A 32 -0.96 -22.94 2.14
CA GLY A 32 -1.32 -24.20 1.51
C GLY A 32 -2.45 -24.03 0.51
N VAL A 33 -3.04 -22.84 0.46
CA VAL A 33 -4.14 -22.55 -0.45
C VAL A 33 -3.61 -22.43 -1.88
N LYS A 34 -4.50 -22.64 -2.83
CA LYS A 34 -4.13 -22.54 -4.23
C LYS A 34 -3.91 -21.08 -4.59
N PHE A 35 -2.65 -20.68 -4.67
CA PHE A 35 -2.29 -19.31 -4.99
C PHE A 35 -2.82 -18.95 -6.39
N GLU A 36 -2.58 -19.85 -7.34
CA GLU A 36 -3.03 -19.62 -8.71
C GLU A 36 -4.50 -19.25 -8.74
N ALA A 37 -5.23 -19.68 -7.71
CA ALA A 37 -6.65 -19.37 -7.61
C ALA A 37 -6.86 -17.93 -7.14
N PHE A 38 -5.82 -17.33 -6.59
CA PHE A 38 -5.91 -15.94 -6.10
C PHE A 38 -6.70 -15.07 -7.07
N THR A 39 -6.73 -15.48 -8.35
CA THR A 39 -7.45 -14.75 -9.38
C THR A 39 -8.85 -15.35 -9.61
N ASN A 40 -8.91 -16.66 -9.82
CA ASN A 40 -10.17 -17.36 -10.06
C ASN A 40 -10.93 -17.63 -8.77
N THR A 41 -10.28 -17.33 -7.66
CA THR A 41 -10.86 -17.53 -6.33
C THR A 41 -12.25 -16.95 -6.27
N GLN A 42 -12.55 -16.10 -7.24
CA GLN A 42 -13.86 -15.47 -7.32
C GLN A 42 -14.96 -16.52 -7.19
N THR A 43 -14.89 -17.54 -8.03
CA THR A 43 -15.87 -18.63 -8.01
C THR A 43 -15.40 -19.73 -7.05
N GLY A 44 -14.09 -19.81 -6.84
CA GLY A 44 -13.52 -20.81 -5.94
C GLY A 44 -13.96 -20.57 -4.50
N SER A 45 -14.35 -19.33 -4.21
CA SER A 45 -14.78 -18.98 -2.86
C SER A 45 -15.86 -19.93 -2.37
N LYS A 46 -16.51 -20.61 -3.30
CA LYS A 46 -17.57 -21.55 -2.95
C LYS A 46 -16.99 -22.70 -2.15
N ILE A 47 -15.80 -23.15 -2.53
CA ILE A 47 -15.16 -24.28 -1.85
C ILE A 47 -14.38 -23.80 -0.64
N SER A 48 -13.61 -22.76 -0.83
CA SER A 48 -12.79 -22.21 0.25
C SER A 48 -13.67 -21.81 1.43
N GLU A 49 -14.76 -21.11 1.13
CA GLU A 49 -15.69 -20.67 2.18
C GLU A 49 -14.94 -19.94 3.29
N LYS A 50 -13.69 -19.57 3.02
CA LYS A 50 -12.89 -18.87 4.00
C LYS A 50 -11.63 -18.25 3.35
N PRO A 51 -11.82 -17.43 2.34
CA PRO A 51 -10.68 -16.77 1.63
C PRO A 51 -10.11 -15.61 2.46
N GLU A 52 -10.35 -15.65 3.77
CA GLU A 52 -9.85 -14.59 4.64
C GLU A 52 -8.36 -14.34 4.41
N PHE A 53 -7.70 -15.27 3.75
CA PHE A 53 -6.27 -15.13 3.45
C PHE A 53 -6.05 -13.98 2.47
N ILE A 54 -6.83 -13.96 1.40
CA ILE A 54 -6.67 -12.93 0.38
C ILE A 54 -6.94 -11.57 0.99
N LEU A 55 -7.99 -11.50 1.78
CA LEU A 55 -8.37 -10.25 2.43
C LEU A 55 -7.32 -9.85 3.46
N LYS A 56 -6.71 -10.84 4.10
CA LYS A 56 -5.69 -10.58 5.12
C LYS A 56 -4.52 -9.80 4.53
N ALA A 57 -4.03 -10.23 3.38
CA ALA A 57 -2.91 -9.56 2.74
C ALA A 57 -3.28 -8.13 2.41
N LYS A 58 -4.50 -7.94 1.91
CA LYS A 58 -4.97 -6.61 1.55
C LYS A 58 -4.96 -5.68 2.75
N ILE A 59 -5.91 -5.89 3.67
CA ILE A 59 -6.00 -5.04 4.86
C ILE A 59 -4.63 -4.84 5.50
N LYS A 60 -3.91 -5.93 5.69
CA LYS A 60 -2.61 -5.86 6.33
C LYS A 60 -1.64 -5.04 5.49
N ALA A 61 -1.74 -5.19 4.17
CA ALA A 61 -0.86 -4.47 3.26
C ALA A 61 -1.26 -2.99 3.17
N ILE A 62 -2.56 -2.75 3.16
CA ILE A 62 -3.06 -1.37 3.05
C ILE A 62 -2.60 -0.58 4.25
N GLN A 63 -2.70 -1.17 5.44
CA GLN A 63 -2.26 -0.47 6.65
C GLN A 63 -0.85 0.07 6.45
N VAL A 64 0.00 -0.72 5.82
CA VAL A 64 1.37 -0.30 5.57
C VAL A 64 1.40 0.82 4.53
N ALA A 65 0.33 0.91 3.74
CA ALA A 65 0.24 1.95 2.70
C ALA A 65 0.06 3.34 3.33
N GLU A 66 -0.74 3.40 4.38
CA GLU A 66 -1.01 4.67 5.05
C GLU A 66 0.28 5.40 5.38
N ARG A 67 1.36 4.63 5.56
CA ARG A 67 2.66 5.18 5.87
C ARG A 67 3.43 5.55 4.60
N PHE A 68 2.97 5.01 3.46
CA PHE A 68 3.64 5.28 2.20
C PHE A 68 3.45 6.72 1.76
N VAL A 69 2.21 7.20 1.83
CA VAL A 69 1.89 8.58 1.41
C VAL A 69 2.42 9.60 2.41
N LYS A 70 2.70 9.14 3.62
CA LYS A 70 3.21 10.00 4.68
C LYS A 70 4.63 10.44 4.41
N ALA A 71 5.38 9.58 3.74
CA ALA A 71 6.77 9.90 3.41
C ALA A 71 6.83 10.96 2.30
N ILE A 72 5.83 10.96 1.43
CA ILE A 72 5.82 11.92 0.32
C ILE A 72 5.82 13.35 0.84
N LYS A 73 4.96 13.62 1.79
CA LYS A 73 4.85 14.95 2.36
C LYS A 73 6.03 15.21 3.30
N GLU A 74 6.61 14.14 3.85
CA GLU A 74 7.72 14.29 4.75
C GLU A 74 8.94 14.84 4.01
N GLU A 75 9.28 14.20 2.90
CA GLU A 75 10.42 14.63 2.10
C GLU A 75 10.18 16.02 1.53
N ALA A 76 8.94 16.46 1.52
CA ALA A 76 8.61 17.79 1.00
C ALA A 76 8.87 18.86 2.06
N GLU A 77 8.69 18.51 3.32
CA GLU A 77 8.89 19.49 4.39
C GLU A 77 10.28 20.11 4.34
N LYS A 78 11.27 19.29 4.02
CA LYS A 78 12.66 19.74 3.94
C LYS A 78 12.95 20.31 2.56
N LEU A 79 12.00 20.14 1.65
CA LEU A 79 12.16 20.65 0.28
C LEU A 79 11.83 22.14 0.22
N LYS A 80 11.08 22.62 1.20
CA LYS A 80 10.72 24.02 1.23
C LYS A 80 11.95 24.92 1.31
N LYS A 81 12.89 24.53 2.17
CA LYS A 81 14.14 25.28 2.36
C LYS A 81 15.13 24.97 1.25
N SER A 82 14.71 24.12 0.32
CA SER A 82 15.55 23.74 -0.82
C SER A 82 15.23 24.58 -2.05
N GLY A 83 13.94 24.72 -2.35
CA GLY A 83 13.50 25.51 -3.50
C GLY A 83 14.23 25.05 -4.77
N SER A 84 14.83 23.86 -4.72
CA SER A 84 15.55 23.31 -5.87
C SER A 84 14.72 22.25 -6.57
N SER A 85 13.95 22.68 -7.57
CA SER A 85 13.11 21.77 -8.32
C SER A 85 13.91 20.58 -8.83
N GLY A 86 15.24 20.71 -8.79
CA GLY A 86 16.12 19.64 -9.23
C GLY A 86 16.03 18.44 -8.29
N ALA A 87 16.00 18.70 -6.99
CA ALA A 87 15.91 17.64 -6.00
C ALA A 87 14.60 16.89 -6.15
N PHE A 88 13.55 17.62 -6.48
CA PHE A 88 12.23 17.01 -6.64
C PHE A 88 12.26 15.95 -7.73
N SER A 89 12.79 16.31 -8.89
CA SER A 89 12.85 15.38 -10.01
C SER A 89 13.49 14.07 -9.58
N ALA A 90 14.56 14.15 -8.80
CA ALA A 90 15.25 12.95 -8.33
C ALA A 90 14.36 12.16 -7.37
N MET A 91 13.84 12.83 -6.36
CA MET A 91 12.99 12.17 -5.37
C MET A 91 11.68 11.71 -6.02
N TYR A 92 11.13 12.56 -6.86
CA TYR A 92 9.87 12.24 -7.53
C TYR A 92 10.04 11.07 -8.49
N ASP A 93 11.13 11.10 -9.25
CA ASP A 93 11.40 10.03 -10.23
C ASP A 93 11.06 8.65 -9.67
N LEU A 94 11.14 8.52 -8.36
CA LEU A 94 10.85 7.25 -7.70
C LEU A 94 9.39 6.88 -7.88
N MET A 95 8.52 7.88 -7.76
CA MET A 95 7.08 7.67 -7.89
C MET A 95 6.77 6.73 -9.05
N ILE A 96 7.72 6.59 -9.97
CA ILE A 96 7.56 5.73 -11.14
C ILE A 96 8.37 4.43 -10.97
N ASP A 97 9.62 4.58 -10.53
CA ASP A 97 10.50 3.42 -10.35
C ASP A 97 9.98 2.49 -9.27
N VAL A 98 9.33 3.05 -8.26
CA VAL A 98 8.79 2.26 -7.14
C VAL A 98 7.34 1.85 -7.42
N SER A 99 6.71 2.52 -8.37
CA SER A 99 5.32 2.21 -8.74
C SER A 99 5.22 0.92 -9.54
N LYS A 100 6.25 0.61 -10.33
CA LYS A 100 6.23 -0.60 -11.14
C LYS A 100 6.46 -1.84 -10.28
N PRO A 101 7.50 -1.88 -9.49
CA PRO A 101 7.83 -3.06 -8.64
C PRO A 101 6.82 -3.24 -7.52
N LEU A 102 6.61 -2.17 -6.76
CA LEU A 102 5.71 -2.23 -5.61
C LEU A 102 4.43 -2.95 -5.96
N GLU A 103 4.03 -2.85 -7.22
CA GLU A 103 2.79 -3.50 -7.68
C GLU A 103 2.63 -4.90 -7.08
N GLU A 104 3.75 -5.49 -6.69
CA GLU A 104 3.75 -6.82 -6.11
C GLU A 104 2.78 -6.91 -4.94
N ILE A 105 2.34 -5.76 -4.44
CA ILE A 105 1.40 -5.70 -3.31
C ILE A 105 0.07 -5.10 -3.76
N GLY A 106 0.01 -4.62 -5.00
CA GLY A 106 -1.22 -4.05 -5.52
C GLY A 106 -1.56 -2.71 -4.87
N ILE A 107 -0.59 -1.78 -4.83
CA ILE A 107 -0.78 -0.45 -4.25
C ILE A 107 -0.37 0.60 -5.28
N GLN A 108 0.20 0.16 -6.40
CA GLN A 108 0.62 1.10 -7.44
C GLN A 108 -0.57 1.91 -7.98
N LYS A 109 -1.68 1.92 -7.25
CA LYS A 109 -2.88 2.66 -7.64
C LYS A 109 -2.82 4.05 -7.04
N MET A 110 -2.78 4.10 -5.71
CA MET A 110 -2.74 5.39 -4.99
C MET A 110 -1.65 6.27 -5.60
N THR A 111 -0.59 5.63 -6.07
CA THR A 111 0.52 6.35 -6.68
C THR A 111 0.13 6.85 -8.07
N GLY A 112 -0.88 6.22 -8.65
CA GLY A 112 -1.38 6.60 -9.97
C GLY A 112 -2.06 7.97 -9.94
N THR A 113 -2.77 8.24 -8.83
CA THR A 113 -3.48 9.50 -8.68
C THR A 113 -2.49 10.66 -8.59
N VAL A 114 -1.25 10.34 -8.24
CA VAL A 114 -0.23 11.36 -8.13
C VAL A 114 -0.07 12.11 -9.45
N LYS A 115 -0.06 11.38 -10.55
CA LYS A 115 0.10 11.99 -11.85
C LYS A 115 -0.97 13.04 -12.08
N GLU A 116 -2.23 12.65 -11.85
CA GLU A 116 -3.34 13.57 -12.03
C GLU A 116 -3.30 14.66 -10.95
N ALA A 117 -2.90 14.28 -9.75
CA ALA A 117 -2.82 15.22 -8.65
C ALA A 117 -1.79 16.31 -8.93
N ALA A 118 -0.69 15.91 -9.58
CA ALA A 118 0.38 16.85 -9.90
C ALA A 118 -0.14 17.90 -10.87
N GLN A 119 -0.97 17.46 -11.79
CA GLN A 119 -1.52 18.37 -12.78
C GLN A 119 -2.26 19.52 -12.11
N LYS A 120 -2.79 19.25 -10.92
CA LYS A 120 -3.53 20.25 -10.17
C LYS A 120 -2.68 20.81 -9.06
N THR A 121 -1.97 19.94 -8.34
CA THR A 121 -1.12 20.37 -7.24
C THR A 121 0.25 20.82 -7.74
N PRO A 122 0.61 22.08 -7.59
CA PRO A 122 1.94 22.58 -8.06
C PRO A 122 3.13 21.80 -7.46
N ALA A 123 3.55 20.73 -8.13
CA ALA A 123 4.68 19.93 -7.66
C ALA A 123 5.98 20.74 -7.81
N THR A 124 5.82 22.06 -7.84
CA THR A 124 6.97 22.98 -7.97
C THR A 124 7.42 23.47 -6.60
N THR A 125 6.82 22.94 -5.54
CA THR A 125 7.19 23.35 -4.18
C THR A 125 6.68 22.33 -3.17
N ALA A 126 7.18 22.45 -1.95
CA ALA A 126 6.76 21.54 -0.90
C ALA A 126 5.28 21.68 -0.61
N ASP A 127 4.70 22.82 -0.92
CA ASP A 127 3.28 23.05 -0.66
C ASP A 127 2.40 22.06 -1.45
N GLY A 128 2.63 22.00 -2.75
CA GLY A 128 1.84 21.11 -3.58
C GLY A 128 2.09 19.66 -3.24
N ILE A 129 3.36 19.31 -3.03
CA ILE A 129 3.73 17.94 -2.69
C ILE A 129 3.11 17.50 -1.38
N ILE A 130 2.96 18.45 -0.45
CA ILE A 130 2.39 18.14 0.84
C ILE A 130 0.93 17.75 0.68
N ALA A 131 0.20 18.49 -0.16
CA ALA A 131 -1.20 18.20 -0.39
C ALA A 131 -1.37 16.92 -1.20
N ILE A 132 -0.42 16.68 -2.11
CA ILE A 132 -0.48 15.50 -2.95
C ILE A 132 -0.58 14.24 -2.08
N ALA A 133 0.12 14.26 -0.95
CA ALA A 133 0.13 13.11 -0.07
C ALA A 133 -1.30 12.75 0.37
N GLN A 134 -2.04 13.76 0.79
CA GLN A 134 -3.42 13.54 1.25
C GLN A 134 -4.30 13.08 0.07
N ALA A 135 -4.07 13.67 -1.09
CA ALA A 135 -4.85 13.33 -2.28
C ALA A 135 -4.92 11.82 -2.48
N MET A 136 -3.99 11.11 -1.84
CA MET A 136 -3.92 9.65 -1.95
C MET A 136 -4.52 8.98 -0.72
N GLU A 137 -4.36 9.62 0.43
CA GLU A 137 -4.88 9.07 1.68
C GLU A 137 -6.39 8.89 1.61
N ASP A 138 -7.04 9.77 0.86
CA ASP A 138 -8.49 9.70 0.73
C ASP A 138 -8.90 8.40 0.02
N LYS A 139 -8.08 7.96 -0.93
CA LYS A 139 -8.37 6.74 -1.68
C LYS A 139 -8.22 5.50 -0.81
N LEU A 140 -7.21 5.53 0.07
CA LEU A 140 -6.97 4.39 0.96
C LEU A 140 -8.24 3.99 1.70
N ASN A 141 -9.08 4.98 1.98
CA ASN A 141 -10.33 4.73 2.68
C ASN A 141 -11.33 4.01 1.76
N ASN A 142 -11.31 4.37 0.47
CA ASN A 142 -12.24 3.78 -0.48
C ASN A 142 -11.99 2.27 -0.64
N VAL A 143 -10.72 1.89 -0.71
CA VAL A 143 -10.35 0.48 -0.87
C VAL A 143 -10.39 -0.24 0.47
N ASN A 144 -9.95 0.45 1.52
CA ASN A 144 -9.93 -0.15 2.85
C ASN A 144 -11.35 -0.47 3.32
N LYS A 145 -12.33 0.21 2.74
CA LYS A 145 -13.73 -0.01 3.11
C LYS A 145 -14.26 -1.31 2.54
N LYS A 146 -14.31 -1.40 1.21
CA LYS A 146 -14.81 -2.59 0.54
C LYS A 146 -14.02 -3.82 0.94
N GLN A 147 -12.80 -3.62 1.41
CA GLN A 147 -11.95 -4.73 1.84
C GLN A 147 -12.42 -5.28 3.19
N HIS A 148 -12.48 -4.39 4.18
CA HIS A 148 -12.92 -4.80 5.52
C HIS A 148 -14.38 -5.22 5.48
N ASP A 149 -15.16 -4.58 4.62
CA ASP A 149 -16.57 -4.90 4.51
C ASP A 149 -16.76 -6.35 4.07
N ALA A 150 -15.78 -6.87 3.33
CA ALA A 150 -15.85 -8.24 2.84
C ALA A 150 -15.34 -9.21 3.92
N LEU A 151 -14.45 -8.72 4.77
CA LEU A 151 -13.91 -9.57 5.84
C LEU A 151 -14.96 -9.85 6.90
N LYS A 152 -15.72 -8.82 7.26
CA LYS A 152 -16.75 -8.97 8.27
C LYS A 152 -17.85 -9.90 7.80
N ASN A 153 -18.00 -10.00 6.50
CA ASN A 153 -19.03 -10.87 5.93
C ASN A 153 -18.79 -12.32 6.32
N LEU A 154 -17.58 -12.81 6.07
CA LEU A 154 -17.25 -14.19 6.39
C LEU A 154 -17.53 -14.49 7.86
N LYS A 155 -17.76 -13.43 8.64
CA LYS A 155 -18.04 -13.60 10.05
C LYS A 155 -19.35 -14.37 10.27
N GLU A 156 -20.40 -13.92 9.58
CA GLU A 156 -21.72 -14.56 9.69
C GLU A 156 -21.73 -15.91 8.99
N LYS A 157 -20.92 -16.02 7.93
CA LYS A 157 -20.85 -17.27 7.18
C LYS A 157 -20.29 -18.39 8.04
N ALA A 158 -19.75 -18.01 9.18
CA ALA A 158 -19.18 -19.00 10.10
C ALA A 158 -20.29 -19.89 10.66
N LYS A 159 -20.10 -21.20 10.56
CA LYS A 159 -21.08 -22.15 11.07
C LYS A 159 -20.75 -22.55 12.51
N THR A 160 -21.77 -22.64 13.34
CA THR A 160 -21.58 -23.01 14.74
C THR A 160 -21.25 -24.50 14.87
N ALA A 161 -21.21 -25.19 13.73
CA ALA A 161 -20.90 -26.61 13.73
C ALA A 161 -19.51 -26.86 14.28
N THR A 162 -18.62 -25.89 14.08
CA THR A 162 -17.25 -26.01 14.57
C THR A 162 -17.25 -26.14 16.08
N THR A 163 -16.48 -27.11 16.59
CA THR A 163 -16.38 -27.36 18.03
C THR A 163 -14.92 -27.40 18.46
N THR A 164 -14.61 -26.66 19.53
CA THR A 164 -13.25 -26.60 20.05
C THR A 164 -13.24 -26.01 21.46
N GLY A 1 11.71 -10.13 -2.09
CA GLY A 1 12.70 -10.98 -1.41
C GLY A 1 13.68 -10.10 -0.63
N LEU A 2 14.92 -10.56 -0.53
CA LEU A 2 15.95 -9.81 0.19
C LEU A 2 16.30 -8.55 -0.59
N THR A 3 16.48 -7.45 0.13
CA THR A 3 16.84 -6.18 -0.50
C THR A 3 18.17 -6.30 -1.24
N GLY A 4 18.55 -5.24 -1.93
CA GLY A 4 19.80 -5.23 -2.68
C GLY A 4 20.14 -3.82 -3.16
N GLU A 5 19.12 -3.05 -3.49
CA GLU A 5 19.35 -1.67 -3.96
C GLU A 5 20.12 -0.88 -2.92
N THR A 6 19.73 -1.05 -1.66
CA THR A 6 20.40 -0.33 -0.56
C THR A 6 21.92 -0.34 -0.75
N LYS A 7 22.40 -1.43 -1.34
CA LYS A 7 23.83 -1.57 -1.58
C LYS A 7 24.31 -0.53 -2.58
N ILE A 8 23.49 -0.25 -3.60
CA ILE A 8 23.84 0.71 -4.64
C ILE A 8 23.21 2.06 -4.33
N ARG A 9 21.89 2.11 -4.37
CA ARG A 9 21.16 3.35 -4.11
C ARG A 9 21.06 3.62 -2.62
N LEU A 10 21.96 4.45 -2.12
CA LEU A 10 21.97 4.80 -0.70
C LEU A 10 20.78 5.69 -0.36
N GLU A 11 20.41 6.55 -1.31
CA GLU A 11 19.30 7.46 -1.09
C GLU A 11 18.02 6.70 -0.76
N SER A 12 18.09 5.38 -0.85
CA SER A 12 16.93 4.54 -0.57
C SER A 12 16.45 4.78 0.86
N SER A 13 15.15 4.58 1.08
CA SER A 13 14.56 4.76 2.41
C SER A 13 13.23 4.05 2.52
N ALA A 14 12.48 4.03 1.41
CA ALA A 14 11.18 3.37 1.39
C ALA A 14 11.35 1.85 1.41
N GLN A 15 12.54 1.40 1.79
CA GLN A 15 12.82 -0.04 1.84
C GLN A 15 12.42 -0.62 3.20
N GLU A 16 12.43 0.22 4.24
CA GLU A 16 12.07 -0.23 5.57
C GLU A 16 10.61 -0.67 5.61
N ILE A 17 9.75 0.12 4.99
CA ILE A 17 8.31 -0.20 4.96
C ILE A 17 8.06 -1.35 3.97
N LYS A 18 8.97 -1.50 3.01
CA LYS A 18 8.84 -2.55 2.02
C LYS A 18 9.01 -3.93 2.67
N ASP A 19 9.79 -3.98 3.74
CA ASP A 19 10.03 -5.24 4.45
C ASP A 19 8.86 -5.60 5.35
N GLU A 20 8.26 -4.58 5.96
CA GLU A 20 7.15 -4.81 6.86
C GLU A 20 6.03 -5.58 6.16
N ILE A 21 5.67 -5.13 4.97
CA ILE A 21 4.62 -5.78 4.21
C ILE A 21 5.08 -7.14 3.70
N ASN A 22 6.35 -7.21 3.29
CA ASN A 22 6.91 -8.44 2.77
C ASN A 22 6.62 -9.61 3.71
N LYS A 23 6.28 -9.29 4.95
CA LYS A 23 5.99 -10.32 5.93
C LYS A 23 4.75 -11.10 5.55
N ILE A 24 3.83 -10.46 4.86
CA ILE A 24 2.60 -11.11 4.46
C ILE A 24 2.88 -12.22 3.44
N LYS A 25 3.99 -12.08 2.71
CA LYS A 25 4.35 -13.08 1.70
C LYS A 25 4.81 -14.36 2.36
N ALA A 26 5.67 -14.22 3.37
CA ALA A 26 6.18 -15.38 4.09
C ALA A 26 5.05 -16.10 4.82
N ASN A 27 4.13 -15.32 5.39
CA ASN A 27 3.01 -15.86 6.12
C ASN A 27 2.14 -16.69 5.20
N ALA A 28 2.29 -16.47 3.89
CA ALA A 28 1.50 -17.19 2.91
C ALA A 28 2.05 -18.61 2.71
N LYS A 29 3.37 -18.71 2.66
CA LYS A 29 4.03 -20.00 2.44
C LYS A 29 3.62 -20.99 3.51
N LYS A 30 3.50 -20.51 4.75
CA LYS A 30 3.10 -21.37 5.85
C LYS A 30 1.59 -21.54 5.90
N GLU A 31 0.87 -20.67 5.18
CA GLU A 31 -0.58 -20.74 5.17
C GLU A 31 -1.04 -22.08 4.63
N GLY A 32 -0.15 -22.77 3.94
CA GLY A 32 -0.49 -24.07 3.37
C GLY A 32 -1.50 -23.93 2.23
N VAL A 33 -2.34 -22.91 2.32
CA VAL A 33 -3.34 -22.67 1.29
C VAL A 33 -2.69 -22.62 -0.09
N LYS A 34 -3.48 -22.94 -1.11
CA LYS A 34 -2.97 -22.93 -2.48
C LYS A 34 -2.83 -21.49 -2.96
N PHE A 35 -1.61 -20.97 -2.86
CA PHE A 35 -1.32 -19.61 -3.29
C PHE A 35 -1.60 -19.44 -4.76
N GLU A 36 -1.19 -20.41 -5.56
CA GLU A 36 -1.40 -20.34 -7.00
C GLU A 36 -2.86 -20.00 -7.30
N ALA A 37 -3.76 -20.33 -6.36
CA ALA A 37 -5.17 -20.05 -6.55
C ALA A 37 -5.49 -18.61 -6.20
N PHE A 38 -4.54 -17.94 -5.56
CA PHE A 38 -4.73 -16.54 -5.16
C PHE A 38 -5.43 -15.75 -6.26
N THR A 39 -5.29 -16.22 -7.50
CA THR A 39 -5.92 -15.56 -8.64
C THR A 39 -7.24 -16.25 -9.00
N ASN A 40 -7.18 -17.55 -9.24
CA ASN A 40 -8.37 -18.31 -9.62
C ASN A 40 -9.39 -18.32 -8.50
N THR A 41 -8.91 -18.38 -7.27
CA THR A 41 -9.79 -18.40 -6.10
C THR A 41 -10.86 -17.33 -6.21
N GLN A 42 -10.65 -16.37 -7.10
CA GLN A 42 -11.60 -15.28 -7.28
C GLN A 42 -13.03 -15.79 -7.23
N THR A 43 -13.35 -16.70 -8.13
CA THR A 43 -14.69 -17.29 -8.17
C THR A 43 -14.81 -18.42 -7.15
N GLY A 44 -13.76 -19.22 -7.03
CA GLY A 44 -13.75 -20.34 -6.11
C GLY A 44 -13.95 -19.87 -4.68
N SER A 45 -13.67 -18.60 -4.44
CA SER A 45 -13.82 -18.03 -3.09
C SER A 45 -15.22 -18.30 -2.55
N LYS A 46 -16.20 -18.30 -3.44
CA LYS A 46 -17.58 -18.53 -3.03
C LYS A 46 -17.76 -19.91 -2.44
N ILE A 47 -17.19 -20.91 -3.10
CA ILE A 47 -17.30 -22.31 -2.65
C ILE A 47 -16.08 -22.74 -1.88
N SER A 48 -15.06 -21.91 -1.88
CA SER A 48 -13.83 -22.23 -1.17
C SER A 48 -14.15 -22.74 0.24
N GLU A 49 -14.11 -21.84 1.20
CA GLU A 49 -14.38 -22.21 2.59
C GLU A 49 -14.20 -21.01 3.52
N LYS A 50 -13.09 -20.29 3.36
CA LYS A 50 -12.81 -19.14 4.20
C LYS A 50 -11.50 -18.46 3.76
N PRO A 51 -11.49 -17.87 2.59
CA PRO A 51 -10.28 -17.19 2.05
C PRO A 51 -9.95 -15.90 2.80
N GLU A 52 -10.45 -15.80 4.03
CA GLU A 52 -10.22 -14.61 4.84
C GLU A 52 -8.72 -14.30 4.92
N PHE A 53 -7.90 -15.27 4.52
CA PHE A 53 -6.46 -15.08 4.53
C PHE A 53 -6.06 -14.05 3.46
N ILE A 54 -6.63 -14.21 2.26
CA ILE A 54 -6.30 -13.30 1.18
C ILE A 54 -6.76 -11.88 1.53
N LEU A 55 -7.96 -11.79 2.06
CA LEU A 55 -8.52 -10.50 2.44
C LEU A 55 -7.70 -9.87 3.56
N LYS A 56 -7.14 -10.73 4.41
CA LYS A 56 -6.33 -10.25 5.52
C LYS A 56 -5.11 -9.48 5.01
N ALA A 57 -4.47 -10.02 3.98
CA ALA A 57 -3.30 -9.36 3.42
C ALA A 57 -3.66 -7.98 2.89
N LYS A 58 -4.77 -7.90 2.17
CA LYS A 58 -5.23 -6.63 1.60
C LYS A 58 -5.42 -5.60 2.71
N ILE A 59 -6.48 -5.75 3.50
CA ILE A 59 -6.75 -4.82 4.58
C ILE A 59 -5.48 -4.50 5.36
N LYS A 60 -4.72 -5.53 5.70
CA LYS A 60 -3.49 -5.36 6.43
C LYS A 60 -2.50 -4.58 5.60
N ALA A 61 -2.60 -4.72 4.28
CA ALA A 61 -1.69 -4.01 3.36
C ALA A 61 -2.18 -2.59 3.12
N ILE A 62 -3.48 -2.37 3.32
CA ILE A 62 -4.04 -1.04 3.11
C ILE A 62 -3.84 -0.18 4.35
N GLN A 63 -4.13 -0.73 5.52
CA GLN A 63 -3.98 0.01 6.76
C GLN A 63 -2.55 0.53 6.90
N VAL A 64 -1.59 -0.34 6.62
CA VAL A 64 -0.18 0.04 6.71
C VAL A 64 0.15 1.07 5.63
N ALA A 65 -0.48 0.93 4.47
CA ALA A 65 -0.24 1.85 3.36
C ALA A 65 -0.38 3.30 3.84
N GLU A 66 -1.31 3.51 4.75
CA GLU A 66 -1.54 4.84 5.29
C GLU A 66 -0.25 5.43 5.81
N ARG A 67 0.74 4.59 6.05
CA ARG A 67 2.02 5.05 6.55
C ARG A 67 2.86 5.65 5.43
N PHE A 68 2.54 5.29 4.20
CA PHE A 68 3.32 5.79 3.09
C PHE A 68 3.08 7.28 2.88
N VAL A 69 1.86 7.61 2.46
CA VAL A 69 1.50 9.00 2.21
C VAL A 69 1.90 9.88 3.38
N LYS A 70 2.10 9.27 4.53
CA LYS A 70 2.50 10.00 5.73
C LYS A 70 3.92 10.47 5.63
N ALA A 71 4.79 9.60 5.14
CA ALA A 71 6.20 9.95 4.98
C ALA A 71 6.39 11.02 3.92
N ILE A 72 5.54 10.96 2.91
CA ILE A 72 5.61 11.93 1.82
C ILE A 72 5.48 13.34 2.36
N LYS A 73 4.58 13.53 3.31
CA LYS A 73 4.34 14.84 3.86
C LYS A 73 5.61 15.40 4.48
N GLU A 74 6.34 14.56 5.19
CA GLU A 74 7.57 15.00 5.84
C GLU A 74 8.59 15.47 4.80
N GLU A 75 8.69 14.73 3.71
CA GLU A 75 9.64 15.08 2.66
C GLU A 75 9.33 16.45 2.08
N ALA A 76 8.04 16.76 1.95
CA ALA A 76 7.64 18.04 1.41
C ALA A 76 8.02 19.18 2.36
N GLU A 77 7.88 18.93 3.65
CA GLU A 77 8.20 19.96 4.63
C GLU A 77 9.63 20.44 4.47
N LYS A 78 10.48 19.57 3.96
CA LYS A 78 11.89 19.90 3.77
C LYS A 78 12.08 20.61 2.44
N LEU A 79 11.06 20.53 1.58
CA LEU A 79 11.14 21.14 0.27
C LEU A 79 10.67 22.58 0.34
N LYS A 80 9.97 22.93 1.41
CA LYS A 80 9.45 24.29 1.55
C LYS A 80 10.41 25.32 0.99
N LYS A 81 11.69 25.06 1.16
CA LYS A 81 12.71 25.96 0.66
C LYS A 81 14.10 25.34 0.80
N SER A 82 14.18 24.23 1.54
CA SER A 82 15.46 23.54 1.75
C SER A 82 15.55 22.31 0.87
N GLY A 83 15.65 22.54 -0.44
CA GLY A 83 15.74 21.42 -1.38
C GLY A 83 15.57 21.91 -2.82
N SER A 84 14.79 22.96 -3.00
CA SER A 84 14.54 23.52 -4.32
C SER A 84 13.95 22.47 -5.24
N SER A 85 13.36 22.91 -6.34
CA SER A 85 12.75 21.99 -7.30
C SER A 85 13.70 20.85 -7.64
N GLY A 86 15.00 21.09 -7.44
CA GLY A 86 16.00 20.07 -7.72
C GLY A 86 15.82 18.87 -6.80
N ALA A 87 15.74 19.13 -5.50
CA ALA A 87 15.58 18.05 -4.53
C ALA A 87 14.31 17.27 -4.81
N PHE A 88 13.27 17.98 -5.26
CA PHE A 88 12.00 17.33 -5.56
C PHE A 88 12.20 16.23 -6.60
N SER A 89 12.85 16.57 -7.69
CA SER A 89 13.07 15.60 -8.76
C SER A 89 13.72 14.33 -8.20
N ALA A 90 14.71 14.50 -7.33
CA ALA A 90 15.39 13.36 -6.73
C ALA A 90 14.45 12.59 -5.82
N MET A 91 13.81 13.29 -4.89
CA MET A 91 12.90 12.64 -3.96
C MET A 91 11.69 12.08 -4.68
N TYR A 92 11.19 12.83 -5.64
CA TYR A 92 10.02 12.40 -6.41
C TYR A 92 10.34 11.21 -7.29
N ASP A 93 11.49 11.25 -7.94
CA ASP A 93 11.90 10.15 -8.83
C ASP A 93 11.57 8.79 -8.21
N LEU A 94 11.65 8.71 -6.89
CA LEU A 94 11.35 7.47 -6.21
C LEU A 94 9.89 7.10 -6.35
N MET A 95 9.02 8.09 -6.23
CA MET A 95 7.58 7.85 -6.33
C MET A 95 7.26 6.96 -7.51
N ILE A 96 8.19 6.87 -8.46
CA ILE A 96 8.01 6.04 -9.66
C ILE A 96 8.85 4.78 -9.58
N ASP A 97 10.11 4.92 -9.21
CA ASP A 97 11.01 3.78 -9.13
C ASP A 97 10.56 2.81 -8.05
N VAL A 98 10.03 3.34 -6.97
CA VAL A 98 9.57 2.52 -5.86
C VAL A 98 8.17 2.00 -6.11
N SER A 99 7.43 2.66 -7.01
CA SER A 99 6.05 2.25 -7.31
C SER A 99 6.02 1.01 -8.19
N LYS A 100 7.10 0.80 -8.93
CA LYS A 100 7.18 -0.36 -9.81
C LYS A 100 7.14 -1.65 -9.00
N PRO A 101 8.09 -1.85 -8.12
CA PRO A 101 8.16 -3.08 -7.28
C PRO A 101 6.96 -3.18 -6.35
N LEU A 102 6.58 -2.06 -5.76
CA LEU A 102 5.47 -2.05 -4.81
C LEU A 102 4.29 -2.84 -5.35
N GLU A 103 4.20 -2.91 -6.67
CA GLU A 103 3.11 -3.63 -7.31
C GLU A 103 2.90 -4.99 -6.67
N GLU A 104 3.92 -5.48 -5.98
CA GLU A 104 3.84 -6.78 -5.32
C GLU A 104 2.62 -6.85 -4.43
N ILE A 105 2.53 -5.93 -3.49
CA ILE A 105 1.39 -5.92 -2.57
C ILE A 105 0.14 -5.42 -3.27
N GLY A 106 0.30 -5.03 -4.51
CA GLY A 106 -0.84 -4.53 -5.28
C GLY A 106 -1.34 -3.19 -4.77
N ILE A 107 -0.44 -2.22 -4.62
CA ILE A 107 -0.81 -0.87 -4.17
C ILE A 107 -0.39 0.15 -5.24
N GLN A 108 0.24 -0.33 -6.29
CA GLN A 108 0.67 0.59 -7.35
C GLN A 108 -0.51 1.35 -7.94
N LYS A 109 -1.66 1.36 -7.24
CA LYS A 109 -2.84 2.06 -7.70
C LYS A 109 -2.87 3.47 -7.11
N MET A 110 -2.94 3.55 -5.78
CA MET A 110 -2.99 4.85 -5.11
C MET A 110 -1.84 5.73 -5.58
N THR A 111 -0.70 5.11 -5.82
CA THR A 111 0.47 5.85 -6.30
C THR A 111 0.20 6.43 -7.68
N GLY A 112 -0.25 5.57 -8.59
CA GLY A 112 -0.55 6.00 -9.96
C GLY A 112 -1.33 7.31 -9.97
N THR A 113 -2.16 7.49 -8.94
CA THR A 113 -2.96 8.69 -8.81
C THR A 113 -2.08 9.92 -8.69
N VAL A 114 -0.98 9.79 -7.93
CA VAL A 114 -0.05 10.89 -7.74
C VAL A 114 0.24 11.59 -9.06
N LYS A 115 0.39 10.81 -10.12
CA LYS A 115 0.67 11.37 -11.43
C LYS A 115 -0.41 12.35 -11.83
N GLU A 116 -1.67 11.94 -11.67
CA GLU A 116 -2.78 12.81 -12.01
C GLU A 116 -2.80 14.02 -11.08
N ALA A 117 -2.43 13.80 -9.83
CA ALA A 117 -2.41 14.88 -8.85
C ALA A 117 -1.40 15.95 -9.26
N ALA A 118 -0.45 15.56 -10.10
CA ALA A 118 0.58 16.48 -10.56
C ALA A 118 0.04 17.34 -11.70
N GLN A 119 -1.20 17.09 -12.12
CA GLN A 119 -1.82 17.85 -13.19
C GLN A 119 -2.66 18.99 -12.62
N LYS A 120 -3.25 18.76 -11.45
CA LYS A 120 -4.09 19.77 -10.80
C LYS A 120 -3.28 20.51 -9.77
N THR A 121 -2.50 19.78 -8.97
CA THR A 121 -1.67 20.39 -7.93
C THR A 121 -0.17 20.24 -8.27
N PRO A 122 0.51 21.32 -8.60
CA PRO A 122 1.95 21.27 -8.97
C PRO A 122 2.85 21.11 -7.77
N ALA A 123 3.78 20.16 -7.85
CA ALA A 123 4.73 19.92 -6.76
C ALA A 123 5.85 20.96 -6.79
N THR A 124 5.59 22.10 -7.40
CA THR A 124 6.57 23.16 -7.51
C THR A 124 6.92 23.70 -6.14
N THR A 125 6.26 23.19 -5.10
CA THR A 125 6.51 23.64 -3.74
C THR A 125 6.02 22.61 -2.74
N ALA A 126 6.49 22.72 -1.50
CA ALA A 126 6.08 21.79 -0.45
C ALA A 126 4.57 21.78 -0.30
N ASP A 127 4.00 22.93 0.04
CA ASP A 127 2.55 23.04 0.24
C ASP A 127 1.81 22.30 -0.87
N GLY A 128 2.32 22.41 -2.09
CA GLY A 128 1.70 21.74 -3.22
C GLY A 128 1.75 20.24 -3.06
N ILE A 129 2.83 19.74 -2.48
CA ILE A 129 2.99 18.29 -2.26
C ILE A 129 2.27 17.84 -1.00
N ILE A 130 1.99 18.78 -0.12
CA ILE A 130 1.30 18.46 1.13
C ILE A 130 -0.14 18.03 0.83
N ALA A 131 -0.76 18.69 -0.14
CA ALA A 131 -2.13 18.37 -0.51
C ALA A 131 -2.18 17.06 -1.27
N ILE A 132 -1.14 16.81 -2.06
CA ILE A 132 -1.09 15.58 -2.85
C ILE A 132 -1.10 14.36 -1.93
N ALA A 133 -0.60 14.54 -0.72
CA ALA A 133 -0.55 13.45 0.24
C ALA A 133 -1.96 13.07 0.69
N GLN A 134 -2.84 14.07 0.77
CA GLN A 134 -4.21 13.84 1.19
C GLN A 134 -5.05 13.31 0.03
N ALA A 135 -4.60 13.58 -1.19
CA ALA A 135 -5.32 13.12 -2.36
C ALA A 135 -5.37 11.59 -2.42
N MET A 136 -4.24 10.96 -2.09
CA MET A 136 -4.16 9.51 -2.11
C MET A 136 -5.02 8.91 -0.99
N GLU A 137 -5.01 9.56 0.17
CA GLU A 137 -5.79 9.08 1.31
C GLU A 137 -7.23 8.79 0.91
N ASP A 138 -7.70 9.51 -0.10
CA ASP A 138 -9.06 9.31 -0.59
C ASP A 138 -9.20 7.94 -1.22
N LYS A 139 -8.15 7.48 -1.88
CA LYS A 139 -8.18 6.19 -2.56
C LYS A 139 -8.12 5.05 -1.55
N LEU A 140 -7.27 5.20 -0.56
CA LEU A 140 -7.10 4.17 0.46
C LEU A 140 -8.40 3.93 1.20
N ASN A 141 -9.19 4.99 1.32
CA ASN A 141 -10.47 4.89 2.02
C ASN A 141 -11.50 4.19 1.15
N ASN A 142 -11.45 4.45 -0.15
CA ASN A 142 -12.40 3.86 -1.08
C ASN A 142 -12.24 2.33 -1.13
N VAL A 143 -10.99 1.87 -1.18
CA VAL A 143 -10.72 0.45 -1.24
C VAL A 143 -10.91 -0.20 0.13
N ASN A 144 -10.60 0.55 1.18
CA ASN A 144 -10.75 0.05 2.54
C ASN A 144 -12.23 -0.13 2.89
N LYS A 145 -13.05 0.81 2.48
CA LYS A 145 -14.46 0.77 2.77
C LYS A 145 -15.14 -0.39 2.05
N LYS A 146 -14.67 -0.70 0.85
CA LYS A 146 -15.25 -1.77 0.05
C LYS A 146 -14.65 -3.11 0.41
N GLN A 147 -13.42 -3.09 0.92
CA GLN A 147 -12.75 -4.32 1.30
C GLN A 147 -13.38 -4.91 2.55
N HIS A 148 -13.61 -4.07 3.55
CA HIS A 148 -14.20 -4.52 4.80
C HIS A 148 -15.63 -5.00 4.56
N ASP A 149 -16.26 -4.48 3.52
CA ASP A 149 -17.63 -4.87 3.20
C ASP A 149 -17.68 -6.33 2.80
N ALA A 150 -16.66 -6.78 2.08
CA ALA A 150 -16.61 -8.17 1.63
C ALA A 150 -16.40 -9.10 2.81
N LEU A 151 -15.47 -8.74 3.68
CA LEU A 151 -15.18 -9.54 4.85
C LEU A 151 -16.38 -9.60 5.76
N LYS A 152 -17.11 -8.50 5.86
CA LYS A 152 -18.28 -8.44 6.72
C LYS A 152 -19.39 -9.33 6.19
N ASN A 153 -19.53 -9.37 4.87
CA ASN A 153 -20.57 -10.17 4.23
C ASN A 153 -20.07 -11.60 4.00
N LEU A 154 -18.78 -11.80 4.12
CA LEU A 154 -18.19 -13.11 3.92
C LEU A 154 -18.70 -14.10 4.96
N LYS A 155 -19.18 -13.58 6.08
CA LYS A 155 -19.70 -14.42 7.16
C LYS A 155 -21.06 -14.98 6.78
N GLU A 156 -21.88 -14.16 6.11
CA GLU A 156 -23.21 -14.60 5.71
C GLU A 156 -23.12 -15.72 4.68
N LYS A 157 -22.14 -15.61 3.79
CA LYS A 157 -21.95 -16.62 2.75
C LYS A 157 -21.59 -17.96 3.38
N ALA A 158 -20.79 -17.90 4.43
CA ALA A 158 -20.36 -19.12 5.13
C ALA A 158 -21.41 -19.54 6.16
N LYS A 159 -22.55 -19.99 5.67
CA LYS A 159 -23.65 -20.43 6.55
C LYS A 159 -23.42 -21.88 6.98
N THR A 160 -24.27 -22.79 6.49
CA THR A 160 -24.17 -24.20 6.83
C THR A 160 -23.29 -24.93 5.81
N ALA A 161 -22.88 -24.22 4.77
CA ALA A 161 -22.04 -24.81 3.74
C ALA A 161 -20.66 -25.13 4.31
N THR A 162 -20.39 -24.62 5.49
CA THR A 162 -19.09 -24.85 6.14
C THR A 162 -18.87 -26.34 6.38
N THR A 163 -17.64 -26.78 6.17
CA THR A 163 -17.30 -28.19 6.38
C THR A 163 -17.48 -28.59 7.83
N THR A 164 -18.12 -29.73 8.06
CA THR A 164 -18.34 -30.21 9.42
C THR A 164 -17.02 -30.25 10.20
N GLY A 1 16.77 1.46 23.36
CA GLY A 1 16.13 2.57 22.61
C GLY A 1 14.73 2.16 22.19
N LEU A 2 14.27 2.70 21.07
CA LEU A 2 12.93 2.39 20.57
C LEU A 2 12.92 0.99 19.95
N THR A 3 11.83 0.28 20.16
CA THR A 3 11.68 -1.07 19.62
C THR A 3 11.59 -1.02 18.10
N GLY A 4 12.14 -2.04 17.45
CA GLY A 4 12.12 -2.11 15.99
C GLY A 4 13.22 -1.25 15.40
N GLU A 5 13.79 -1.71 14.29
CA GLU A 5 14.86 -0.97 13.61
C GLU A 5 14.28 -0.11 12.49
N THR A 6 13.04 -0.39 12.12
CA THR A 6 12.39 0.38 11.06
C THR A 6 12.16 1.83 11.48
N LYS A 7 11.53 1.99 12.64
CA LYS A 7 11.24 3.33 13.14
C LYS A 7 12.50 4.19 13.15
N ILE A 8 13.66 3.54 13.10
CA ILE A 8 14.93 4.25 13.10
C ILE A 8 15.36 4.53 11.69
N ARG A 9 15.46 3.49 10.89
CA ARG A 9 15.90 3.65 9.52
C ARG A 9 14.99 4.61 8.78
N LEU A 10 15.54 5.75 8.37
CA LEU A 10 14.78 6.76 7.63
C LEU A 10 15.52 7.23 6.40
N GLU A 11 16.80 6.89 6.32
CA GLU A 11 17.60 7.29 5.18
C GLU A 11 17.09 6.64 3.91
N SER A 12 16.43 5.49 4.05
CA SER A 12 15.89 4.77 2.89
C SER A 12 14.65 3.99 3.29
N SER A 13 13.53 4.69 3.40
CA SER A 13 12.27 4.06 3.76
C SER A 13 11.65 3.34 2.56
N ALA A 14 11.86 3.88 1.37
CA ALA A 14 11.32 3.29 0.16
C ALA A 14 11.79 1.85 0.00
N GLN A 15 13.08 1.62 0.27
CA GLN A 15 13.64 0.28 0.16
C GLN A 15 13.13 -0.61 1.27
N GLU A 16 12.75 0.00 2.39
CA GLU A 16 12.26 -0.76 3.53
C GLU A 16 10.85 -1.28 3.27
N ILE A 17 9.92 -0.35 3.12
CA ILE A 17 8.53 -0.74 2.88
C ILE A 17 8.44 -1.81 1.80
N LYS A 18 9.44 -1.83 0.93
CA LYS A 18 9.46 -2.80 -0.16
C LYS A 18 9.46 -4.22 0.40
N ASP A 19 10.35 -4.47 1.36
CA ASP A 19 10.43 -5.80 1.98
C ASP A 19 9.26 -6.02 2.93
N GLU A 20 8.64 -4.93 3.36
CA GLU A 20 7.52 -5.01 4.28
C GLU A 20 6.31 -5.65 3.61
N ILE A 21 5.94 -5.13 2.45
CA ILE A 21 4.79 -5.64 1.73
C ILE A 21 5.07 -7.06 1.24
N ASN A 22 6.27 -7.29 0.75
CA ASN A 22 6.66 -8.60 0.26
C ASN A 22 6.46 -9.64 1.33
N LYS A 23 6.29 -9.19 2.57
CA LYS A 23 6.11 -10.10 3.68
C LYS A 23 4.90 -11.01 3.48
N ILE A 24 3.79 -10.42 3.08
CA ILE A 24 2.57 -11.18 2.87
C ILE A 24 2.79 -12.22 1.78
N LYS A 25 3.78 -12.01 0.93
CA LYS A 25 4.08 -12.93 -0.15
C LYS A 25 4.62 -14.24 0.41
N ALA A 26 5.61 -14.13 1.30
CA ALA A 26 6.20 -15.31 1.90
C ALA A 26 5.20 -16.01 2.82
N ASN A 27 4.44 -15.20 3.56
CA ASN A 27 3.45 -15.74 4.47
C ASN A 27 2.41 -16.54 3.70
N ALA A 28 2.28 -16.24 2.42
CA ALA A 28 1.32 -16.93 1.57
C ALA A 28 1.79 -18.35 1.26
N LYS A 29 3.09 -18.50 1.05
CA LYS A 29 3.65 -19.80 0.73
C LYS A 29 3.27 -20.84 1.76
N LYS A 30 3.29 -20.45 3.02
CA LYS A 30 2.93 -21.35 4.10
C LYS A 30 1.43 -21.58 4.12
N GLU A 31 0.69 -20.76 3.39
CA GLU A 31 -0.76 -20.89 3.35
C GLU A 31 -1.15 -22.22 2.72
N GLY A 32 -0.20 -22.87 2.07
CA GLY A 32 -0.48 -24.15 1.43
C GLY A 32 -1.42 -23.97 0.24
N VAL A 33 -2.34 -23.03 0.34
CA VAL A 33 -3.30 -22.78 -0.72
C VAL A 33 -2.58 -22.61 -2.05
N LYS A 34 -3.31 -22.78 -3.14
CA LYS A 34 -2.74 -22.61 -4.47
C LYS A 34 -2.64 -21.14 -4.81
N PHE A 35 -1.42 -20.64 -4.86
CA PHE A 35 -1.18 -19.23 -5.15
C PHE A 35 -1.72 -18.89 -6.55
N GLU A 36 -1.46 -19.76 -7.50
CA GLU A 36 -1.92 -19.54 -8.87
C GLU A 36 -3.43 -19.31 -8.89
N ALA A 37 -4.11 -19.77 -7.83
CA ALA A 37 -5.56 -19.63 -7.74
C ALA A 37 -5.92 -18.27 -7.19
N PHE A 38 -5.15 -17.78 -6.23
CA PHE A 38 -5.42 -16.47 -5.62
C PHE A 38 -5.84 -15.45 -6.68
N THR A 39 -5.40 -15.68 -7.91
CA THR A 39 -5.71 -14.77 -9.00
C THR A 39 -7.16 -14.91 -9.44
N ASN A 40 -7.58 -16.16 -9.67
CA ASN A 40 -8.95 -16.44 -10.12
C ASN A 40 -9.83 -16.91 -8.98
N THR A 41 -9.22 -17.13 -7.83
CA THR A 41 -9.96 -17.59 -6.66
C THR A 41 -11.07 -16.62 -6.32
N GLN A 42 -11.02 -15.43 -6.90
CA GLN A 42 -12.04 -14.42 -6.62
C GLN A 42 -13.43 -15.02 -6.63
N THR A 43 -13.65 -15.93 -7.56
CA THR A 43 -14.94 -16.62 -7.67
C THR A 43 -14.96 -17.87 -6.78
N GLY A 44 -13.77 -18.37 -6.46
CA GLY A 44 -13.66 -19.55 -5.62
C GLY A 44 -14.24 -19.29 -4.24
N SER A 45 -14.44 -18.02 -3.91
CA SER A 45 -14.99 -17.65 -2.60
C SER A 45 -16.22 -18.49 -2.28
N LYS A 46 -16.92 -18.91 -3.31
CA LYS A 46 -18.10 -19.74 -3.12
C LYS A 46 -17.74 -21.08 -2.51
N ILE A 47 -16.63 -21.64 -2.96
CA ILE A 47 -16.16 -22.95 -2.47
C ILE A 47 -15.17 -22.78 -1.35
N SER A 48 -14.21 -21.90 -1.55
CA SER A 48 -13.19 -21.65 -0.54
C SER A 48 -13.83 -21.41 0.82
N GLU A 49 -13.67 -22.37 1.71
CA GLU A 49 -14.23 -22.27 3.06
C GLU A 49 -13.31 -21.47 3.97
N LYS A 50 -12.14 -21.11 3.46
CA LYS A 50 -11.17 -20.33 4.24
C LYS A 50 -10.45 -19.32 3.34
N PRO A 51 -11.17 -18.38 2.78
CA PRO A 51 -10.59 -17.34 1.89
C PRO A 51 -9.93 -16.22 2.71
N GLU A 52 -10.01 -16.34 4.04
CA GLU A 52 -9.45 -15.32 4.91
C GLU A 52 -7.99 -15.03 4.52
N PHE A 53 -7.41 -15.93 3.74
CA PHE A 53 -6.02 -15.73 3.30
C PHE A 53 -5.91 -14.50 2.38
N ILE A 54 -6.76 -14.48 1.36
CA ILE A 54 -6.73 -13.38 0.40
C ILE A 54 -7.15 -12.09 1.09
N LEU A 55 -8.19 -12.18 1.91
CA LEU A 55 -8.70 -11.03 2.63
C LEU A 55 -7.66 -10.48 3.58
N LYS A 56 -6.91 -11.36 4.20
CA LYS A 56 -5.87 -10.94 5.14
C LYS A 56 -4.84 -10.07 4.45
N ALA A 57 -4.51 -10.39 3.21
CA ALA A 57 -3.52 -9.63 2.48
C ALA A 57 -3.88 -8.16 2.45
N LYS A 58 -5.16 -7.87 2.29
CA LYS A 58 -5.63 -6.49 2.25
C LYS A 58 -5.20 -5.75 3.50
N ILE A 59 -5.88 -6.02 4.62
CA ILE A 59 -5.57 -5.32 5.87
C ILE A 59 -4.07 -5.24 6.09
N LYS A 60 -3.39 -6.35 5.89
CA LYS A 60 -1.95 -6.40 6.07
C LYS A 60 -1.26 -5.44 5.11
N ALA A 61 -1.89 -5.20 3.97
CA ALA A 61 -1.34 -4.29 2.97
C ALA A 61 -1.74 -2.84 3.25
N ILE A 62 -3.02 -2.63 3.53
CA ILE A 62 -3.50 -1.29 3.78
C ILE A 62 -2.72 -0.66 4.92
N GLN A 63 -2.54 -1.40 6.00
CA GLN A 63 -1.82 -0.87 7.14
C GLN A 63 -0.48 -0.29 6.71
N VAL A 64 0.23 -1.04 5.89
CA VAL A 64 1.52 -0.57 5.39
C VAL A 64 1.34 0.69 4.54
N ALA A 65 0.39 0.65 3.61
CA ALA A 65 0.13 1.79 2.73
C ALA A 65 0.14 3.09 3.52
N GLU A 66 -0.44 3.04 4.72
CA GLU A 66 -0.50 4.22 5.56
C GLU A 66 0.86 4.86 5.70
N ARG A 67 1.91 4.06 5.59
CA ARG A 67 3.27 4.54 5.67
C ARG A 67 3.78 4.98 4.30
N PHE A 68 3.10 4.58 3.26
CA PHE A 68 3.51 4.92 1.92
C PHE A 68 3.28 6.38 1.60
N VAL A 69 2.06 6.86 1.83
CA VAL A 69 1.71 8.25 1.54
C VAL A 69 2.30 9.20 2.56
N LYS A 70 2.63 8.67 3.72
CA LYS A 70 3.20 9.49 4.79
C LYS A 70 4.60 9.96 4.44
N ALA A 71 5.34 9.10 3.74
CA ALA A 71 6.70 9.44 3.36
C ALA A 71 6.72 10.61 2.38
N ILE A 72 5.68 10.68 1.56
CA ILE A 72 5.60 11.75 0.57
C ILE A 72 5.61 13.11 1.24
N LYS A 73 5.13 13.16 2.48
CA LYS A 73 5.06 14.42 3.20
C LYS A 73 6.45 14.89 3.61
N GLU A 74 7.17 14.04 4.32
CA GLU A 74 8.51 14.37 4.78
C GLU A 74 9.45 14.58 3.59
N GLU A 75 9.25 13.79 2.54
CA GLU A 75 10.09 13.89 1.36
C GLU A 75 9.91 15.26 0.70
N ALA A 76 8.75 15.86 0.88
CA ALA A 76 8.48 17.17 0.30
C ALA A 76 9.04 18.29 1.18
N GLU A 77 9.01 18.06 2.48
CA GLU A 77 9.51 19.07 3.42
C GLU A 77 10.94 19.46 3.06
N LYS A 78 11.65 18.57 2.39
CA LYS A 78 13.03 18.82 2.02
C LYS A 78 13.10 19.83 0.88
N LEU A 79 11.96 20.08 0.25
CA LEU A 79 11.87 21.04 -0.86
C LEU A 79 11.35 22.37 -0.38
N LYS A 80 10.96 22.43 0.86
CA LYS A 80 10.44 23.67 1.41
C LYS A 80 11.36 24.85 1.09
N LYS A 81 12.40 25.03 1.90
CA LYS A 81 13.31 26.12 1.70
C LYS A 81 14.03 25.98 0.37
N SER A 82 14.48 24.77 0.07
CA SER A 82 15.21 24.54 -1.18
C SER A 82 14.35 24.90 -2.38
N GLY A 83 13.13 24.37 -2.41
CA GLY A 83 12.21 24.65 -3.52
C GLY A 83 12.89 24.45 -4.87
N SER A 84 14.05 23.80 -4.85
CA SER A 84 14.80 23.55 -6.07
C SER A 84 14.15 22.43 -6.87
N SER A 85 13.56 22.79 -8.00
CA SER A 85 12.89 21.80 -8.85
C SER A 85 13.85 20.67 -9.20
N GLY A 86 15.15 20.93 -9.05
CA GLY A 86 16.15 19.92 -9.35
C GLY A 86 16.03 18.73 -8.40
N ALA A 87 16.00 19.02 -7.10
CA ALA A 87 15.88 17.97 -6.09
C ALA A 87 14.56 17.23 -6.26
N PHE A 88 13.52 17.96 -6.65
CA PHE A 88 12.21 17.35 -6.85
C PHE A 88 12.28 16.26 -7.92
N SER A 89 12.87 16.59 -9.06
CA SER A 89 12.97 15.64 -10.17
C SER A 89 13.45 14.29 -9.66
N ALA A 90 14.46 14.33 -8.80
CA ALA A 90 15.00 13.09 -8.22
C ALA A 90 14.00 12.50 -7.23
N MET A 91 13.28 13.36 -6.54
CA MET A 91 12.31 12.88 -5.54
C MET A 91 11.16 12.13 -6.20
N TYR A 92 10.57 12.76 -7.21
CA TYR A 92 9.45 12.16 -7.93
C TYR A 92 9.90 10.93 -8.69
N ASP A 93 11.10 10.99 -9.25
CA ASP A 93 11.64 9.87 -10.02
C ASP A 93 11.31 8.52 -9.35
N LEU A 94 11.22 8.54 -8.03
CA LEU A 94 10.92 7.33 -7.27
C LEU A 94 9.50 6.88 -7.50
N MET A 95 8.59 7.83 -7.54
CA MET A 95 7.19 7.52 -7.74
C MET A 95 7.00 6.49 -8.85
N ILE A 96 8.03 6.31 -9.67
CA ILE A 96 7.99 5.37 -10.79
C ILE A 96 8.77 4.12 -10.46
N ASP A 97 9.98 4.28 -9.93
CA ASP A 97 10.82 3.15 -9.59
C ASP A 97 10.21 2.31 -8.49
N VAL A 98 9.50 2.96 -7.58
CA VAL A 98 8.88 2.25 -6.46
C VAL A 98 7.47 1.79 -6.81
N SER A 99 6.88 2.42 -7.83
CA SER A 99 5.52 2.07 -8.23
C SER A 99 5.50 0.80 -9.08
N LYS A 100 6.59 0.54 -9.78
CA LYS A 100 6.68 -0.64 -10.61
C LYS A 100 6.63 -1.91 -9.75
N PRO A 101 7.57 -2.09 -8.85
CA PRO A 101 7.62 -3.29 -7.97
C PRO A 101 6.43 -3.36 -7.04
N LEU A 102 6.07 -2.21 -6.47
CA LEU A 102 4.96 -2.15 -5.53
C LEU A 102 3.77 -2.93 -6.08
N GLU A 103 3.67 -3.03 -7.39
CA GLU A 103 2.57 -3.77 -8.01
C GLU A 103 2.41 -5.15 -7.37
N GLU A 104 3.39 -5.56 -6.56
CA GLU A 104 3.35 -6.85 -5.91
C GLU A 104 2.29 -6.88 -4.82
N ILE A 105 1.80 -5.70 -4.42
CA ILE A 105 0.77 -5.60 -3.37
C ILE A 105 -0.54 -5.07 -3.94
N GLY A 106 -0.51 -4.67 -5.20
CA GLY A 106 -1.71 -4.17 -5.84
C GLY A 106 -2.15 -2.83 -5.26
N ILE A 107 -1.23 -1.87 -5.18
CA ILE A 107 -1.53 -0.51 -4.68
C ILE A 107 -1.23 0.49 -5.79
N GLN A 108 -0.78 0.02 -6.93
CA GLN A 108 -0.49 0.94 -8.03
C GLN A 108 -1.70 1.83 -8.38
N LYS A 109 -2.71 1.86 -7.51
CA LYS A 109 -3.89 2.68 -7.70
C LYS A 109 -3.73 4.01 -6.97
N MET A 110 -3.53 3.94 -5.66
CA MET A 110 -3.38 5.15 -4.86
C MET A 110 -2.25 6.00 -5.40
N THR A 111 -1.16 5.35 -5.77
CA THR A 111 -0.01 6.05 -6.31
C THR A 111 -0.39 6.72 -7.62
N GLY A 112 -1.00 5.96 -8.52
CA GLY A 112 -1.42 6.51 -9.83
C GLY A 112 -2.07 7.89 -9.66
N THR A 113 -2.51 8.18 -8.44
CA THR A 113 -3.14 9.45 -8.14
C THR A 113 -2.14 10.61 -8.27
N VAL A 114 -0.87 10.29 -8.07
CA VAL A 114 0.19 11.30 -8.13
C VAL A 114 0.21 11.97 -9.50
N LYS A 115 0.11 11.18 -10.56
CA LYS A 115 0.14 11.72 -11.90
C LYS A 115 -0.96 12.76 -12.10
N GLU A 116 -2.19 12.36 -11.88
CA GLU A 116 -3.32 13.26 -12.04
C GLU A 116 -3.25 14.39 -11.02
N ALA A 117 -2.83 14.06 -9.81
CA ALA A 117 -2.73 15.06 -8.76
C ALA A 117 -1.69 16.11 -9.12
N ALA A 118 -0.60 15.68 -9.75
CA ALA A 118 0.46 16.60 -10.14
C ALA A 118 -0.08 17.60 -11.17
N GLN A 119 -0.92 17.10 -12.06
CA GLN A 119 -1.48 17.96 -13.09
C GLN A 119 -2.31 19.07 -12.47
N LYS A 120 -2.89 18.79 -11.31
CA LYS A 120 -3.72 19.77 -10.61
C LYS A 120 -2.88 20.55 -9.61
N THR A 121 -2.10 19.82 -8.80
CA THR A 121 -1.28 20.45 -7.79
C THR A 121 0.11 20.81 -8.35
N PRO A 122 0.67 21.93 -7.93
CA PRO A 122 2.01 22.36 -8.42
C PRO A 122 3.15 21.58 -7.75
N ALA A 123 3.55 20.47 -8.35
CA ALA A 123 4.64 19.66 -7.81
C ALA A 123 5.98 20.38 -7.97
N THR A 124 5.89 21.70 -8.12
CA THR A 124 7.09 22.53 -8.32
C THR A 124 7.63 23.02 -6.98
N THR A 125 7.05 22.51 -5.89
CA THR A 125 7.50 22.90 -4.55
C THR A 125 6.99 21.93 -3.50
N ALA A 126 7.49 22.07 -2.28
CA ALA A 126 7.08 21.18 -1.20
C ALA A 126 5.59 21.31 -0.92
N ASP A 127 5.16 22.52 -0.51
CA ASP A 127 3.75 22.77 -0.20
C ASP A 127 2.84 22.12 -1.23
N GLY A 128 3.17 22.28 -2.50
CA GLY A 128 2.38 21.72 -3.56
C GLY A 128 2.31 20.21 -3.44
N ILE A 129 3.39 19.60 -2.96
CA ILE A 129 3.46 18.14 -2.81
C ILE A 129 2.89 17.70 -1.46
N ILE A 130 2.81 18.64 -0.54
CA ILE A 130 2.29 18.35 0.78
C ILE A 130 0.81 17.97 0.70
N ALA A 131 0.07 18.72 -0.09
CA ALA A 131 -1.34 18.47 -0.25
C ALA A 131 -1.57 17.15 -0.98
N ILE A 132 -0.69 16.87 -1.93
CA ILE A 132 -0.82 15.65 -2.71
C ILE A 132 -0.83 14.43 -1.78
N ALA A 133 -0.28 14.59 -0.59
CA ALA A 133 -0.24 13.51 0.38
C ALA A 133 -1.63 13.15 0.86
N GLN A 134 -2.47 14.17 1.02
CA GLN A 134 -3.84 13.96 1.49
C GLN A 134 -4.77 13.62 0.32
N ALA A 135 -4.35 14.00 -0.89
CA ALA A 135 -5.16 13.73 -2.07
C ALA A 135 -5.28 12.22 -2.30
N MET A 136 -4.19 11.49 -2.08
CA MET A 136 -4.19 10.05 -2.26
C MET A 136 -4.73 9.35 -1.02
N GLU A 137 -4.69 10.06 0.11
CA GLU A 137 -5.15 9.50 1.37
C GLU A 137 -6.66 9.23 1.32
N ASP A 138 -7.37 10.06 0.58
CA ASP A 138 -8.81 9.91 0.45
C ASP A 138 -9.16 8.57 -0.20
N LYS A 139 -8.27 8.10 -1.07
CA LYS A 139 -8.50 6.83 -1.76
C LYS A 139 -8.39 5.65 -0.80
N LEU A 140 -7.43 5.73 0.10
CA LEU A 140 -7.22 4.66 1.05
C LEU A 140 -8.47 4.43 1.89
N ASN A 141 -9.19 5.49 2.13
CA ASN A 141 -10.44 5.40 2.91
C ASN A 141 -11.53 4.68 2.12
N ASN A 142 -11.53 4.88 0.81
CA ASN A 142 -12.54 4.27 -0.05
C ASN A 142 -12.36 2.76 -0.12
N VAL A 143 -11.11 2.31 -0.23
CA VAL A 143 -10.83 0.88 -0.33
C VAL A 143 -10.79 0.23 1.05
N ASN A 144 -10.24 0.95 2.02
CA ASN A 144 -10.13 0.43 3.38
C ASN A 144 -11.47 -0.15 3.83
N LYS A 145 -12.55 0.37 3.28
CA LYS A 145 -13.88 -0.11 3.65
C LYS A 145 -14.25 -1.35 2.86
N LYS A 146 -14.44 -1.20 1.56
CA LYS A 146 -14.81 -2.32 0.71
C LYS A 146 -13.87 -3.49 0.92
N GLN A 147 -12.58 -3.22 1.06
CA GLN A 147 -11.58 -4.26 1.27
C GLN A 147 -11.75 -4.92 2.62
N HIS A 148 -11.68 -4.13 3.68
CA HIS A 148 -11.82 -4.65 5.03
C HIS A 148 -13.20 -5.27 5.23
N ASP A 149 -14.21 -4.63 4.66
CA ASP A 149 -15.58 -5.11 4.78
C ASP A 149 -15.68 -6.55 4.28
N ALA A 150 -14.69 -6.96 3.48
CA ALA A 150 -14.67 -8.31 2.94
C ALA A 150 -14.49 -9.31 4.06
N LEU A 151 -13.69 -8.95 5.05
CA LEU A 151 -13.43 -9.84 6.17
C LEU A 151 -14.71 -10.08 6.95
N LYS A 152 -15.58 -9.08 6.98
CA LYS A 152 -16.83 -9.19 7.70
C LYS A 152 -17.75 -10.23 7.05
N ASN A 153 -17.46 -10.55 5.80
CA ASN A 153 -18.28 -11.52 5.08
C ASN A 153 -18.19 -12.89 5.73
N LEU A 154 -16.99 -13.37 5.94
CA LEU A 154 -16.80 -14.70 6.52
C LEU A 154 -17.21 -14.69 7.98
N LYS A 155 -17.37 -13.51 8.53
CA LYS A 155 -17.76 -13.38 9.93
C LYS A 155 -19.25 -13.59 10.11
N GLU A 156 -20.04 -12.97 9.24
CA GLU A 156 -21.48 -13.07 9.35
C GLU A 156 -21.92 -14.53 9.31
N LYS A 157 -21.05 -15.38 8.77
CA LYS A 157 -21.36 -16.81 8.65
C LYS A 157 -21.57 -17.41 10.01
N ALA A 158 -20.50 -17.50 10.77
CA ALA A 158 -20.56 -18.06 12.11
C ALA A 158 -21.06 -19.51 12.07
N LYS A 159 -20.44 -20.36 12.85
CA LYS A 159 -20.83 -21.77 12.89
C LYS A 159 -22.20 -21.92 13.56
N THR A 160 -22.48 -23.12 14.05
CA THR A 160 -23.76 -23.38 14.70
C THR A 160 -23.87 -22.59 16.00
N ALA A 161 -22.75 -22.03 16.44
CA ALA A 161 -22.73 -21.25 17.67
C ALA A 161 -23.55 -19.96 17.49
N THR A 162 -24.16 -19.81 16.32
CA THR A 162 -24.96 -18.63 16.03
C THR A 162 -26.11 -18.54 17.02
N THR A 163 -26.39 -17.32 17.48
CA THR A 163 -27.47 -17.08 18.43
C THR A 163 -27.25 -17.90 19.69
N THR A 164 -27.82 -17.43 20.81
CA THR A 164 -27.67 -18.12 22.08
C THR A 164 -26.19 -18.31 22.42
N GLY A 1 4.71 -9.65 14.54
CA GLY A 1 5.75 -9.09 15.44
C GLY A 1 6.09 -7.68 15.00
N LEU A 2 6.44 -6.82 15.95
CA LEU A 2 6.77 -5.44 15.64
C LEU A 2 8.12 -5.37 14.90
N THR A 3 8.13 -4.72 13.74
CA THR A 3 9.35 -4.61 12.97
C THR A 3 10.40 -3.83 13.76
N GLY A 4 11.65 -4.28 13.68
CA GLY A 4 12.77 -3.64 14.39
C GLY A 4 13.61 -2.80 13.44
N GLU A 5 13.28 -2.85 12.14
CA GLU A 5 14.02 -2.10 11.12
C GLU A 5 13.39 -0.72 10.90
N THR A 6 12.16 -0.56 11.39
CA THR A 6 11.45 0.71 11.25
C THR A 6 12.02 1.76 12.19
N LYS A 7 12.54 1.28 13.31
CA LYS A 7 13.13 2.19 14.28
C LYS A 7 14.35 2.86 13.71
N ILE A 8 14.96 2.24 12.71
CA ILE A 8 16.18 2.78 12.10
C ILE A 8 15.81 3.77 11.01
N ARG A 9 15.19 3.25 9.96
CA ARG A 9 14.78 4.08 8.83
C ARG A 9 15.97 4.70 8.12
N LEU A 10 17.09 4.81 8.84
CA LEU A 10 18.29 5.39 8.27
C LEU A 10 18.81 4.56 7.11
N GLU A 11 18.73 3.24 7.25
CA GLU A 11 19.20 2.33 6.21
C GLU A 11 18.54 2.65 4.89
N SER A 12 17.21 2.76 4.90
CA SER A 12 16.46 3.06 3.69
C SER A 12 15.02 3.42 4.03
N SER A 13 14.21 3.65 2.99
CA SER A 13 12.80 3.99 3.19
C SER A 13 11.93 3.31 2.12
N ALA A 14 12.19 3.64 0.86
CA ALA A 14 11.43 3.04 -0.24
C ALA A 14 11.67 1.54 -0.32
N GLN A 15 12.92 1.13 -0.07
CA GLN A 15 13.28 -0.29 -0.12
C GLN A 15 12.91 -0.99 1.19
N GLU A 16 12.80 -0.22 2.27
CA GLU A 16 12.46 -0.77 3.57
C GLU A 16 11.03 -1.32 3.57
N ILE A 17 10.12 -0.58 2.95
CA ILE A 17 8.72 -1.00 2.88
C ILE A 17 8.54 -2.15 1.90
N LYS A 18 9.47 -2.25 0.97
CA LYS A 18 9.43 -3.33 -0.03
C LYS A 18 9.63 -4.69 0.61
N ASP A 19 10.44 -4.74 1.66
CA ASP A 19 10.71 -6.00 2.35
C ASP A 19 9.56 -6.35 3.31
N GLU A 20 8.94 -5.31 3.88
CA GLU A 20 7.84 -5.52 4.83
C GLU A 20 6.65 -6.16 4.13
N ILE A 21 6.23 -5.57 3.02
CA ILE A 21 5.11 -6.09 2.25
C ILE A 21 5.45 -7.45 1.66
N ASN A 22 6.66 -7.56 1.11
CA ASN A 22 7.11 -8.81 0.50
C ASN A 22 6.87 -9.98 1.45
N LYS A 23 6.66 -9.67 2.72
CA LYS A 23 6.42 -10.69 3.72
C LYS A 23 5.12 -11.45 3.43
N ILE A 24 4.15 -10.75 2.86
CA ILE A 24 2.86 -11.37 2.54
C ILE A 24 3.07 -12.56 1.60
N LYS A 25 4.10 -12.48 0.75
CA LYS A 25 4.39 -13.55 -0.19
C LYS A 25 4.92 -14.79 0.54
N ALA A 26 5.79 -14.55 1.52
CA ALA A 26 6.37 -15.65 2.29
C ALA A 26 5.31 -16.30 3.20
N ASN A 27 4.45 -15.46 3.76
CA ASN A 27 3.41 -15.95 4.65
C ASN A 27 2.47 -16.86 3.87
N ALA A 28 2.37 -16.61 2.57
CA ALA A 28 1.49 -17.42 1.73
C ALA A 28 2.02 -18.84 1.60
N LYS A 29 3.32 -18.97 1.58
CA LYS A 29 3.93 -20.28 1.44
C LYS A 29 3.52 -21.20 2.58
N LYS A 30 3.27 -20.62 3.74
CA LYS A 30 2.88 -21.40 4.91
C LYS A 30 1.37 -21.64 4.92
N GLU A 31 0.64 -20.85 4.15
CA GLU A 31 -0.81 -21.00 4.08
C GLU A 31 -1.18 -22.33 3.46
N GLY A 32 -0.22 -22.96 2.80
CA GLY A 32 -0.47 -24.26 2.17
C GLY A 32 -1.44 -24.13 1.00
N VAL A 33 -2.39 -23.21 1.13
CA VAL A 33 -3.38 -22.98 0.08
C VAL A 33 -2.69 -22.83 -1.28
N LYS A 34 -3.44 -23.09 -2.33
CA LYS A 34 -2.91 -22.97 -3.67
C LYS A 34 -2.79 -21.50 -4.06
N PHE A 35 -1.56 -21.02 -4.12
CA PHE A 35 -1.30 -19.62 -4.46
C PHE A 35 -1.83 -19.34 -5.87
N GLU A 36 -1.57 -20.26 -6.79
CA GLU A 36 -2.02 -20.10 -8.17
C GLU A 36 -3.53 -19.81 -8.20
N ALA A 37 -4.23 -20.29 -7.17
CA ALA A 37 -5.67 -20.09 -7.07
C ALA A 37 -5.98 -18.67 -6.58
N PHE A 38 -4.96 -17.96 -6.11
CA PHE A 38 -5.13 -16.59 -5.62
C PHE A 38 -6.09 -15.80 -6.52
N THR A 39 -6.15 -16.20 -7.79
CA THR A 39 -7.03 -15.55 -8.77
C THR A 39 -8.33 -16.34 -8.93
N ASN A 40 -8.21 -17.65 -9.19
CA ASN A 40 -9.37 -18.51 -9.38
C ASN A 40 -10.19 -18.62 -8.10
N THR A 41 -9.50 -18.69 -6.98
CA THR A 41 -10.16 -18.80 -5.69
C THR A 41 -11.28 -17.78 -5.58
N GLN A 42 -11.02 -16.56 -6.06
CA GLN A 42 -12.00 -15.51 -5.99
C GLN A 42 -13.38 -16.01 -6.44
N THR A 43 -13.41 -16.55 -7.66
CA THR A 43 -14.64 -17.09 -8.21
C THR A 43 -15.03 -18.38 -7.48
N GLY A 44 -14.04 -19.25 -7.27
CA GLY A 44 -14.25 -20.52 -6.58
C GLY A 44 -14.69 -20.29 -5.14
N SER A 45 -14.60 -19.04 -4.69
CA SER A 45 -14.97 -18.69 -3.32
C SER A 45 -16.36 -19.25 -2.97
N LYS A 46 -17.06 -19.76 -3.97
CA LYS A 46 -18.38 -20.33 -3.75
C LYS A 46 -18.29 -21.48 -2.75
N ILE A 47 -17.25 -22.30 -2.88
CA ILE A 47 -17.06 -23.45 -1.98
C ILE A 47 -16.27 -23.04 -0.76
N SER A 48 -15.11 -22.46 -1.01
CA SER A 48 -14.25 -22.02 0.08
C SER A 48 -14.92 -20.91 0.89
N GLU A 49 -15.47 -19.92 0.18
CA GLU A 49 -16.18 -18.80 0.82
C GLU A 49 -15.49 -18.36 2.12
N LYS A 50 -14.16 -18.48 2.14
CA LYS A 50 -13.38 -18.10 3.32
C LYS A 50 -11.97 -17.67 2.90
N PRO A 51 -11.84 -16.87 1.86
CA PRO A 51 -10.51 -16.38 1.39
C PRO A 51 -9.86 -15.45 2.41
N GLU A 52 -9.61 -15.97 3.61
CA GLU A 52 -9.01 -15.17 4.65
C GLU A 52 -7.54 -14.87 4.32
N PHE A 53 -6.90 -15.79 3.60
CA PHE A 53 -5.50 -15.59 3.21
C PHE A 53 -5.36 -14.41 2.24
N ILE A 54 -6.20 -14.39 1.23
CA ILE A 54 -6.10 -13.35 0.21
C ILE A 54 -6.33 -11.99 0.86
N LEU A 55 -7.35 -11.95 1.71
CA LEU A 55 -7.68 -10.71 2.40
C LEU A 55 -6.56 -10.34 3.37
N LYS A 56 -5.93 -11.34 3.95
CA LYS A 56 -4.86 -11.08 4.92
C LYS A 56 -3.72 -10.28 4.27
N ALA A 57 -3.33 -10.67 3.07
CA ALA A 57 -2.25 -9.98 2.39
C ALA A 57 -2.65 -8.54 2.11
N LYS A 58 -3.89 -8.36 1.67
CA LYS A 58 -4.40 -7.03 1.37
C LYS A 58 -4.36 -6.14 2.60
N ILE A 59 -5.27 -6.36 3.55
CA ILE A 59 -5.31 -5.55 4.78
C ILE A 59 -3.91 -5.25 5.30
N LYS A 60 -3.08 -6.28 5.35
CA LYS A 60 -1.71 -6.13 5.83
C LYS A 60 -0.99 -5.06 5.02
N ALA A 61 -1.30 -5.00 3.74
CA ALA A 61 -0.70 -4.01 2.87
C ALA A 61 -1.34 -2.65 3.09
N ILE A 62 -2.67 -2.64 3.29
CA ILE A 62 -3.40 -1.40 3.48
C ILE A 62 -2.81 -0.65 4.67
N GLN A 63 -2.52 -1.38 5.74
CA GLN A 63 -1.94 -0.74 6.92
C GLN A 63 -0.62 -0.06 6.56
N VAL A 64 0.26 -0.78 5.86
CA VAL A 64 1.55 -0.22 5.46
C VAL A 64 1.34 1.01 4.59
N ALA A 65 0.43 0.91 3.62
CA ALA A 65 0.16 2.02 2.70
C ALA A 65 0.11 3.36 3.45
N GLU A 66 -0.48 3.32 4.63
CA GLU A 66 -0.62 4.51 5.46
C GLU A 66 0.73 5.20 5.62
N ARG A 67 1.79 4.42 5.57
CA ARG A 67 3.16 4.92 5.71
C ARG A 67 3.70 5.39 4.36
N PHE A 68 3.05 4.97 3.30
CA PHE A 68 3.50 5.35 1.97
C PHE A 68 3.23 6.83 1.68
N VAL A 69 2.01 7.27 1.95
CA VAL A 69 1.62 8.66 1.69
C VAL A 69 2.18 9.62 2.75
N LYS A 70 2.52 9.07 3.90
CA LYS A 70 3.08 9.87 5.00
C LYS A 70 4.50 10.30 4.70
N ALA A 71 5.25 9.44 4.04
CA ALA A 71 6.62 9.76 3.70
C ALA A 71 6.68 10.91 2.69
N ILE A 72 5.68 10.95 1.80
CA ILE A 72 5.64 11.98 0.76
C ILE A 72 5.47 13.34 1.40
N LYS A 73 4.86 13.40 2.58
CA LYS A 73 4.63 14.66 3.24
C LYS A 73 5.95 15.25 3.75
N GLU A 74 6.70 14.44 4.47
CA GLU A 74 7.99 14.89 5.00
C GLU A 74 8.97 15.15 3.87
N GLU A 75 8.88 14.35 2.82
CA GLU A 75 9.78 14.49 1.69
C GLU A 75 9.67 15.89 1.08
N ALA A 76 8.51 16.52 1.27
CA ALA A 76 8.28 17.87 0.76
C ALA A 76 8.74 18.93 1.74
N GLU A 77 8.77 18.56 3.02
CA GLU A 77 9.16 19.51 4.06
C GLU A 77 10.60 19.98 3.86
N LYS A 78 11.44 19.10 3.35
CA LYS A 78 12.84 19.42 3.12
C LYS A 78 13.02 20.11 1.77
N LEU A 79 11.98 20.04 0.95
CA LEU A 79 12.04 20.64 -0.39
C LEU A 79 11.68 22.13 -0.32
N LYS A 80 11.09 22.55 0.79
CA LYS A 80 10.73 23.95 0.98
C LYS A 80 11.83 24.87 0.49
N LYS A 81 11.78 25.17 -0.80
CA LYS A 81 12.76 26.04 -1.41
C LYS A 81 14.16 25.48 -1.25
N SER A 82 14.29 24.43 -0.42
CA SER A 82 15.57 23.82 -0.17
C SER A 82 15.75 22.55 -0.99
N GLY A 83 15.54 22.66 -2.30
CA GLY A 83 15.66 21.50 -3.19
C GLY A 83 15.31 21.88 -4.62
N SER A 84 14.48 22.92 -4.78
CA SER A 84 14.08 23.37 -6.10
C SER A 84 13.50 22.22 -6.92
N SER A 85 12.93 22.54 -8.07
CA SER A 85 12.33 21.52 -8.93
C SER A 85 13.36 20.45 -9.27
N GLY A 86 14.63 20.78 -9.12
CA GLY A 86 15.70 19.83 -9.42
C GLY A 86 15.62 18.62 -8.48
N ALA A 87 15.60 18.90 -7.19
CA ALA A 87 15.53 17.83 -6.19
C ALA A 87 14.25 17.03 -6.38
N PHE A 88 13.19 17.72 -6.77
CA PHE A 88 11.91 17.07 -6.97
C PHE A 88 12.02 16.00 -8.05
N SER A 89 12.59 16.35 -9.20
CA SER A 89 12.71 15.40 -10.29
C SER A 89 13.37 14.11 -9.82
N ALA A 90 14.43 14.24 -9.04
CA ALA A 90 15.13 13.05 -8.53
C ALA A 90 14.25 12.24 -7.58
N MET A 91 13.72 12.91 -6.56
CA MET A 91 12.86 12.24 -5.59
C MET A 91 11.56 11.79 -6.23
N TYR A 92 10.99 12.64 -7.07
CA TYR A 92 9.74 12.33 -7.74
C TYR A 92 9.91 11.15 -8.68
N ASP A 93 10.99 11.15 -9.45
CA ASP A 93 11.25 10.07 -10.41
C ASP A 93 10.97 8.70 -9.77
N LEU A 94 11.16 8.61 -8.46
CA LEU A 94 10.92 7.37 -7.74
C LEU A 94 9.44 7.03 -7.74
N MET A 95 8.61 8.03 -7.49
CA MET A 95 7.16 7.82 -7.43
C MET A 95 6.69 6.96 -8.60
N ILE A 96 7.50 6.87 -9.65
CA ILE A 96 7.18 6.10 -10.85
C ILE A 96 7.96 4.79 -10.87
N ASP A 97 9.26 4.87 -10.57
CA ASP A 97 10.11 3.69 -10.58
C ASP A 97 9.70 2.72 -9.49
N VAL A 98 9.13 3.26 -8.41
CA VAL A 98 8.69 2.44 -7.28
C VAL A 98 7.25 1.97 -7.49
N SER A 99 6.53 2.64 -8.39
CA SER A 99 5.13 2.27 -8.66
C SER A 99 5.04 0.97 -9.43
N LYS A 100 6.09 0.66 -10.19
CA LYS A 100 6.13 -0.56 -10.98
C LYS A 100 6.31 -1.78 -10.06
N PRO A 101 7.41 -1.86 -9.32
CA PRO A 101 7.68 -3.03 -8.44
C PRO A 101 6.62 -3.18 -7.36
N LEU A 102 6.34 -2.08 -6.66
CA LEU A 102 5.36 -2.12 -5.57
C LEU A 102 4.10 -2.85 -6.00
N GLU A 103 3.75 -2.75 -7.28
CA GLU A 103 2.56 -3.41 -7.82
C GLU A 103 2.42 -4.82 -7.24
N GLU A 104 3.54 -5.37 -6.78
CA GLU A 104 3.55 -6.71 -6.22
C GLU A 104 2.62 -6.82 -5.04
N ILE A 105 2.15 -5.66 -4.54
CA ILE A 105 1.25 -5.62 -3.39
C ILE A 105 -0.14 -5.10 -3.81
N GLY A 106 -0.23 -4.62 -5.05
CA GLY A 106 -1.50 -4.13 -5.57
C GLY A 106 -1.91 -2.79 -4.94
N ILE A 107 -0.98 -1.82 -4.90
CA ILE A 107 -1.24 -0.47 -4.35
C ILE A 107 -0.85 0.57 -5.40
N GLN A 108 -0.28 0.14 -6.50
CA GLN A 108 0.11 1.07 -7.57
C GLN A 108 -1.11 1.84 -8.10
N LYS A 109 -2.23 1.83 -7.35
CA LYS A 109 -3.45 2.53 -7.74
C LYS A 109 -3.47 3.93 -7.13
N MET A 110 -3.46 3.98 -5.80
CA MET A 110 -3.51 5.26 -5.10
C MET A 110 -2.34 6.14 -5.55
N THR A 111 -1.17 5.53 -5.69
CA THR A 111 0.01 6.26 -6.13
C THR A 111 -0.13 6.64 -7.60
N GLY A 112 -0.55 5.67 -8.41
CA GLY A 112 -0.70 5.92 -9.85
C GLY A 112 -1.48 7.21 -10.11
N THR A 113 -2.32 7.57 -9.15
CA THR A 113 -3.12 8.80 -9.26
C THR A 113 -2.25 10.05 -9.08
N VAL A 114 -1.09 9.87 -8.45
CA VAL A 114 -0.17 10.99 -8.19
C VAL A 114 -0.07 11.90 -9.40
N LYS A 115 -0.19 11.31 -10.59
CA LYS A 115 -0.13 12.08 -11.81
C LYS A 115 -1.24 13.11 -11.84
N GLU A 116 -2.45 12.69 -11.47
CA GLU A 116 -3.58 13.59 -11.47
C GLU A 116 -3.40 14.67 -10.41
N ALA A 117 -2.91 14.27 -9.25
CA ALA A 117 -2.70 15.21 -8.17
C ALA A 117 -1.72 16.30 -8.61
N ALA A 118 -0.79 15.93 -9.48
CA ALA A 118 0.21 16.87 -9.98
C ALA A 118 -0.38 17.74 -11.08
N GLN A 119 -1.64 17.50 -11.44
CA GLN A 119 -2.31 18.26 -12.46
C GLN A 119 -3.00 19.48 -11.85
N LYS A 120 -3.49 19.32 -10.61
CA LYS A 120 -4.19 20.40 -9.91
C LYS A 120 -3.25 21.14 -8.98
N THR A 121 -2.36 20.40 -8.32
CA THR A 121 -1.38 20.98 -7.40
C THR A 121 0.04 20.70 -7.90
N PRO A 122 0.57 21.54 -8.77
CA PRO A 122 1.95 21.36 -9.30
C PRO A 122 2.98 21.19 -8.18
N ALA A 123 3.90 20.26 -8.39
CA ALA A 123 4.96 19.99 -7.41
C ALA A 123 6.09 21.01 -7.55
N THR A 124 5.77 22.16 -8.14
CA THR A 124 6.76 23.20 -8.35
C THR A 124 7.31 23.68 -7.02
N THR A 125 6.79 23.16 -5.92
CA THR A 125 7.26 23.56 -4.59
C THR A 125 6.81 22.55 -3.54
N ALA A 126 7.39 22.64 -2.35
CA ALA A 126 7.03 21.73 -1.28
C ALA A 126 5.53 21.76 -1.02
N ASP A 127 5.00 22.93 -0.65
CA ASP A 127 3.57 23.09 -0.36
C ASP A 127 2.73 22.38 -1.40
N GLY A 128 3.12 22.51 -2.67
CA GLY A 128 2.40 21.89 -3.76
C GLY A 128 2.40 20.37 -3.59
N ILE A 129 3.48 19.83 -3.03
CA ILE A 129 3.62 18.38 -2.83
C ILE A 129 2.98 17.94 -1.52
N ILE A 130 2.79 18.89 -0.61
CA ILE A 130 2.19 18.60 0.68
C ILE A 130 0.73 18.18 0.48
N ALA A 131 0.03 18.90 -0.39
CA ALA A 131 -1.38 18.59 -0.65
C ALA A 131 -1.52 17.28 -1.39
N ILE A 132 -0.58 17.02 -2.30
CA ILE A 132 -0.62 15.80 -3.10
C ILE A 132 -0.79 14.58 -2.19
N ALA A 133 -0.36 14.71 -0.94
CA ALA A 133 -0.46 13.63 0.02
C ALA A 133 -1.91 13.43 0.46
N GLN A 134 -2.52 14.51 0.93
CA GLN A 134 -3.89 14.45 1.40
C GLN A 134 -4.80 13.85 0.33
N ALA A 135 -4.43 14.04 -0.93
CA ALA A 135 -5.22 13.50 -2.03
C ALA A 135 -5.31 11.98 -1.93
N MET A 136 -4.16 11.34 -1.72
CA MET A 136 -4.11 9.89 -1.61
C MET A 136 -4.78 9.43 -0.33
N GLU A 137 -4.64 10.22 0.73
CA GLU A 137 -5.23 9.87 2.03
C GLU A 137 -6.73 9.66 1.89
N ASP A 138 -7.38 10.49 1.08
CA ASP A 138 -8.82 10.37 0.88
C ASP A 138 -9.16 9.13 0.06
N LYS A 139 -8.27 8.77 -0.87
CA LYS A 139 -8.51 7.62 -1.74
C LYS A 139 -8.25 6.30 -1.02
N LEU A 140 -7.00 6.11 -0.60
CA LEU A 140 -6.63 4.90 0.09
C LEU A 140 -7.62 4.58 1.22
N ASN A 141 -8.21 5.65 1.76
CA ASN A 141 -9.19 5.49 2.84
C ASN A 141 -10.46 4.82 2.33
N ASN A 142 -10.81 5.11 1.09
CA ASN A 142 -12.00 4.54 0.49
C ASN A 142 -11.84 3.04 0.31
N VAL A 143 -10.82 2.63 -0.44
CA VAL A 143 -10.59 1.21 -0.69
C VAL A 143 -10.34 0.49 0.62
N ASN A 144 -9.69 1.16 1.55
CA ASN A 144 -9.39 0.57 2.85
C ASN A 144 -10.68 0.24 3.58
N LYS A 145 -11.65 1.13 3.47
CA LYS A 145 -12.92 0.94 4.15
C LYS A 145 -13.64 -0.30 3.62
N LYS A 146 -13.56 -0.52 2.31
CA LYS A 146 -14.22 -1.65 1.68
C LYS A 146 -13.42 -2.94 1.86
N GLN A 147 -12.13 -2.80 2.15
CA GLN A 147 -11.27 -3.96 2.35
C GLN A 147 -11.65 -4.68 3.64
N HIS A 148 -11.65 -3.95 4.74
CA HIS A 148 -11.99 -4.53 6.03
C HIS A 148 -13.43 -5.04 6.02
N ASP A 149 -14.26 -4.46 5.15
CA ASP A 149 -15.65 -4.87 5.06
C ASP A 149 -15.75 -6.27 4.45
N ALA A 150 -14.71 -6.67 3.73
CA ALA A 150 -14.70 -7.98 3.09
C ALA A 150 -14.69 -9.09 4.14
N LEU A 151 -13.96 -8.86 5.23
CA LEU A 151 -13.87 -9.85 6.30
C LEU A 151 -15.19 -10.00 7.02
N LYS A 152 -16.06 -9.00 6.86
CA LYS A 152 -17.37 -9.03 7.50
C LYS A 152 -18.31 -9.95 6.73
N ASN A 153 -17.99 -10.20 5.47
CA ASN A 153 -18.81 -11.08 4.64
C ASN A 153 -18.59 -12.54 5.03
N LEU A 154 -17.45 -12.83 5.67
CA LEU A 154 -17.13 -14.20 6.08
C LEU A 154 -17.75 -14.50 7.44
N LYS A 155 -18.33 -13.49 8.07
CA LYS A 155 -18.96 -13.65 9.38
C LYS A 155 -20.39 -14.17 9.23
N GLU A 156 -21.16 -13.51 8.36
CA GLU A 156 -22.54 -13.89 8.14
C GLU A 156 -22.60 -15.25 7.45
N LYS A 157 -21.65 -15.50 6.57
CA LYS A 157 -21.62 -16.77 5.84
C LYS A 157 -21.44 -17.94 6.79
N ALA A 158 -20.52 -17.78 7.72
CA ALA A 158 -20.24 -18.82 8.70
C ALA A 158 -21.34 -18.84 9.75
N LYS A 159 -21.76 -20.04 10.15
CA LYS A 159 -22.81 -20.20 11.15
C LYS A 159 -22.24 -19.93 12.54
N THR A 160 -20.91 -19.87 12.63
CA THR A 160 -20.25 -19.62 13.91
C THR A 160 -20.69 -20.64 14.95
N ALA A 161 -21.31 -21.73 14.48
CA ALA A 161 -21.77 -22.78 15.37
C ALA A 161 -20.60 -23.41 16.10
N THR A 162 -19.41 -23.31 15.51
CA THR A 162 -18.22 -23.89 16.13
C THR A 162 -17.84 -23.10 17.38
N THR A 163 -16.95 -23.68 18.18
CA THR A 163 -16.50 -23.03 19.41
C THR A 163 -15.59 -21.85 19.08
N THR A 164 -15.60 -20.84 19.96
CA THR A 164 -14.78 -19.66 19.75
C THR A 164 -14.95 -19.11 18.34
N GLY A 1 22.05 -14.11 0.55
CA GLY A 1 20.90 -14.49 1.43
C GLY A 1 19.88 -13.37 1.44
N LEU A 2 19.31 -13.12 2.60
CA LEU A 2 18.30 -12.07 2.75
C LEU A 2 18.95 -10.70 2.61
N THR A 3 18.20 -9.75 2.05
CA THR A 3 18.70 -8.41 1.85
C THR A 3 18.90 -7.72 3.19
N GLY A 4 19.89 -6.83 3.26
CA GLY A 4 20.20 -6.10 4.50
C GLY A 4 20.18 -4.60 4.25
N GLU A 5 19.26 -3.91 4.91
CA GLU A 5 19.14 -2.45 4.77
C GLU A 5 19.95 -1.74 5.86
N THR A 6 20.35 -2.51 6.86
CA THR A 6 21.14 -1.95 7.97
C THR A 6 22.59 -1.77 7.56
N LYS A 7 23.09 -2.70 6.76
CA LYS A 7 24.46 -2.62 6.29
C LYS A 7 24.67 -1.40 5.40
N ILE A 8 23.56 -0.85 4.87
CA ILE A 8 23.64 0.30 3.99
C ILE A 8 23.63 1.58 4.79
N ARG A 9 22.50 1.86 5.45
CA ARG A 9 22.37 3.06 6.24
C ARG A 9 22.79 4.28 5.45
N LEU A 10 22.04 4.58 4.40
CA LEU A 10 22.35 5.72 3.56
C LEU A 10 21.08 6.48 3.19
N GLU A 11 20.17 5.81 2.50
CA GLU A 11 18.90 6.42 2.08
C GLU A 11 17.73 5.56 2.52
N SER A 12 17.86 4.95 3.70
CA SER A 12 16.80 4.11 4.24
C SER A 12 15.49 4.89 4.29
N SER A 13 14.43 4.30 3.74
CA SER A 13 13.11 4.96 3.74
C SER A 13 12.11 4.12 2.96
N ALA A 14 12.07 4.32 1.65
CA ALA A 14 11.14 3.58 0.79
C ALA A 14 11.52 2.11 0.74
N GLN A 15 12.77 1.81 1.09
CA GLN A 15 13.26 0.44 1.06
C GLN A 15 12.68 -0.36 2.24
N GLU A 16 12.36 0.35 3.32
CA GLU A 16 11.82 -0.32 4.50
C GLU A 16 10.40 -0.82 4.22
N ILE A 17 9.48 0.13 4.06
CA ILE A 17 8.09 -0.23 3.81
C ILE A 17 7.99 -1.31 2.72
N LYS A 18 9.00 -1.34 1.87
CA LYS A 18 9.02 -2.30 0.78
C LYS A 18 9.08 -3.73 1.32
N ASP A 19 9.96 -3.95 2.30
CA ASP A 19 10.10 -5.28 2.90
C ASP A 19 8.95 -5.57 3.85
N GLU A 20 8.31 -4.51 4.33
CA GLU A 20 7.19 -4.68 5.27
C GLU A 20 5.99 -5.31 4.59
N ILE A 21 5.62 -4.77 3.42
CA ILE A 21 4.49 -5.29 2.68
C ILE A 21 4.76 -6.71 2.20
N ASN A 22 5.99 -6.94 1.75
CA ASN A 22 6.38 -8.26 1.26
C ASN A 22 6.13 -9.31 2.35
N LYS A 23 5.90 -8.85 3.56
CA LYS A 23 5.68 -9.76 4.67
C LYS A 23 4.47 -10.66 4.41
N ILE A 24 3.40 -10.07 3.90
CA ILE A 24 2.19 -10.84 3.62
C ILE A 24 2.48 -11.98 2.65
N LYS A 25 3.50 -11.80 1.80
CA LYS A 25 3.87 -12.82 0.83
C LYS A 25 4.44 -14.04 1.55
N ALA A 26 5.33 -13.80 2.50
CA ALA A 26 5.96 -14.89 3.25
C ALA A 26 4.93 -15.59 4.15
N ASN A 27 4.17 -14.79 4.89
CA ASN A 27 3.17 -15.33 5.80
C ASN A 27 2.24 -16.25 5.04
N ALA A 28 2.04 -15.93 3.76
CA ALA A 28 1.16 -16.75 2.93
C ALA A 28 1.73 -18.15 2.75
N LYS A 29 3.04 -18.24 2.72
CA LYS A 29 3.71 -19.52 2.53
C LYS A 29 3.39 -20.47 3.67
N LYS A 30 3.32 -19.93 4.87
CA LYS A 30 3.02 -20.74 6.06
C LYS A 30 1.56 -21.18 6.05
N GLU A 31 0.71 -20.41 5.39
CA GLU A 31 -0.71 -20.75 5.33
C GLU A 31 -0.95 -22.00 4.52
N GLY A 32 0.12 -22.54 3.91
CA GLY A 32 -0.01 -23.76 3.11
C GLY A 32 -0.91 -23.53 1.89
N VAL A 33 -1.84 -22.59 2.00
CA VAL A 33 -2.78 -22.30 0.94
C VAL A 33 -2.05 -22.20 -0.41
N LYS A 34 -2.77 -22.42 -1.48
CA LYS A 34 -2.17 -22.34 -2.81
C LYS A 34 -1.95 -20.90 -3.19
N PHE A 35 -0.71 -20.43 -3.02
CA PHE A 35 -0.36 -19.06 -3.33
C PHE A 35 -0.65 -18.76 -4.81
N GLU A 36 -0.21 -19.66 -5.68
CA GLU A 36 -0.41 -19.49 -7.11
C GLU A 36 -1.87 -19.20 -7.42
N ALA A 37 -2.75 -19.80 -6.64
CA ALA A 37 -4.18 -19.59 -6.82
C ALA A 37 -4.54 -18.15 -6.51
N PHE A 38 -3.73 -17.49 -5.71
CA PHE A 38 -4.01 -16.10 -5.34
C PHE A 38 -4.39 -15.27 -6.56
N THR A 39 -3.97 -15.74 -7.73
CA THR A 39 -4.28 -15.04 -8.98
C THR A 39 -5.63 -15.45 -9.54
N ASN A 40 -5.83 -16.75 -9.72
CA ASN A 40 -7.08 -17.28 -10.27
C ASN A 40 -8.12 -17.49 -9.18
N THR A 41 -7.69 -17.31 -7.94
CA THR A 41 -8.58 -17.50 -6.81
C THR A 41 -9.70 -16.49 -6.83
N GLN A 42 -9.50 -15.40 -7.58
CA GLN A 42 -10.51 -14.35 -7.67
C GLN A 42 -11.91 -14.94 -7.81
N THR A 43 -12.08 -15.77 -8.82
CA THR A 43 -13.36 -16.44 -9.05
C THR A 43 -13.57 -17.55 -8.01
N GLY A 44 -12.52 -18.32 -7.76
CA GLY A 44 -12.60 -19.41 -6.80
C GLY A 44 -13.03 -18.90 -5.43
N SER A 45 -12.83 -17.61 -5.19
CA SER A 45 -13.22 -17.00 -3.91
C SER A 45 -14.65 -17.38 -3.56
N LYS A 46 -15.47 -17.57 -4.57
CA LYS A 46 -16.86 -17.94 -4.35
C LYS A 46 -16.95 -19.30 -3.65
N ILE A 47 -16.15 -20.23 -4.13
CA ILE A 47 -16.17 -21.60 -3.59
C ILE A 47 -15.29 -21.70 -2.35
N SER A 48 -14.44 -20.70 -2.17
CA SER A 48 -13.54 -20.68 -1.03
C SER A 48 -14.32 -20.73 0.26
N GLU A 49 -15.43 -20.00 0.30
CA GLU A 49 -16.28 -19.95 1.49
C GLU A 49 -15.51 -19.44 2.70
N LYS A 50 -14.26 -19.06 2.47
CA LYS A 50 -13.42 -18.53 3.54
C LYS A 50 -12.06 -18.10 2.99
N PRO A 51 -12.03 -17.19 2.06
CA PRO A 51 -10.78 -16.67 1.45
C PRO A 51 -10.09 -15.67 2.36
N GLU A 52 -10.38 -15.76 3.67
CA GLU A 52 -9.80 -14.84 4.63
C GLU A 52 -8.31 -14.61 4.34
N PHE A 53 -7.71 -15.56 3.63
CA PHE A 53 -6.30 -15.43 3.27
C PHE A 53 -6.06 -14.26 2.31
N ILE A 54 -6.87 -14.22 1.25
CA ILE A 54 -6.72 -13.17 0.25
C ILE A 54 -7.16 -11.84 0.82
N LEU A 55 -8.27 -11.87 1.54
CA LEU A 55 -8.81 -10.66 2.14
C LEU A 55 -7.87 -10.13 3.20
N LYS A 56 -7.32 -11.01 4.00
CA LYS A 56 -6.41 -10.61 5.06
C LYS A 56 -5.21 -9.87 4.49
N ALA A 57 -4.70 -10.37 3.36
CA ALA A 57 -3.55 -9.75 2.72
C ALA A 57 -3.95 -8.49 1.99
N LYS A 58 -5.24 -8.28 1.85
CA LYS A 58 -5.76 -7.08 1.16
C LYS A 58 -6.02 -5.96 2.15
N ILE A 59 -6.57 -6.31 3.30
CA ILE A 59 -6.87 -5.31 4.32
C ILE A 59 -5.58 -4.85 4.99
N LYS A 60 -4.73 -5.79 5.34
CA LYS A 60 -3.48 -5.48 5.99
C LYS A 60 -2.56 -4.71 5.05
N ALA A 61 -2.91 -4.73 3.76
CA ALA A 61 -2.11 -4.03 2.76
C ALA A 61 -2.46 -2.55 2.70
N ILE A 62 -3.76 -2.27 2.71
CA ILE A 62 -4.23 -0.89 2.66
C ILE A 62 -3.91 -0.16 3.97
N GLN A 63 -3.93 -0.90 5.08
CA GLN A 63 -3.63 -0.30 6.36
C GLN A 63 -2.20 0.24 6.38
N VAL A 64 -1.25 -0.62 6.04
CA VAL A 64 0.15 -0.23 6.02
C VAL A 64 0.38 0.82 4.93
N ALA A 65 -0.48 0.82 3.92
CA ALA A 65 -0.35 1.78 2.83
C ALA A 65 -0.47 3.21 3.37
N GLU A 66 -1.34 3.38 4.35
CA GLU A 66 -1.54 4.69 4.95
C GLU A 66 -0.20 5.30 5.35
N ARG A 67 0.81 4.45 5.50
CA ARG A 67 2.14 4.92 5.87
C ARG A 67 2.92 5.39 4.65
N PHE A 68 2.48 4.96 3.48
CA PHE A 68 3.16 5.33 2.25
C PHE A 68 2.91 6.79 1.89
N VAL A 69 1.67 7.23 2.05
CA VAL A 69 1.31 8.62 1.71
C VAL A 69 1.81 9.59 2.77
N LYS A 70 2.06 9.08 3.97
CA LYS A 70 2.56 9.92 5.07
C LYS A 70 3.99 10.35 4.81
N ALA A 71 4.75 9.49 4.17
CA ALA A 71 6.16 9.80 3.87
C ALA A 71 6.24 10.96 2.88
N ILE A 72 5.26 11.03 2.00
CA ILE A 72 5.24 12.09 0.99
C ILE A 72 5.15 13.45 1.66
N LYS A 73 4.30 13.56 2.68
CA LYS A 73 4.12 14.81 3.37
C LYS A 73 5.41 15.24 4.05
N GLU A 74 6.08 14.30 4.70
CA GLU A 74 7.32 14.62 5.39
C GLU A 74 8.37 15.11 4.40
N GLU A 75 8.63 14.31 3.37
CA GLU A 75 9.62 14.68 2.36
C GLU A 75 9.29 16.04 1.76
N ALA A 76 8.02 16.32 1.58
CA ALA A 76 7.60 17.59 1.01
C ALA A 76 7.99 18.76 1.92
N GLU A 77 7.76 18.57 3.22
CA GLU A 77 8.08 19.63 4.17
C GLU A 77 9.56 19.96 4.13
N LYS A 78 10.37 18.99 3.74
CA LYS A 78 11.81 19.17 3.69
C LYS A 78 12.20 19.72 2.35
N LEU A 79 11.33 19.56 1.37
CA LEU A 79 11.61 20.04 0.03
C LEU A 79 11.62 21.54 0.00
N LYS A 80 10.99 22.18 0.98
CA LYS A 80 10.89 23.64 1.03
C LYS A 80 12.12 24.31 0.47
N LYS A 81 12.12 24.43 -0.87
CA LYS A 81 13.22 25.08 -1.57
C LYS A 81 14.56 24.47 -1.16
N SER A 82 14.51 23.47 -0.28
CA SER A 82 15.70 22.87 0.22
C SER A 82 16.60 22.39 -0.91
N GLY A 83 15.99 22.20 -2.07
CA GLY A 83 16.72 21.73 -3.24
C GLY A 83 15.94 22.01 -4.52
N SER A 84 14.93 22.89 -4.42
CA SER A 84 14.12 23.24 -5.58
C SER A 84 13.59 21.99 -6.26
N SER A 85 13.26 22.11 -7.53
CA SER A 85 12.72 20.98 -8.29
C SER A 85 13.77 19.88 -8.43
N GLY A 86 15.02 20.23 -8.17
CA GLY A 86 16.11 19.26 -8.28
C GLY A 86 15.90 18.08 -7.34
N ALA A 87 15.81 18.38 -6.05
CA ALA A 87 15.60 17.33 -5.05
C ALA A 87 14.30 16.59 -5.31
N PHE A 88 13.30 17.32 -5.78
CA PHE A 88 12.01 16.71 -6.07
C PHE A 88 12.16 15.60 -7.10
N SER A 89 12.86 15.90 -8.18
CA SER A 89 13.04 14.92 -9.25
C SER A 89 13.59 13.62 -8.69
N ALA A 90 14.60 13.72 -7.83
CA ALA A 90 15.20 12.53 -7.24
C ALA A 90 14.20 11.79 -6.34
N MET A 91 13.59 12.52 -5.42
CA MET A 91 12.63 11.92 -4.49
C MET A 91 11.37 11.46 -5.22
N TYR A 92 10.89 12.30 -6.12
CA TYR A 92 9.67 11.99 -6.88
C TYR A 92 9.91 10.81 -7.82
N ASP A 93 11.03 10.85 -8.54
CA ASP A 93 11.36 9.78 -9.49
C ASP A 93 11.08 8.41 -8.88
N LEU A 94 11.34 8.27 -7.59
CA LEU A 94 11.14 7.01 -6.91
C LEU A 94 9.67 6.64 -6.90
N MET A 95 8.83 7.63 -6.65
CA MET A 95 7.40 7.41 -6.60
C MET A 95 6.92 6.57 -7.78
N ILE A 96 7.77 6.46 -8.81
CA ILE A 96 7.46 5.68 -10.01
C ILE A 96 8.23 4.37 -10.02
N ASP A 97 9.52 4.44 -9.73
CA ASP A 97 10.36 3.24 -9.72
C ASP A 97 9.89 2.27 -8.65
N VAL A 98 9.36 2.80 -7.56
CA VAL A 98 8.88 1.96 -6.46
C VAL A 98 7.46 1.49 -6.72
N SER A 99 6.77 2.18 -7.64
CA SER A 99 5.38 1.83 -7.97
C SER A 99 5.33 0.57 -8.82
N LYS A 100 6.41 0.30 -9.54
CA LYS A 100 6.46 -0.89 -10.38
C LYS A 100 6.42 -2.16 -9.53
N PRO A 101 7.38 -2.35 -8.64
CA PRO A 101 7.43 -3.55 -7.77
C PRO A 101 6.24 -3.62 -6.85
N LEU A 102 5.91 -2.48 -6.25
CA LEU A 102 4.79 -2.43 -5.31
C LEU A 102 3.59 -3.18 -5.89
N GLU A 103 3.53 -3.28 -7.20
CA GLU A 103 2.43 -4.00 -7.84
C GLU A 103 2.21 -5.37 -7.20
N GLU A 104 3.16 -5.79 -6.38
CA GLU A 104 3.08 -7.07 -5.70
C GLU A 104 1.97 -7.08 -4.66
N ILE A 105 1.49 -5.90 -4.29
CA ILE A 105 0.42 -5.78 -3.28
C ILE A 105 -0.85 -5.21 -3.93
N GLY A 106 -0.75 -4.81 -5.17
CA GLY A 106 -1.91 -4.27 -5.85
C GLY A 106 -2.36 -2.92 -5.30
N ILE A 107 -1.41 -1.97 -5.18
CA ILE A 107 -1.70 -0.62 -4.70
C ILE A 107 -1.29 0.39 -5.78
N GLN A 108 -0.76 -0.08 -6.88
CA GLN A 108 -0.36 0.82 -7.94
C GLN A 108 -1.54 1.74 -8.37
N LYS A 109 -2.61 1.80 -7.57
CA LYS A 109 -3.75 2.64 -7.85
C LYS A 109 -3.57 4.00 -7.18
N MET A 110 -3.42 3.99 -5.86
CA MET A 110 -3.25 5.26 -5.12
C MET A 110 -2.06 6.04 -5.68
N THR A 111 -0.97 5.34 -5.88
CA THR A 111 0.22 5.97 -6.42
C THR A 111 -0.02 6.42 -7.86
N GLY A 112 -1.00 5.80 -8.50
CA GLY A 112 -1.33 6.14 -9.88
C GLY A 112 -2.03 7.50 -9.95
N THR A 113 -2.83 7.80 -8.94
CA THR A 113 -3.56 9.07 -8.88
C THR A 113 -2.60 10.23 -8.74
N VAL A 114 -1.40 9.95 -8.24
CA VAL A 114 -0.40 10.99 -8.04
C VAL A 114 -0.08 11.68 -9.36
N LYS A 115 0.07 10.90 -10.43
CA LYS A 115 0.40 11.46 -11.73
C LYS A 115 -0.64 12.50 -12.13
N GLU A 116 -1.91 12.12 -12.00
CA GLU A 116 -2.98 13.03 -12.35
C GLU A 116 -3.00 14.23 -11.40
N ALA A 117 -2.73 13.95 -10.13
CA ALA A 117 -2.74 15.01 -9.12
C ALA A 117 -1.65 16.04 -9.42
N ALA A 118 -0.57 15.59 -10.06
CA ALA A 118 0.54 16.47 -10.40
C ALA A 118 0.15 17.40 -11.54
N GLN A 119 -1.08 17.27 -12.02
CA GLN A 119 -1.56 18.10 -13.12
C GLN A 119 -2.32 19.32 -12.59
N LYS A 120 -2.93 19.16 -11.41
CA LYS A 120 -3.70 20.24 -10.79
C LYS A 120 -2.94 20.84 -9.65
N THR A 121 -2.29 20.00 -8.84
CA THR A 121 -1.52 20.46 -7.69
C THR A 121 -0.04 20.55 -8.05
N PRO A 122 0.55 21.73 -8.05
CA PRO A 122 2.00 21.90 -8.37
C PRO A 122 2.87 20.95 -7.55
N ALA A 123 3.86 20.34 -8.22
CA ALA A 123 4.79 19.41 -7.57
C ALA A 123 6.18 20.02 -7.50
N THR A 124 6.27 21.34 -7.60
CA THR A 124 7.56 22.03 -7.55
C THR A 124 7.76 22.70 -6.21
N THR A 125 6.99 22.27 -5.22
CA THR A 125 7.12 22.85 -3.87
C THR A 125 6.60 21.88 -2.82
N ALA A 126 6.70 22.26 -1.55
CA ALA A 126 6.24 21.41 -0.47
C ALA A 126 4.72 21.44 -0.36
N ASP A 127 4.16 22.61 -0.04
CA ASP A 127 2.71 22.76 0.11
C ASP A 127 1.96 22.12 -1.05
N GLY A 128 2.48 22.29 -2.25
CA GLY A 128 1.85 21.73 -3.43
C GLY A 128 1.78 20.23 -3.34
N ILE A 129 2.73 19.63 -2.64
CA ILE A 129 2.77 18.17 -2.49
C ILE A 129 1.99 17.71 -1.26
N ILE A 130 1.74 18.64 -0.37
CA ILE A 130 0.99 18.32 0.84
C ILE A 130 -0.43 17.91 0.50
N ALA A 131 -1.00 18.57 -0.50
CA ALA A 131 -2.37 18.29 -0.92
C ALA A 131 -2.43 16.94 -1.63
N ILE A 132 -1.39 16.65 -2.39
CA ILE A 132 -1.35 15.40 -3.14
C ILE A 132 -1.53 14.20 -2.19
N ALA A 133 -0.95 14.32 -1.00
CA ALA A 133 -1.05 13.25 -0.01
C ALA A 133 -2.49 13.05 0.44
N GLN A 134 -3.26 14.13 0.45
CA GLN A 134 -4.65 14.07 0.85
C GLN A 134 -5.49 13.31 -0.17
N ALA A 135 -5.21 13.54 -1.45
CA ALA A 135 -5.94 12.87 -2.51
C ALA A 135 -5.87 11.36 -2.35
N MET A 136 -4.66 10.84 -2.15
CA MET A 136 -4.47 9.42 -1.99
C MET A 136 -5.09 8.94 -0.68
N GLU A 137 -4.95 9.77 0.36
CA GLU A 137 -5.50 9.40 1.67
C GLU A 137 -7.01 9.21 1.58
N ASP A 138 -7.67 10.09 0.85
CA ASP A 138 -9.11 10.00 0.70
C ASP A 138 -9.50 8.71 0.01
N LYS A 139 -8.65 8.25 -0.89
CA LYS A 139 -8.93 7.02 -1.62
C LYS A 139 -8.83 5.81 -0.71
N LEU A 140 -7.80 5.80 0.12
CA LEU A 140 -7.59 4.68 1.04
C LEU A 140 -8.81 4.49 1.93
N ASN A 141 -9.49 5.58 2.20
CA ASN A 141 -10.70 5.53 3.04
C ASN A 141 -11.91 5.09 2.23
N ASN A 142 -11.78 5.14 0.90
CA ASN A 142 -12.87 4.73 0.00
C ASN A 142 -12.79 3.25 -0.32
N VAL A 143 -11.60 2.78 -0.69
CA VAL A 143 -11.40 1.38 -1.03
C VAL A 143 -11.58 0.48 0.19
N ASN A 144 -11.01 0.92 1.32
CA ASN A 144 -11.11 0.15 2.55
C ASN A 144 -12.56 -0.18 2.87
N LYS A 145 -13.47 0.57 2.25
CA LYS A 145 -14.89 0.37 2.50
C LYS A 145 -15.37 -0.97 1.98
N LYS A 146 -15.24 -1.15 0.67
CA LYS A 146 -15.68 -2.38 0.03
C LYS A 146 -14.88 -3.57 0.55
N GLN A 147 -13.67 -3.32 1.03
CA GLN A 147 -12.82 -4.37 1.55
C GLN A 147 -13.39 -4.93 2.85
N HIS A 148 -13.82 -4.04 3.73
CA HIS A 148 -14.39 -4.45 5.02
C HIS A 148 -15.77 -5.06 4.81
N ASP A 149 -16.48 -4.57 3.80
CA ASP A 149 -17.83 -5.07 3.53
C ASP A 149 -17.80 -6.59 3.36
N ALA A 150 -16.83 -7.08 2.57
CA ALA A 150 -16.71 -8.50 2.34
C ALA A 150 -16.25 -9.20 3.62
N LEU A 151 -15.37 -8.54 4.36
CA LEU A 151 -14.87 -9.13 5.58
C LEU A 151 -16.01 -9.40 6.56
N LYS A 152 -16.79 -8.38 6.81
CA LYS A 152 -17.89 -8.51 7.75
C LYS A 152 -18.82 -9.61 7.32
N ASN A 153 -19.01 -9.74 6.02
CA ASN A 153 -19.88 -10.77 5.50
C ASN A 153 -19.30 -12.15 5.77
N LEU A 154 -18.07 -12.37 5.31
CA LEU A 154 -17.41 -13.66 5.50
C LEU A 154 -17.31 -13.99 6.98
N LYS A 155 -17.21 -12.95 7.79
CA LYS A 155 -17.11 -13.14 9.24
C LYS A 155 -18.36 -13.84 9.78
N GLU A 156 -19.52 -13.43 9.29
CA GLU A 156 -20.77 -14.02 9.74
C GLU A 156 -20.86 -15.48 9.30
N LYS A 157 -20.50 -15.72 8.04
CA LYS A 157 -20.55 -17.07 7.50
C LYS A 157 -19.57 -17.98 8.21
N ALA A 158 -18.41 -17.42 8.52
CA ALA A 158 -17.37 -18.18 9.22
C ALA A 158 -17.73 -18.34 10.69
N LYS A 159 -17.20 -19.39 11.32
CA LYS A 159 -17.46 -19.63 12.73
C LYS A 159 -16.72 -18.64 13.60
N THR A 160 -17.42 -18.08 14.58
CA THR A 160 -16.82 -17.09 15.50
C THR A 160 -16.57 -17.71 16.87
N ALA A 161 -15.97 -18.91 16.86
CA ALA A 161 -15.68 -19.61 18.12
C ALA A 161 -14.57 -18.88 18.88
N THR A 162 -13.90 -17.95 18.21
CA THR A 162 -12.83 -17.18 18.83
C THR A 162 -13.36 -16.40 20.01
N THR A 163 -12.58 -16.35 21.09
CA THR A 163 -12.97 -15.63 22.31
C THR A 163 -11.78 -14.88 22.90
N THR A 164 -10.57 -15.25 22.46
CA THR A 164 -9.37 -14.61 22.96
C THR A 164 -9.34 -13.13 22.54
#